data_9UJD
#
_entry.id   9UJD
#
_cell.length_a   237.198
_cell.length_b   237.198
_cell.length_c   237.198
_cell.angle_alpha   90.000
_cell.angle_beta   90.000
_cell.angle_gamma   90.000
#
_symmetry.space_group_name_H-M   'I 2 3'
#
loop_
_entity.id
_entity.type
_entity.pdbx_description
1 polymer 'Branched-chain amino acid aminotransferase'
2 polymer 'Branched-chain amino acid aminotransferase'
3 non-polymer "PYRIDOXAL-5'-PHOSPHATE"
4 water water
#
loop_
_entity_poly.entity_id
_entity_poly.type
_entity_poly.pdbx_seq_one_letter_code
_entity_poly.pdbx_strand_id
1 'polypeptide(L)'
;MTLADSGTDFSTSNLVAVEPGAIREDTPPGSVIQYSDYELDTSSPYAGGAAWIEGEYVPASEARISIFDTGFGHSDLTYT
VAHVWHGNIFRLADHIERLLDGARKLRLASPYDETEIAEIAKRCVGLSQLREAYVNITLTRGYGKRKGEKDLSKLTSQIY
VYAIPYLWAFPPYEQIFGTSAVVPRHVQRAGRNTIDPTI(LLP)NYQWGDLTAASFEAKDRGARTGILLDADGCVAEGPG
FNVVVVKDGALASPSRNALPGITRKTVFEIAHARGISAELRDVTSRELYDADELMAVTTAGGVTPITSLDGAAVGDGEPG
PITVAIRDRFWALMDEPSDLIDTIRYDVDRLE
;
A
2 'polypeptide(L)'
;MTLADSGTDFSTSNLVAVEPGAIREDTPPGSVIQYSDYELDTSSPYAGGAAWIEGEYVPASEARISIFDTGFGHSDLTYT
VAHVWHGNIFRLADHIERLLDGARKLRLASPYDETEIAEIAKRCVGLSQLREAYVNITLTRGYGKRKGEKDLSKLTSQIY
VYAIPYLWAFPPYEQIFGTSAVVPRHVQRAGRNTIDPTIKNYQWGDLTAASFEAKDRGARTGILLDADGCVAEGPGFNVV
VVKDGALASPSRNALPGITRKTVFEIAHARGISAELRDVTSRELYDADELMAVTTAGGVTPITSLDGAAVGDGEPGPITV
AIRDRFWALMDEPSDLIDTIRYDVDRLE
;
B,C,D
#
# COMPACT_ATOMS: atom_id res chain seq x y z
N GLY A 21 36.02 27.62 0.25
CA GLY A 21 35.63 26.30 0.73
C GLY A 21 36.76 25.52 1.39
N ALA A 22 36.45 24.33 1.89
CA ALA A 22 37.43 23.44 2.50
C ALA A 22 37.51 22.17 1.66
N ILE A 23 38.66 22.00 1.00
CA ILE A 23 38.90 20.83 0.17
C ILE A 23 38.98 19.54 0.99
N ARG A 24 39.11 19.61 2.32
CA ARG A 24 39.33 18.39 3.08
C ARG A 24 38.73 18.54 4.47
N GLU A 25 38.78 17.44 5.19
CA GLU A 25 38.16 17.27 6.50
C GLU A 25 39.00 16.24 7.25
N ASP A 26 38.82 16.17 8.57
CA ASP A 26 39.61 15.20 9.32
C ASP A 26 39.06 13.79 9.12
N THR A 27 39.97 12.83 8.95
CA THR A 27 39.76 11.41 8.70
C THR A 27 40.53 10.63 9.74
N PRO A 28 40.06 9.46 10.13
CA PRO A 28 40.77 8.69 11.20
C PRO A 28 42.16 8.28 10.75
N PRO A 29 43.15 8.33 11.66
CA PRO A 29 44.55 8.07 11.27
C PRO A 29 44.86 6.67 10.77
N GLY A 30 44.40 5.62 11.46
CA GLY A 30 44.60 4.29 10.88
C GLY A 30 43.80 4.04 9.61
N SER A 31 42.67 4.75 9.45
CA SER A 31 41.66 4.53 8.41
C SER A 31 42.23 4.45 6.99
N VAL A 32 41.55 3.63 6.16
CA VAL A 32 41.78 3.59 4.72
C VAL A 32 41.38 4.90 4.02
N ILE A 33 40.62 5.76 4.68
CA ILE A 33 40.15 7.01 4.08
C ILE A 33 41.12 8.12 4.45
N GLN A 34 41.86 8.62 3.48
CA GLN A 34 42.72 9.77 3.72
C GLN A 34 42.58 10.70 2.54
N TYR A 35 42.38 11.98 2.83
CA TYR A 35 42.33 12.94 1.76
C TYR A 35 43.71 13.08 1.14
N SER A 36 43.72 13.52 -0.10
CA SER A 36 44.99 13.84 -0.73
C SER A 36 45.34 15.27 -0.35
N ASP A 37 46.55 15.53 0.18
CA ASP A 37 46.95 16.90 0.47
C ASP A 37 47.65 17.52 -0.73
N TYR A 38 47.13 18.68 -1.11
CA TYR A 38 47.54 19.56 -2.17
C TYR A 38 47.03 20.92 -1.75
N GLU A 39 47.32 21.95 -2.54
CA GLU A 39 46.65 23.19 -2.27
C GLU A 39 46.09 23.78 -3.55
N LEU A 40 44.96 24.44 -3.38
CA LEU A 40 44.25 25.07 -4.48
C LEU A 40 44.99 26.32 -4.92
N ASP A 41 45.17 26.46 -6.23
CA ASP A 41 45.76 27.66 -6.79
C ASP A 41 44.66 28.72 -6.88
N THR A 42 44.77 29.74 -6.01
CA THR A 42 43.71 30.71 -5.79
C THR A 42 43.51 31.66 -6.96
N SER A 43 44.35 31.57 -7.99
CA SER A 43 44.21 32.47 -9.12
C SER A 43 42.91 32.23 -9.86
N SER A 44 42.60 30.97 -10.14
CA SER A 44 41.47 30.64 -11.00
C SER A 44 40.15 30.84 -10.27
N PRO A 45 39.13 31.39 -10.93
CA PRO A 45 37.80 31.48 -10.30
C PRO A 45 37.16 30.11 -10.08
N TYR A 46 37.33 29.18 -11.01
CA TYR A 46 36.78 27.84 -10.93
C TYR A 46 37.38 27.01 -9.81
N ALA A 47 38.51 27.41 -9.26
CA ALA A 47 39.16 26.61 -8.25
C ALA A 47 38.24 26.43 -7.06
N GLY A 48 38.02 25.16 -6.69
CA GLY A 48 37.18 24.78 -5.58
C GLY A 48 35.72 24.55 -5.91
N GLY A 49 35.24 24.98 -7.08
CA GLY A 49 33.90 24.65 -7.51
C GLY A 49 33.68 24.94 -8.98
N ALA A 50 33.32 23.94 -9.77
CA ALA A 50 33.08 24.18 -11.19
C ALA A 50 31.71 23.63 -11.56
N ALA A 51 31.02 24.34 -12.46
CA ALA A 51 29.72 23.93 -12.92
C ALA A 51 29.59 24.23 -14.40
N TRP A 52 28.66 23.54 -15.04
CA TRP A 52 28.35 23.76 -16.43
C TRP A 52 26.84 23.90 -16.58
N ILE A 53 26.42 25.07 -17.08
CA ILE A 53 25.02 25.48 -17.20
C ILE A 53 24.82 26.19 -18.53
N GLU A 54 23.76 25.83 -19.26
CA GLU A 54 23.38 26.56 -20.48
C GLU A 54 24.57 26.71 -21.43
N GLY A 55 25.41 25.68 -21.52
CA GLY A 55 26.50 25.74 -22.47
C GLY A 55 27.76 26.45 -22.05
N GLU A 56 27.88 26.92 -20.82
CA GLU A 56 29.17 27.47 -20.41
C GLU A 56 29.56 26.99 -19.01
N TYR A 57 30.87 26.76 -18.83
CA TYR A 57 31.42 26.49 -17.51
C TYR A 57 31.47 27.78 -16.70
N VAL A 58 31.17 27.68 -15.40
CA VAL A 58 31.02 28.81 -14.49
C VAL A 58 31.47 28.38 -13.10
N PRO A 59 31.90 29.30 -12.25
CA PRO A 59 32.25 28.92 -10.88
C PRO A 59 31.00 28.48 -10.17
N ALA A 60 31.17 27.52 -9.25
CA ALA A 60 30.02 26.90 -8.60
C ALA A 60 29.19 27.91 -7.83
N SER A 61 29.85 28.78 -7.04
CA SER A 61 29.15 29.84 -6.32
C SER A 61 28.25 30.67 -7.24
N GLU A 62 28.57 30.73 -8.54
CA GLU A 62 27.78 31.49 -9.49
C GLU A 62 26.67 30.69 -10.16
N ALA A 63 26.59 29.38 -9.92
CA ALA A 63 25.65 28.52 -10.65
C ALA A 63 24.20 28.75 -10.25
N ARG A 64 23.34 28.97 -11.25
CA ARG A 64 21.91 29.20 -11.05
C ARG A 64 21.14 28.77 -12.30
N ILE A 65 19.86 28.46 -12.09
CA ILE A 65 18.97 28.02 -13.16
C ILE A 65 17.68 28.83 -13.13
N SER A 66 17.03 28.85 -14.28
CA SER A 66 15.74 29.52 -14.40
C SER A 66 14.69 28.84 -13.54
N ILE A 67 13.98 29.66 -12.75
CA ILE A 67 12.88 29.21 -11.90
C ILE A 67 11.88 28.39 -12.71
N PHE A 68 11.74 28.71 -13.99
CA PHE A 68 10.75 28.15 -14.88
C PHE A 68 11.16 26.81 -15.46
N ASP A 69 12.31 26.28 -15.09
CA ASP A 69 12.66 24.95 -15.56
C ASP A 69 11.71 23.95 -14.91
N THR A 70 11.01 23.16 -15.74
CA THR A 70 10.02 22.26 -15.20
C THR A 70 10.67 21.19 -14.32
N GLY A 71 12.00 21.09 -14.34
CA GLY A 71 12.70 20.26 -13.42
C GLY A 71 12.61 20.75 -12.00
N PHE A 72 12.24 22.01 -11.81
CA PHE A 72 11.98 22.53 -10.48
C PHE A 72 10.49 22.46 -10.15
N GLY A 73 9.64 23.10 -10.95
CA GLY A 73 8.20 23.10 -10.79
C GLY A 73 7.54 21.75 -10.66
N HIS A 74 8.03 20.75 -11.40
CA HIS A 74 7.48 19.42 -11.37
C HIS A 74 8.47 18.38 -10.89
N SER A 75 9.69 18.79 -10.54
CA SER A 75 10.83 17.89 -10.35
C SER A 75 10.88 16.83 -11.45
N ASP A 76 10.67 17.26 -12.71
CA ASP A 76 10.68 16.36 -13.85
C ASP A 76 12.13 16.14 -14.33
N LEU A 77 12.86 15.30 -13.59
CA LEU A 77 14.29 15.17 -13.85
C LEU A 77 14.78 13.81 -13.39
N THR A 78 15.97 13.45 -13.88
CA THR A 78 16.77 12.36 -13.34
C THR A 78 18.20 12.83 -13.13
N TYR A 79 18.87 12.25 -12.14
CA TYR A 79 20.23 12.66 -11.85
C TYR A 79 21.08 11.46 -11.49
N THR A 80 22.40 11.65 -11.60
CA THR A 80 23.37 10.72 -11.05
C THR A 80 24.53 11.48 -10.41
N VAL A 81 25.18 10.82 -9.45
CA VAL A 81 26.33 11.39 -8.75
C VAL A 81 27.52 10.45 -8.79
N ALA A 82 28.69 10.98 -9.11
CA ALA A 82 29.96 10.26 -9.20
C ALA A 82 30.95 10.88 -8.22
N HIS A 83 31.82 10.07 -7.62
CA HIS A 83 32.74 10.64 -6.64
C HIS A 83 34.15 10.54 -7.19
N VAL A 84 34.94 11.57 -6.90
CA VAL A 84 36.35 11.63 -7.27
C VAL A 84 37.17 11.50 -6.00
N TRP A 85 38.07 10.51 -5.98
CA TRP A 85 38.99 10.34 -4.86
C TRP A 85 40.41 10.25 -5.37
N HIS A 86 41.33 10.94 -4.68
CA HIS A 86 42.75 10.92 -5.02
C HIS A 86 42.96 11.17 -6.52
N GLY A 87 42.16 12.06 -7.10
CA GLY A 87 42.35 12.44 -8.47
C GLY A 87 41.67 11.56 -9.52
N ASN A 88 41.13 10.41 -9.14
CA ASN A 88 40.47 9.52 -10.08
C ASN A 88 38.96 9.53 -9.87
N ILE A 89 38.21 9.67 -10.96
CA ILE A 89 36.76 9.53 -10.95
C ILE A 89 36.37 8.05 -11.07
N PHE A 90 35.33 7.65 -10.33
CA PHE A 90 34.97 6.24 -10.15
C PHE A 90 33.75 5.86 -10.98
N ARG A 91 33.91 4.83 -11.81
CA ARG A 91 32.86 4.24 -12.66
C ARG A 91 31.95 5.28 -13.32
N LEU A 92 32.55 6.30 -13.93
CA LEU A 92 31.75 7.39 -14.46
C LEU A 92 30.84 6.94 -15.61
N ALA A 93 31.32 6.04 -16.46
CA ALA A 93 30.48 5.55 -17.57
C ALA A 93 29.28 4.78 -17.07
N ASP A 94 29.45 3.96 -16.03
CA ASP A 94 28.29 3.27 -15.48
C ASP A 94 27.24 4.27 -15.02
N HIS A 95 27.69 5.34 -14.37
CA HIS A 95 26.76 6.35 -13.89
C HIS A 95 26.02 7.01 -15.06
N ILE A 96 26.75 7.36 -16.13
CA ILE A 96 26.07 8.04 -17.23
C ILE A 96 25.11 7.10 -17.94
N GLU A 97 25.48 5.83 -18.04
CA GLU A 97 24.56 4.86 -18.62
C GLU A 97 23.29 4.74 -17.78
N ARG A 98 23.45 4.74 -16.46
CA ARG A 98 22.27 4.63 -15.59
C ARG A 98 21.38 5.85 -15.71
N LEU A 99 22.00 7.03 -15.76
CA LEU A 99 21.24 8.26 -15.91
C LEU A 99 20.42 8.26 -17.19
N LEU A 100 21.02 7.86 -18.30
CA LEU A 100 20.25 7.90 -19.54
C LEU A 100 19.29 6.74 -19.68
N ASP A 101 19.51 5.62 -18.98
CA ASP A 101 18.50 4.58 -18.97
C ASP A 101 17.26 5.04 -18.23
N GLY A 102 17.47 5.69 -17.08
CA GLY A 102 16.33 6.26 -16.38
C GLY A 102 15.64 7.33 -17.20
N ALA A 103 16.43 8.16 -17.87
CA ALA A 103 15.84 9.20 -18.72
C ALA A 103 14.93 8.58 -19.77
N ARG A 104 15.36 7.45 -20.34
CA ARG A 104 14.51 6.83 -21.34
C ARG A 104 13.24 6.33 -20.68
N LYS A 105 13.32 5.91 -19.43
CA LYS A 105 12.10 5.49 -18.75
C LYS A 105 11.17 6.69 -18.54
N LEU A 106 11.73 7.85 -18.28
CA LEU A 106 10.93 9.06 -18.07
C LEU A 106 10.53 9.71 -19.38
N ARG A 107 10.80 9.08 -20.53
CA ARG A 107 10.53 9.73 -21.82
C ARG A 107 11.23 11.07 -21.89
N LEU A 108 12.31 11.21 -21.14
CA LEU A 108 13.16 12.39 -21.15
C LEU A 108 14.35 12.16 -22.08
N ALA A 109 14.61 13.10 -22.98
CA ALA A 109 15.65 12.97 -23.99
C ALA A 109 16.80 13.93 -23.68
N SER A 110 18.02 13.40 -23.68
CA SER A 110 19.16 14.25 -23.32
C SER A 110 19.64 15.04 -24.54
N PRO A 111 20.04 16.30 -24.36
CA PRO A 111 20.64 17.04 -25.48
C PRO A 111 21.98 16.48 -25.91
N TYR A 112 22.81 16.08 -24.97
CA TYR A 112 24.16 15.63 -25.25
C TYR A 112 24.27 14.12 -25.07
N ASP A 113 25.24 13.55 -25.78
CA ASP A 113 25.49 12.11 -25.75
C ASP A 113 26.36 11.72 -24.55
N GLU A 114 26.48 10.39 -24.37
CA GLU A 114 27.28 9.75 -23.31
C GLU A 114 28.67 10.34 -23.17
N THR A 115 29.45 10.25 -24.25
CA THR A 115 30.78 10.86 -24.33
C THR A 115 30.74 12.33 -23.95
N GLU A 116 29.84 13.10 -24.56
CA GLU A 116 29.77 14.53 -24.26
C GLU A 116 29.55 14.76 -22.77
N ILE A 117 28.65 14.00 -22.15
CA ILE A 117 28.40 14.20 -20.72
C ILE A 117 29.65 13.89 -19.93
N ALA A 118 30.36 12.81 -20.29
CA ALA A 118 31.59 12.45 -19.56
C ALA A 118 32.63 13.56 -19.74
N GLU A 119 32.74 14.06 -20.98
CA GLU A 119 33.67 15.11 -21.28
C GLU A 119 33.45 16.35 -20.39
N ILE A 120 32.18 16.73 -20.24
CA ILE A 120 31.85 17.89 -19.40
C ILE A 120 32.08 17.60 -17.93
N ALA A 121 31.75 16.40 -17.47
CA ALA A 121 31.94 16.11 -16.06
C ALA A 121 33.41 16.18 -15.69
N LYS A 122 34.28 15.61 -16.54
CA LYS A 122 35.70 15.60 -16.18
C LYS A 122 36.31 16.97 -16.31
N ARG A 123 35.84 17.79 -17.27
CA ARG A 123 36.33 19.14 -17.29
C ARG A 123 35.91 19.91 -16.03
N CYS A 124 34.69 19.68 -15.56
CA CYS A 124 34.30 20.33 -14.32
C CYS A 124 35.25 19.95 -13.18
N VAL A 125 35.65 18.68 -13.11
CA VAL A 125 36.52 18.30 -12.02
C VAL A 125 37.88 18.96 -12.20
N GLY A 126 38.35 19.06 -13.44
CA GLY A 126 39.65 19.68 -13.66
C GLY A 126 39.69 21.12 -13.18
N LEU A 127 38.73 21.93 -13.62
CA LEU A 127 38.75 23.35 -13.26
C LEU A 127 38.45 23.53 -11.80
N SER A 128 37.72 22.57 -11.25
CA SER A 128 37.51 22.54 -9.82
C SER A 128 38.84 22.50 -9.08
N GLN A 129 39.79 21.74 -9.61
CA GLN A 129 41.08 21.40 -8.98
C GLN A 129 40.90 20.48 -7.76
N LEU A 130 39.79 19.77 -7.63
CA LEU A 130 39.60 18.91 -6.46
C LEU A 130 40.07 17.51 -6.77
N ARG A 131 41.00 17.00 -5.95
CA ARG A 131 41.33 15.59 -6.05
C ARG A 131 40.35 14.72 -5.25
N GLU A 132 39.64 15.30 -4.28
CA GLU A 132 38.47 14.67 -3.72
C GLU A 132 37.25 15.56 -4.01
N ALA A 133 36.25 14.99 -4.66
CA ALA A 133 35.18 15.80 -5.20
C ALA A 133 33.88 15.00 -5.31
N TYR A 134 32.78 15.77 -5.35
CA TYR A 134 31.42 15.32 -5.55
C TYR A 134 30.97 15.86 -6.91
N VAL A 135 30.57 14.98 -7.81
CA VAL A 135 30.15 15.40 -9.14
C VAL A 135 28.70 14.98 -9.36
N ASN A 136 27.88 15.93 -9.79
CA ASN A 136 26.47 15.70 -10.02
C ASN A 136 26.22 15.98 -11.50
N ILE A 137 25.56 15.06 -12.18
CA ILE A 137 25.02 15.30 -13.51
C ILE A 137 23.51 15.19 -13.43
N THR A 138 22.81 16.24 -13.88
CA THR A 138 21.36 16.33 -13.80
C THR A 138 20.77 16.55 -15.18
N LEU A 139 19.74 15.77 -15.50
CA LEU A 139 19.04 15.91 -16.77
C LEU A 139 17.59 16.24 -16.48
N THR A 140 17.11 17.36 -17.03
CA THR A 140 15.79 17.87 -16.72
C THR A 140 14.97 18.10 -17.98
N ARG A 141 13.64 18.08 -17.79
CA ARG A 141 12.71 18.34 -18.88
C ARG A 141 12.82 19.77 -19.38
N GLY A 142 13.26 20.71 -18.54
CA GLY A 142 13.61 22.00 -19.08
C GLY A 142 12.54 23.09 -19.16
N TYR A 143 12.68 23.97 -20.15
CA TYR A 143 11.74 25.13 -20.18
C TYR A 143 11.46 25.59 -21.58
N GLY A 144 10.17 25.77 -21.90
CA GLY A 144 9.75 26.33 -23.19
C GLY A 144 9.99 27.83 -23.17
N LYS A 145 10.00 28.47 -24.33
CA LYS A 145 10.13 29.95 -24.30
C LYS A 145 8.93 30.53 -23.54
N ARG A 146 7.73 29.98 -23.76
CA ARG A 146 6.56 30.44 -22.96
C ARG A 146 6.77 30.07 -21.48
N LYS A 147 6.40 30.95 -20.56
CA LYS A 147 6.61 30.67 -19.12
C LYS A 147 5.64 29.56 -18.66
N GLY A 148 6.17 28.52 -18.00
CA GLY A 148 5.31 27.44 -17.45
C GLY A 148 4.45 26.76 -18.51
N GLU A 149 4.97 26.54 -19.71
CA GLU A 149 4.22 25.79 -20.74
C GLU A 149 4.00 24.34 -20.27
N LYS A 150 2.81 23.79 -20.48
CA LYS A 150 2.51 22.38 -20.10
C LYS A 150 2.84 21.41 -21.25
N ASP A 151 3.21 21.92 -22.42
CA ASP A 151 3.44 21.02 -23.59
C ASP A 151 4.82 20.39 -23.52
N LEU A 152 4.90 19.07 -23.49
CA LEU A 152 6.18 18.37 -23.36
C LEU A 152 7.08 18.63 -24.55
N SER A 153 6.52 18.60 -25.76
CA SER A 153 7.36 18.73 -26.95
C SER A 153 7.91 20.14 -27.11
N LYS A 154 7.20 21.16 -26.61
CA LYS A 154 7.67 22.55 -26.72
C LYS A 154 8.90 22.83 -25.86
N LEU A 155 9.04 22.10 -24.74
CA LEU A 155 10.18 22.25 -23.86
C LEU A 155 11.43 21.64 -24.48
N THR A 156 12.59 22.09 -24.01
CA THR A 156 13.87 21.52 -24.44
C THR A 156 14.71 21.17 -23.22
N SER A 157 15.20 19.94 -23.17
CA SER A 157 15.86 19.39 -21.99
C SER A 157 17.14 20.15 -21.67
N GLN A 158 17.51 20.11 -20.40
CA GLN A 158 18.71 20.77 -19.92
C GLN A 158 19.61 19.76 -19.19
N ILE A 159 20.92 19.88 -19.40
CA ILE A 159 21.92 19.13 -18.65
C ILE A 159 22.66 20.12 -17.78
N TYR A 160 22.76 19.83 -16.49
CA TYR A 160 23.54 20.65 -15.58
C TYR A 160 24.55 19.77 -14.89
N VAL A 161 25.82 20.17 -14.90
CA VAL A 161 26.88 19.36 -14.28
C VAL A 161 27.63 20.22 -13.28
N TYR A 162 27.90 19.67 -12.10
CA TYR A 162 28.73 20.43 -11.18
C TYR A 162 29.67 19.51 -10.40
N ALA A 163 30.87 20.03 -10.13
CA ALA A 163 31.90 19.40 -9.31
C ALA A 163 32.24 20.29 -8.12
N ILE A 164 32.16 19.74 -6.90
CA ILE A 164 32.31 20.53 -5.68
C ILE A 164 33.06 19.72 -4.62
N PRO A 165 33.56 20.32 -3.55
CA PRO A 165 34.30 19.54 -2.56
C PRO A 165 33.49 18.37 -2.02
N TYR A 166 34.21 17.29 -1.72
CA TYR A 166 33.61 16.01 -1.37
C TYR A 166 32.59 16.14 -0.25
N LEU A 167 31.46 15.45 -0.39
CA LEU A 167 30.39 15.43 0.59
C LEU A 167 30.21 14.03 1.16
N TRP A 168 29.92 13.97 2.44
CA TRP A 168 29.80 12.70 3.15
C TRP A 168 28.36 12.49 3.60
N ALA A 169 27.69 11.47 3.04
CA ALA A 169 26.41 11.07 3.60
C ALA A 169 26.55 10.72 5.08
N PHE A 170 27.66 10.13 5.46
CA PHE A 170 27.97 9.93 6.86
C PHE A 170 29.40 10.42 7.10
N PRO A 171 29.69 10.97 8.28
CA PRO A 171 31.04 11.50 8.53
C PRO A 171 32.08 10.39 8.51
N PRO A 172 33.33 10.71 8.13
CA PRO A 172 34.35 9.66 8.00
C PRO A 172 34.60 8.86 9.27
N TYR A 173 34.58 9.51 10.44
CA TYR A 173 34.73 8.71 11.65
C TYR A 173 33.57 7.72 11.77
N GLU A 174 32.40 8.07 11.26
CA GLU A 174 31.29 7.12 11.28
C GLU A 174 31.50 6.00 10.27
N GLN A 175 32.09 6.29 9.11
CA GLN A 175 32.47 5.23 8.17
C GLN A 175 33.40 4.21 8.83
N ILE A 176 34.32 4.67 9.67
CA ILE A 176 35.19 3.68 10.28
C ILE A 176 34.53 3.02 11.49
N PHE A 177 33.77 3.75 12.26
CA PHE A 177 33.35 3.18 13.53
C PHE A 177 31.88 2.83 13.60
N GLY A 178 31.11 3.13 12.55
CA GLY A 178 29.71 2.77 12.45
C GLY A 178 28.77 3.92 12.78
N THR A 179 27.48 3.67 12.52
CA THR A 179 26.45 4.70 12.62
C THR A 179 25.18 4.07 13.19
N SER A 180 24.22 4.94 13.52
CA SER A 180 22.97 4.56 14.16
C SER A 180 21.77 4.76 13.24
N ALA A 181 20.79 3.86 13.33
CA ALA A 181 19.61 4.00 12.49
C ALA A 181 18.35 3.60 13.24
N VAL A 182 17.20 4.05 12.72
CA VAL A 182 15.90 3.55 13.12
C VAL A 182 15.11 3.23 11.86
N VAL A 183 14.12 2.37 11.99
CA VAL A 183 13.06 2.24 10.98
C VAL A 183 11.92 3.16 11.40
N PRO A 184 11.46 4.05 10.52
CA PRO A 184 10.46 5.05 10.92
C PRO A 184 9.08 4.43 11.07
N ARG A 185 8.35 4.84 12.10
CA ARG A 185 6.96 4.41 12.27
C ARG A 185 6.00 5.17 11.38
N HIS A 186 6.38 6.37 10.98
CA HIS A 186 5.46 7.31 10.36
C HIS A 186 5.64 7.49 8.87
N VAL A 187 6.69 6.91 8.26
CA VAL A 187 6.97 7.17 6.86
C VAL A 187 7.38 5.87 6.20
N GLN A 188 7.02 5.75 4.93
CA GLN A 188 7.25 4.61 4.05
C GLN A 188 7.92 5.17 2.80
N ARG A 189 8.68 4.32 2.13
CA ARG A 189 9.27 4.74 0.89
C ARG A 189 8.23 4.73 -0.22
N ALA A 190 8.32 5.68 -1.12
CA ALA A 190 7.41 5.72 -2.26
C ALA A 190 7.54 4.43 -3.07
N GLY A 191 6.39 3.90 -3.51
CA GLY A 191 6.36 2.68 -4.28
C GLY A 191 6.69 2.84 -5.75
N ARG A 192 6.93 1.70 -6.39
CA ARG A 192 7.22 1.63 -7.82
C ARG A 192 6.14 2.30 -8.67
N ASN A 193 4.86 2.16 -8.29
CA ASN A 193 3.72 2.72 -9.04
C ASN A 193 3.38 4.17 -8.69
N THR A 194 4.10 4.80 -7.77
CA THR A 194 3.85 6.20 -7.44
C THR A 194 5.01 7.07 -7.90
N ILE A 195 6.14 7.04 -7.20
CA ILE A 195 7.37 7.70 -7.67
C ILE A 195 8.47 6.67 -7.62
N ASP A 196 8.92 6.25 -8.80
CA ASP A 196 9.77 5.08 -8.95
C ASP A 196 11.11 5.30 -8.25
N PRO A 197 11.37 4.56 -7.16
CA PRO A 197 12.68 4.68 -6.50
C PRO A 197 13.80 4.24 -7.38
N THR A 198 13.51 3.41 -8.38
CA THR A 198 14.55 2.89 -9.25
C THR A 198 15.06 3.93 -10.23
N ILE A 199 14.42 5.09 -10.29
CA ILE A 199 14.98 6.21 -11.04
C ILE A 199 15.46 7.31 -10.10
N ASN A 201 15.91 10.46 -8.60
CA ASN A 201 15.09 11.70 -8.55
C ASN A 201 15.38 12.62 -7.33
N TYR A 202 14.92 13.87 -7.40
CA TYR A 202 15.08 14.81 -6.30
C TYR A 202 13.84 14.80 -5.40
N GLN A 203 12.91 13.89 -5.63
CA GLN A 203 11.67 13.90 -4.86
C GLN A 203 11.89 13.17 -3.53
N TRP A 204 12.38 13.90 -2.53
CA TRP A 204 12.86 13.34 -1.27
C TRP A 204 11.85 13.49 -0.11
N GLY A 205 10.59 13.78 -0.40
CA GLY A 205 9.66 14.06 0.68
C GLY A 205 9.61 12.97 1.73
N ASP A 206 9.48 11.71 1.28
CA ASP A 206 9.50 10.59 2.22
C ASP A 206 10.87 10.47 2.88
N LEU A 207 11.95 10.67 2.11
CA LEU A 207 13.28 10.54 2.68
C LEU A 207 13.55 11.63 3.71
N THR A 208 13.13 12.86 3.42
CA THR A 208 13.33 13.93 4.39
C THR A 208 12.51 13.70 5.64
N ALA A 209 11.27 13.24 5.50
CA ALA A 209 10.49 12.96 6.69
C ALA A 209 11.19 11.91 7.52
N ALA A 210 11.81 10.91 6.86
CA ALA A 210 12.53 9.89 7.60
C ALA A 210 13.72 10.46 8.38
N SER A 211 14.50 11.35 7.75
CA SER A 211 15.64 11.89 8.48
C SER A 211 15.17 12.69 9.70
N PHE A 212 14.10 13.45 9.53
CA PHE A 212 13.55 14.22 10.68
C PHE A 212 13.17 13.26 11.80
N GLU A 213 12.49 12.16 11.46
CA GLU A 213 12.02 11.21 12.50
C GLU A 213 13.23 10.62 13.23
N ALA A 214 14.28 10.28 12.49
CA ALA A 214 15.49 9.68 13.12
C ALA A 214 16.11 10.70 14.09
N LYS A 215 16.15 11.96 13.68
CA LYS A 215 16.74 13.01 14.54
C LYS A 215 15.92 13.10 15.83
N ASP A 216 14.59 13.10 15.72
CA ASP A 216 13.75 13.11 16.92
C ASP A 216 14.01 11.89 17.78
N ARG A 217 14.16 10.73 17.16
CA ARG A 217 14.53 9.55 17.93
C ARG A 217 16.00 9.53 18.38
N GLY A 218 16.82 10.49 17.96
CA GLY A 218 18.26 10.55 18.22
C GLY A 218 19.17 9.57 17.49
N ALA A 219 18.74 9.00 16.39
CA ALA A 219 19.61 8.22 15.51
C ALA A 219 20.11 9.12 14.39
N ARG A 220 21.12 8.64 13.67
CA ARG A 220 21.61 9.52 12.62
C ARG A 220 20.89 9.31 11.29
N THR A 221 20.31 8.14 11.03
CA THR A 221 19.56 7.91 9.79
C THR A 221 18.39 6.94 10.01
N GLY A 222 17.68 6.69 8.92
CA GLY A 222 16.52 5.82 8.95
C GLY A 222 16.57 4.85 7.79
N ILE A 223 16.16 3.62 8.06
CA ILE A 223 15.94 2.62 7.03
C ILE A 223 14.45 2.52 6.78
N LEU A 224 14.01 2.83 5.57
CA LEU A 224 12.58 2.84 5.25
C LEU A 224 12.06 1.49 4.78
N LEU A 225 10.75 1.33 4.84
CA LEU A 225 10.11 0.09 4.41
C LEU A 225 9.14 0.42 3.29
N ASP A 226 8.87 -0.56 2.41
CA ASP A 226 7.86 -0.39 1.38
C ASP A 226 6.46 -0.84 1.88
N ALA A 227 5.49 -0.82 0.97
CA ALA A 227 4.10 -1.06 1.35
C ALA A 227 3.89 -2.48 1.88
N ASP A 228 4.64 -3.44 1.37
CA ASP A 228 4.52 -4.81 1.84
C ASP A 228 5.29 -5.06 3.12
N GLY A 229 6.01 -4.06 3.65
CA GLY A 229 6.80 -4.26 4.84
C GLY A 229 8.20 -4.81 4.60
N CYS A 230 8.68 -4.79 3.37
CA CYS A 230 10.04 -5.17 3.05
C CYS A 230 10.94 -3.95 3.12
N VAL A 231 12.24 -4.21 3.30
CA VAL A 231 13.22 -3.10 3.43
C VAL A 231 13.25 -2.27 2.15
N ALA A 232 13.44 -0.96 2.28
CA ALA A 232 13.51 -0.04 1.11
C ALA A 232 14.74 0.85 1.32
N GLU A 233 15.23 1.46 0.25
CA GLU A 233 16.47 2.26 0.37
C GLU A 233 16.35 3.32 1.49
N GLY A 234 17.37 3.42 2.34
CA GLY A 234 17.40 4.50 3.35
C GLY A 234 17.70 5.79 2.62
N PRO A 235 17.40 7.00 3.14
CA PRO A 235 17.59 8.22 2.32
C PRO A 235 19.04 8.33 1.93
N GLY A 236 19.29 8.57 0.64
CA GLY A 236 20.65 8.66 0.12
C GLY A 236 21.48 7.42 0.40
N PHE A 237 20.90 6.20 0.35
CA PHE A 237 21.76 5.00 0.54
C PHE A 237 21.02 3.67 0.41
N ASN A 238 21.60 2.72 -0.34
CA ASN A 238 21.11 1.36 -0.35
C ASN A 238 21.48 0.69 0.98
N VAL A 239 20.73 -0.34 1.34
CA VAL A 239 20.94 -1.08 2.58
C VAL A 239 21.34 -2.51 2.26
N VAL A 240 22.42 -2.99 2.88
CA VAL A 240 22.93 -4.34 2.68
C VAL A 240 22.89 -5.05 4.02
N VAL A 241 22.37 -6.26 4.03
CA VAL A 241 22.17 -7.02 5.25
C VAL A 241 23.06 -8.25 5.16
N VAL A 242 23.85 -8.47 6.21
CA VAL A 242 24.75 -9.61 6.31
C VAL A 242 24.16 -10.54 7.34
N LYS A 243 23.85 -11.76 6.91
CA LYS A 243 23.43 -12.86 7.79
C LYS A 243 24.10 -14.15 7.35
N ASP A 244 24.58 -14.90 8.33
CA ASP A 244 25.23 -16.20 8.08
C ASP A 244 26.26 -16.10 6.96
N GLY A 245 27.09 -15.05 7.03
CA GLY A 245 28.13 -14.84 6.05
C GLY A 245 27.67 -14.66 4.63
N ALA A 246 26.46 -14.12 4.44
CA ALA A 246 25.96 -13.78 3.12
C ALA A 246 25.35 -12.39 3.13
N LEU A 247 25.29 -11.81 1.93
CA LEU A 247 24.80 -10.47 1.67
C LEU A 247 23.45 -10.52 0.97
N ALA A 248 22.51 -9.73 1.46
CA ALA A 248 21.21 -9.53 0.83
C ALA A 248 20.99 -8.05 0.66
N SER A 249 20.46 -7.64 -0.49
CA SER A 249 20.04 -6.25 -0.59
C SER A 249 18.69 -6.19 -1.28
N PRO A 250 17.87 -5.20 -0.97
CA PRO A 250 16.50 -5.17 -1.53
C PRO A 250 16.49 -5.11 -3.04
N SER A 251 15.63 -5.93 -3.66
CA SER A 251 15.54 -5.99 -5.13
C SER A 251 14.47 -5.02 -5.64
N ARG A 252 13.45 -4.75 -4.83
CA ARG A 252 12.33 -3.89 -5.28
C ARG A 252 12.24 -2.62 -4.41
N ASN A 253 12.10 -1.46 -5.02
CA ASN A 253 11.91 -0.18 -4.26
C ASN A 253 13.25 0.36 -3.77
N ALA A 254 14.35 -0.01 -4.42
CA ALA A 254 15.63 0.59 -4.07
C ALA A 254 16.24 0.98 -5.39
N LEU A 255 16.96 2.09 -5.39
CA LEU A 255 17.71 2.45 -6.58
C LEU A 255 18.75 1.37 -6.88
N PRO A 256 19.03 1.10 -8.12
CA PRO A 256 20.15 0.21 -8.43
C PRO A 256 21.48 0.92 -8.23
N GLY A 257 22.03 0.79 -7.02
CA GLY A 257 23.21 1.54 -6.68
C GLY A 257 24.44 0.98 -7.37
N ILE A 258 25.29 1.89 -7.85
CA ILE A 258 26.59 1.51 -8.37
C ILE A 258 27.53 1.13 -7.23
N THR A 259 27.42 1.79 -6.09
CA THR A 259 28.18 1.36 -4.93
C THR A 259 27.74 -0.03 -4.50
N ARG A 260 26.44 -0.30 -4.53
CA ARG A 260 25.94 -1.64 -4.22
C ARG A 260 26.47 -2.64 -5.24
N LYS A 261 26.46 -2.27 -6.51
CA LYS A 261 27.00 -3.12 -7.56
C LYS A 261 28.43 -3.53 -7.23
N THR A 262 29.26 -2.53 -6.89
CA THR A 262 30.65 -2.75 -6.53
C THR A 262 30.79 -3.61 -5.29
N VAL A 263 29.96 -3.36 -4.28
CA VAL A 263 29.99 -4.15 -3.06
C VAL A 263 29.71 -5.60 -3.39
N PHE A 264 28.77 -5.84 -4.32
CA PHE A 264 28.48 -7.21 -4.71
C PHE A 264 29.65 -7.84 -5.46
N GLU A 265 30.30 -7.04 -6.31
CA GLU A 265 31.45 -7.56 -7.06
C GLU A 265 32.57 -7.96 -6.11
N ILE A 266 32.86 -7.10 -5.13
CA ILE A 266 33.86 -7.43 -4.13
C ILE A 266 33.46 -8.68 -3.37
N ALA A 267 32.18 -8.80 -3.02
CA ALA A 267 31.76 -10.00 -2.29
C ALA A 267 32.01 -11.25 -3.11
N HIS A 268 31.80 -11.16 -4.43
CA HIS A 268 32.03 -12.33 -5.28
C HIS A 268 33.51 -12.67 -5.37
N ALA A 269 34.36 -11.65 -5.53
CA ALA A 269 35.79 -11.88 -5.53
C ALA A 269 36.25 -12.51 -4.21
N ARG A 270 35.69 -12.08 -3.09
CA ARG A 270 36.04 -12.70 -1.82
C ARG A 270 35.32 -14.00 -1.56
N GLY A 271 34.45 -14.44 -2.47
CA GLY A 271 33.73 -15.67 -2.19
C GLY A 271 32.60 -15.57 -1.20
N ILE A 272 32.16 -14.35 -0.84
CA ILE A 272 30.94 -14.18 -0.06
C ILE A 272 29.73 -14.22 -1.00
N SER A 273 28.72 -14.98 -0.61
CA SER A 273 27.49 -15.09 -1.38
C SER A 273 26.69 -13.78 -1.27
N ALA A 274 26.21 -13.26 -2.41
CA ALA A 274 25.40 -12.04 -2.42
C ALA A 274 24.18 -12.19 -3.31
N GLU A 275 23.02 -11.81 -2.80
CA GLU A 275 21.77 -11.90 -3.55
C GLU A 275 20.93 -10.61 -3.42
N LEU A 276 20.22 -10.28 -4.51
CA LEU A 276 19.26 -9.16 -4.51
C LEU A 276 17.86 -9.76 -4.39
N ARG A 277 17.20 -9.48 -3.27
CA ARG A 277 15.94 -10.13 -2.99
C ARG A 277 15.15 -9.24 -2.06
N ASP A 278 13.89 -9.62 -1.86
CA ASP A 278 13.11 -9.03 -0.80
C ASP A 278 13.71 -9.38 0.56
N VAL A 279 13.73 -8.38 1.45
CA VAL A 279 14.23 -8.54 2.79
C VAL A 279 13.11 -8.15 3.73
N THR A 280 12.65 -9.09 4.55
CA THR A 280 11.61 -8.76 5.51
C THR A 280 12.20 -7.90 6.61
N SER A 281 11.33 -7.09 7.24
CA SER A 281 11.76 -6.25 8.34
C SER A 281 12.35 -7.07 9.48
N ARG A 282 11.68 -8.17 9.85
CA ARG A 282 12.20 -9.04 10.90
C ARG A 282 13.64 -9.44 10.57
N GLU A 283 13.92 -9.69 9.29
CA GLU A 283 15.27 -10.01 8.87
C GLU A 283 16.23 -8.87 9.22
N LEU A 284 15.79 -7.62 9.03
CA LEU A 284 16.64 -6.49 9.38
C LEU A 284 17.03 -6.53 10.84
N TYR A 285 16.08 -6.83 11.72
CA TYR A 285 16.41 -6.94 13.15
C TYR A 285 17.27 -8.15 13.47
N ASP A 286 17.11 -9.24 12.73
CA ASP A 286 17.82 -10.48 13.02
C ASP A 286 19.24 -10.53 12.42
N ALA A 287 19.67 -9.47 11.74
CA ALA A 287 20.93 -9.52 10.99
C ALA A 287 22.15 -9.67 11.90
N ASP A 288 23.23 -10.18 11.31
CA ASP A 288 24.55 -10.10 11.93
C ASP A 288 25.17 -8.73 11.72
N GLU A 289 25.25 -8.29 10.47
CA GLU A 289 25.85 -6.99 10.13
C GLU A 289 24.88 -6.20 9.26
N LEU A 290 24.90 -4.89 9.42
CA LEU A 290 24.14 -3.98 8.57
C LEU A 290 25.10 -2.99 7.94
N MET A 291 24.96 -2.75 6.65
CA MET A 291 25.79 -1.78 5.97
C MET A 291 24.89 -0.86 5.15
N ALA A 292 25.35 0.37 4.99
CA ALA A 292 24.77 1.37 4.13
C ALA A 292 25.76 1.69 3.02
N VAL A 293 25.33 1.64 1.78
CA VAL A 293 26.24 1.87 0.66
C VAL A 293 25.70 3.03 -0.16
N THR A 294 26.58 3.94 -0.53
CA THR A 294 26.25 5.03 -1.43
C THR A 294 27.55 5.51 -2.06
N THR A 295 27.44 6.29 -3.14
CA THR A 295 28.60 6.87 -3.80
C THR A 295 29.31 7.92 -2.93
N ALA A 296 28.56 8.71 -2.18
CA ALA A 296 29.20 9.76 -1.39
C ALA A 296 29.60 9.20 -0.03
N GLY A 297 30.83 8.67 0.04
CA GLY A 297 31.36 8.07 1.25
C GLY A 297 31.45 6.56 1.28
N GLY A 298 30.90 5.86 0.27
CA GLY A 298 31.02 4.41 0.20
C GLY A 298 30.25 3.52 1.17
N VAL A 299 30.95 2.66 1.92
CA VAL A 299 30.36 1.59 2.72
C VAL A 299 30.44 1.98 4.19
N THR A 300 29.30 2.02 4.86
CA THR A 300 29.23 2.44 6.24
C THR A 300 28.60 1.36 7.10
N PRO A 301 29.24 0.95 8.19
CA PRO A 301 28.57 0.02 9.10
C PRO A 301 27.47 0.75 9.83
N ILE A 302 26.39 0.03 10.10
CA ILE A 302 25.31 0.49 10.94
C ILE A 302 25.37 -0.38 12.19
N THR A 303 25.92 0.20 13.25
CA THR A 303 26.19 -0.53 14.49
C THR A 303 24.94 -0.68 15.35
N SER A 304 24.01 0.25 15.25
CA SER A 304 22.84 0.23 16.11
C SER A 304 21.60 0.53 15.27
N LEU A 305 20.55 -0.23 15.52
CA LEU A 305 19.25 -0.02 14.90
C LEU A 305 18.19 0.06 15.98
N ASP A 306 17.40 1.13 15.95
CA ASP A 306 16.34 1.36 16.94
C ASP A 306 16.93 1.38 18.36
N GLY A 307 18.13 1.93 18.50
CA GLY A 307 18.72 2.06 19.82
C GLY A 307 19.29 0.78 20.43
N ALA A 308 19.33 -0.32 19.69
CA ALA A 308 19.88 -1.59 20.16
C ALA A 308 21.07 -1.96 19.30
N ALA A 309 22.04 -2.63 19.89
CA ALA A 309 23.25 -2.93 19.13
C ALA A 309 22.96 -3.97 18.06
N VAL A 310 23.48 -3.74 16.86
CA VAL A 310 23.36 -4.79 15.81
C VAL A 310 24.47 -5.80 16.13
N GLY A 311 24.11 -6.93 16.73
CA GLY A 311 25.17 -7.87 17.16
C GLY A 311 26.08 -7.18 18.15
N ASP A 312 27.40 -7.17 17.89
CA ASP A 312 28.38 -6.62 18.86
C ASP A 312 28.25 -5.11 19.04
N GLY A 313 27.52 -4.42 18.17
CA GLY A 313 27.47 -2.95 18.27
C GLY A 313 28.75 -2.35 17.73
N GLU A 314 29.55 -3.14 17.00
CA GLU A 314 30.85 -2.70 16.46
C GLU A 314 30.85 -3.07 14.98
N PRO A 315 31.67 -2.44 14.10
CA PRO A 315 31.56 -2.71 12.64
C PRO A 315 31.81 -4.19 12.37
N GLY A 316 30.97 -4.78 11.51
CA GLY A 316 31.06 -6.22 11.22
C GLY A 316 32.28 -6.60 10.41
N PRO A 317 32.86 -7.80 10.64
CA PRO A 317 34.03 -8.30 9.85
C PRO A 317 33.78 -8.14 8.35
N ILE A 318 32.69 -8.71 7.86
CA ILE A 318 32.44 -8.68 6.42
C ILE A 318 32.35 -7.24 5.93
N THR A 319 31.68 -6.39 6.71
CA THR A 319 31.57 -4.98 6.36
C THR A 319 32.94 -4.32 6.29
N VAL A 320 33.76 -4.52 7.31
CA VAL A 320 35.09 -3.92 7.34
C VAL A 320 35.89 -4.35 6.12
N ALA A 321 35.86 -5.65 5.82
CA ALA A 321 36.65 -6.13 4.69
C ALA A 321 36.23 -5.44 3.38
N ILE A 322 34.90 -5.37 3.13
CA ILE A 322 34.45 -4.81 1.86
C ILE A 322 34.68 -3.31 1.80
N ARG A 323 34.54 -2.62 2.93
CA ARG A 323 34.84 -1.19 2.99
C ARG A 323 36.29 -0.91 2.62
N ASP A 324 37.22 -1.60 3.31
CA ASP A 324 38.64 -1.36 3.07
C ASP A 324 39.00 -1.68 1.63
N ARG A 325 38.40 -2.74 1.07
CA ARG A 325 38.78 -3.06 -0.29
C ARG A 325 38.16 -2.11 -1.28
N PHE A 326 37.01 -1.51 -0.94
CA PHE A 326 36.41 -0.48 -1.79
C PHE A 326 37.34 0.73 -1.91
N TRP A 327 37.82 1.20 -0.77
CA TRP A 327 38.70 2.37 -0.83
C TRP A 327 39.98 2.02 -1.57
N ALA A 328 40.51 0.82 -1.32
CA ALA A 328 41.68 0.37 -2.06
C ALA A 328 41.40 0.43 -3.56
N LEU A 329 40.17 0.10 -3.96
CA LEU A 329 39.77 0.12 -5.37
C LEU A 329 40.02 1.48 -5.97
N MET A 330 39.81 2.52 -5.17
CA MET A 330 40.04 3.86 -5.74
C MET A 330 41.46 4.08 -6.26
N ASP A 331 42.45 3.38 -5.71
CA ASP A 331 43.85 3.66 -6.09
C ASP A 331 44.42 2.72 -7.16
N GLU A 332 44.04 1.44 -7.15
CA GLU A 332 44.52 0.52 -8.19
C GLU A 332 44.01 0.91 -9.57
N PRO A 333 44.87 0.85 -10.58
CA PRO A 333 44.44 1.16 -11.93
C PRO A 333 43.50 0.08 -12.45
N SER A 334 42.43 0.52 -13.10
CA SER A 334 41.37 -0.38 -13.54
C SER A 334 40.49 0.39 -14.51
N ASP A 335 39.62 -0.35 -15.19
CA ASP A 335 38.58 0.30 -15.99
C ASP A 335 37.59 1.04 -15.09
N LEU A 336 37.39 0.59 -13.84
CA LEU A 336 36.52 1.29 -12.92
C LEU A 336 36.92 2.75 -12.68
N ILE A 337 38.22 3.03 -12.60
CA ILE A 337 38.71 4.38 -12.31
C ILE A 337 39.26 4.99 -13.59
N ASP A 338 38.97 6.29 -13.80
CA ASP A 338 39.61 7.12 -14.83
C ASP A 338 40.31 8.31 -14.18
N THR A 339 41.58 8.50 -14.54
CA THR A 339 42.36 9.58 -13.94
C THR A 339 41.98 10.91 -14.57
N ILE A 340 41.58 11.86 -13.73
CA ILE A 340 41.18 13.21 -14.24
C ILE A 340 42.45 13.99 -14.59
N ARG A 341 42.45 14.71 -15.71
CA ARG A 341 43.65 15.53 -15.98
C ARG A 341 43.38 16.92 -15.41
N TYR A 342 44.03 17.26 -14.30
CA TYR A 342 43.75 18.56 -13.63
C TYR A 342 44.44 19.67 -14.39
N ASP A 343 45.30 19.32 -15.35
CA ASP A 343 45.91 20.37 -16.20
C ASP A 343 44.79 21.02 -17.00
N VAL A 344 44.81 22.34 -17.16
CA VAL A 344 43.72 23.08 -17.87
C VAL A 344 44.08 24.56 -17.96
N ALA B 22 2.31 36.42 -24.84
CA ALA B 22 0.90 36.74 -25.09
C ALA B 22 0.20 36.93 -23.75
N ILE B 23 -0.44 38.09 -23.56
CA ILE B 23 -1.04 38.39 -22.28
C ILE B 23 -2.49 37.91 -22.23
N ARG B 24 -3.04 37.52 -23.38
CA ARG B 24 -4.37 36.95 -23.49
C ARG B 24 -4.38 35.98 -24.67
N GLU B 25 -5.42 35.16 -24.71
CA GLU B 25 -5.60 34.15 -25.73
C GLU B 25 -7.10 33.94 -25.90
N ASP B 26 -7.48 33.12 -26.86
CA ASP B 26 -8.89 32.99 -27.21
C ASP B 26 -9.71 32.29 -26.14
N THR B 27 -10.93 32.80 -25.93
CA THR B 27 -12.01 32.37 -25.05
C THR B 27 -13.31 32.39 -25.84
N PRO B 28 -14.29 31.54 -25.52
CA PRO B 28 -15.58 31.53 -26.26
C PRO B 28 -16.33 32.84 -26.06
N PRO B 29 -17.02 33.31 -27.12
CA PRO B 29 -17.64 34.65 -27.07
C PRO B 29 -18.74 34.84 -26.05
N GLY B 30 -19.71 33.94 -25.99
CA GLY B 30 -20.71 34.02 -24.93
C GLY B 30 -20.16 33.71 -23.55
N SER B 31 -19.04 33.00 -23.48
CA SER B 31 -18.50 32.45 -22.24
C SER B 31 -18.46 33.47 -21.09
N VAL B 32 -18.65 32.94 -19.88
CA VAL B 32 -18.42 33.73 -18.68
C VAL B 32 -16.96 34.13 -18.54
N ILE B 33 -16.06 33.44 -19.23
CA ILE B 33 -14.62 33.70 -19.14
C ILE B 33 -14.28 34.67 -20.26
N GLN B 34 -13.96 35.91 -19.90
CA GLN B 34 -13.48 36.82 -20.93
C GLN B 34 -12.28 37.58 -20.43
N TYR B 35 -11.24 37.65 -21.26
CA TYR B 35 -10.04 38.38 -20.89
C TYR B 35 -10.35 39.86 -20.87
N SER B 36 -9.56 40.61 -20.11
CA SER B 36 -9.63 42.06 -20.01
C SER B 36 -8.81 42.73 -21.10
N ASP B 37 -9.35 43.80 -21.71
CA ASP B 37 -8.66 44.59 -22.74
C ASP B 37 -7.76 45.65 -22.12
N TYR B 38 -6.46 45.56 -22.40
CA TYR B 38 -5.47 46.50 -21.84
C TYR B 38 -4.19 46.30 -22.63
N GLU B 39 -3.40 47.36 -22.78
CA GLU B 39 -2.18 47.24 -23.61
C GLU B 39 -0.96 47.34 -22.69
N LEU B 40 -0.07 46.35 -22.76
CA LEU B 40 1.12 46.35 -21.88
C LEU B 40 2.01 47.53 -22.25
N ASP B 41 2.53 48.24 -21.25
CA ASP B 41 3.52 49.30 -21.59
C ASP B 41 4.78 48.57 -22.08
N THR B 42 5.45 49.10 -23.09
CA THR B 42 6.62 48.37 -23.62
C THR B 42 7.85 48.98 -22.99
N SER B 43 7.66 50.06 -22.23
CA SER B 43 8.81 50.75 -21.66
C SER B 43 9.32 50.01 -20.43
N SER B 44 8.42 49.59 -19.54
CA SER B 44 8.89 48.98 -18.31
C SER B 44 9.44 47.59 -18.61
N PRO B 45 10.59 47.24 -18.05
CA PRO B 45 11.10 45.87 -18.23
C PRO B 45 10.24 44.82 -17.56
N TYR B 46 9.70 45.12 -16.36
CA TYR B 46 8.89 44.19 -15.62
C TYR B 46 7.58 43.88 -16.32
N ALA B 47 7.17 44.71 -17.27
CA ALA B 47 5.87 44.55 -17.90
C ALA B 47 5.76 43.18 -18.55
N GLY B 48 4.71 42.45 -18.18
CA GLY B 48 4.41 41.13 -18.72
C GLY B 48 5.05 39.97 -18.01
N GLY B 49 6.02 40.21 -17.14
CA GLY B 49 6.56 39.16 -16.31
C GLY B 49 7.27 39.78 -15.14
N ALA B 50 6.88 39.46 -13.93
CA ALA B 50 7.57 39.99 -12.76
C ALA B 50 7.94 38.84 -11.84
N ALA B 51 9.13 38.90 -11.25
CA ALA B 51 9.52 37.91 -10.26
C ALA B 51 10.28 38.64 -9.17
N TRP B 52 10.30 38.05 -7.99
CA TRP B 52 11.07 38.55 -6.88
C TRP B 52 11.88 37.42 -6.27
N ILE B 53 13.20 37.65 -6.23
CA ILE B 53 14.21 36.68 -5.87
C ILE B 53 15.17 37.33 -4.88
N GLU B 54 15.38 36.70 -3.73
CA GLU B 54 16.50 37.08 -2.84
C GLU B 54 16.51 38.57 -2.49
N GLY B 55 15.34 39.15 -2.20
CA GLY B 55 15.27 40.55 -1.84
C GLY B 55 15.22 41.54 -2.99
N GLU B 56 15.17 41.09 -4.24
CA GLU B 56 15.08 42.01 -5.36
C GLU B 56 14.00 41.63 -6.37
N TYR B 57 13.19 42.61 -6.77
CA TYR B 57 12.25 42.45 -7.88
C TYR B 57 13.01 42.54 -9.22
N VAL B 58 12.69 41.67 -10.17
CA VAL B 58 13.42 41.55 -11.43
C VAL B 58 12.48 41.05 -12.51
N PRO B 59 12.77 41.25 -13.79
CA PRO B 59 11.90 40.72 -14.84
C PRO B 59 11.91 39.20 -14.81
N ALA B 60 10.76 38.61 -15.16
CA ALA B 60 10.60 37.16 -15.08
C ALA B 60 11.60 36.45 -15.97
N SER B 61 11.82 36.98 -17.17
CA SER B 61 12.86 36.47 -18.07
C SER B 61 14.21 36.32 -17.38
N GLU B 62 14.48 37.12 -16.35
CA GLU B 62 15.76 37.09 -15.67
C GLU B 62 15.78 36.20 -14.41
N ALA B 63 14.63 35.69 -13.96
CA ALA B 63 14.55 35.02 -12.66
C ALA B 63 15.29 33.69 -12.67
N ARG B 64 16.15 33.50 -11.67
CA ARG B 64 17.00 32.33 -11.56
C ARG B 64 17.24 32.04 -10.09
N ILE B 65 17.50 30.78 -9.77
CA ILE B 65 17.76 30.35 -8.40
C ILE B 65 19.04 29.52 -8.40
N SER B 66 19.72 29.51 -7.26
CA SER B 66 20.97 28.76 -7.17
C SER B 66 20.70 27.27 -7.25
N ILE B 67 21.44 26.61 -8.13
CA ILE B 67 21.31 25.16 -8.30
C ILE B 67 21.45 24.44 -6.97
N PHE B 68 22.15 25.04 -6.00
CA PHE B 68 22.42 24.42 -4.71
C PHE B 68 21.31 24.59 -3.69
N ASP B 69 20.18 25.21 -4.04
CA ASP B 69 19.05 25.33 -3.12
C ASP B 69 18.44 23.95 -2.84
N THR B 70 18.38 23.53 -1.57
CA THR B 70 17.91 22.16 -1.34
C THR B 70 16.45 21.97 -1.76
N GLY B 71 15.72 23.05 -2.01
CA GLY B 71 14.40 22.92 -2.58
C GLY B 71 14.41 22.41 -4.01
N PHE B 72 15.54 22.48 -4.68
CA PHE B 72 15.66 21.85 -5.99
C PHE B 72 16.20 20.45 -5.80
N GLY B 73 17.32 20.33 -5.12
CA GLY B 73 17.96 19.06 -4.89
C GLY B 73 17.15 18.02 -4.17
N HIS B 74 16.32 18.42 -3.22
CA HIS B 74 15.50 17.51 -2.43
C HIS B 74 14.01 17.75 -2.61
N SER B 75 13.63 18.65 -3.53
CA SER B 75 12.31 19.24 -3.66
C SER B 75 11.77 19.54 -2.27
N ASP B 76 12.62 20.08 -1.41
CA ASP B 76 12.23 20.38 -0.03
C ASP B 76 11.55 21.74 0.04
N LEU B 77 10.28 21.80 -0.39
CA LEU B 77 9.57 23.06 -0.55
C LEU B 77 8.07 22.88 -0.38
N THR B 78 7.37 24.00 -0.20
CA THR B 78 5.90 24.11 -0.36
C THR B 78 5.58 25.33 -1.20
N TYR B 79 4.51 25.24 -1.97
CA TYR B 79 4.15 26.40 -2.78
C TYR B 79 2.64 26.58 -2.78
N THR B 80 2.22 27.77 -3.15
CA THR B 80 0.84 28.01 -3.48
C THR B 80 0.79 28.93 -4.69
N VAL B 81 -0.30 28.85 -5.44
CA VAL B 81 -0.55 29.78 -6.54
C VAL B 81 -1.93 30.39 -6.38
N ALA B 82 -2.01 31.68 -6.65
CA ALA B 82 -3.24 32.45 -6.63
C ALA B 82 -3.40 33.05 -8.01
N HIS B 83 -4.64 33.23 -8.45
CA HIS B 83 -4.88 33.73 -9.80
C HIS B 83 -5.51 35.11 -9.69
N VAL B 84 -5.13 35.99 -10.61
CA VAL B 84 -5.76 37.30 -10.70
C VAL B 84 -6.56 37.35 -12.00
N TRP B 85 -7.84 37.71 -11.87
CA TRP B 85 -8.71 37.91 -13.02
C TRP B 85 -9.25 39.33 -12.97
N HIS B 86 -9.22 40.00 -14.12
CA HIS B 86 -9.72 41.38 -14.25
C HIS B 86 -9.16 42.29 -13.17
N GLY B 87 -7.84 42.21 -12.97
CA GLY B 87 -7.23 43.10 -12.01
C GLY B 87 -7.36 42.69 -10.56
N ASN B 88 -8.12 41.65 -10.24
CA ASN B 88 -8.30 41.28 -8.84
C ASN B 88 -7.64 39.95 -8.48
N ILE B 89 -6.91 39.94 -7.36
CA ILE B 89 -6.38 38.74 -6.76
C ILE B 89 -7.48 38.04 -5.98
N PHE B 90 -7.53 36.72 -6.09
CA PHE B 90 -8.60 35.93 -5.48
C PHE B 90 -8.07 35.17 -4.27
N ARG B 91 -8.73 35.37 -3.15
CA ARG B 91 -8.47 34.66 -1.90
C ARG B 91 -6.97 34.52 -1.56
N LEU B 92 -6.23 35.63 -1.71
CA LEU B 92 -4.77 35.56 -1.50
C LEU B 92 -4.42 35.33 -0.04
N ALA B 93 -5.20 35.87 0.89
CA ALA B 93 -4.91 35.61 2.29
C ALA B 93 -5.03 34.13 2.61
N ASP B 94 -6.08 33.48 2.06
CA ASP B 94 -6.29 32.05 2.30
C ASP B 94 -5.12 31.22 1.77
N HIS B 95 -4.63 31.57 0.56
CA HIS B 95 -3.51 30.86 -0.01
C HIS B 95 -2.27 30.99 0.87
N ILE B 96 -1.97 32.21 1.36
CA ILE B 96 -0.76 32.31 2.18
C ILE B 96 -0.94 31.57 3.49
N GLU B 97 -2.14 31.55 4.04
CA GLU B 97 -2.35 30.78 5.26
C GLU B 97 -2.09 29.30 5.00
N ARG B 98 -2.52 28.80 3.83
CA ARG B 98 -2.33 27.39 3.51
C ARG B 98 -0.85 27.07 3.34
N LEU B 99 -0.14 27.97 2.67
CA LEU B 99 1.29 27.82 2.49
C LEU B 99 2.01 27.72 3.83
N LEU B 100 1.65 28.57 4.81
CA LEU B 100 2.37 28.54 6.06
C LEU B 100 1.99 27.35 6.91
N ASP B 101 0.74 26.91 6.82
CA ASP B 101 0.34 25.67 7.56
C ASP B 101 1.20 24.51 7.05
N GLY B 102 1.32 24.39 5.71
CA GLY B 102 2.10 23.29 5.12
C GLY B 102 3.56 23.36 5.52
N ALA B 103 4.11 24.58 5.54
CA ALA B 103 5.54 24.78 5.90
C ALA B 103 5.76 24.31 7.33
N ARG B 104 4.82 24.61 8.22
CA ARG B 104 4.96 24.22 9.64
C ARG B 104 5.00 22.68 9.71
N LYS B 105 4.16 22.02 8.91
CA LYS B 105 4.17 20.54 8.88
C LYS B 105 5.55 20.08 8.37
N LEU B 106 6.15 20.85 7.47
CA LEU B 106 7.48 20.49 6.92
C LEU B 106 8.59 21.04 7.84
N ARG B 107 8.24 21.60 9.01
CA ARG B 107 9.24 22.19 9.88
C ARG B 107 10.08 23.21 9.12
N LEU B 108 9.53 23.70 8.02
CA LEU B 108 10.12 24.75 7.24
C LEU B 108 9.70 26.08 7.84
N ALA B 109 10.65 26.98 8.03
CA ALA B 109 10.39 28.26 8.67
C ALA B 109 10.46 29.35 7.62
N SER B 110 9.44 30.25 7.63
CA SER B 110 9.40 31.30 6.62
C SER B 110 10.29 32.48 6.99
N PRO B 111 11.04 33.03 6.03
CA PRO B 111 11.79 34.26 6.30
C PRO B 111 10.88 35.44 6.61
N TYR B 112 9.75 35.55 5.93
CA TYR B 112 8.81 36.65 6.03
C TYR B 112 7.51 36.23 6.69
N ASP B 113 6.78 37.22 7.22
CA ASP B 113 5.44 36.96 7.73
C ASP B 113 4.41 37.01 6.59
N GLU B 114 3.19 36.58 6.93
CA GLU B 114 2.04 36.58 6.02
C GLU B 114 1.86 37.89 5.26
N THR B 115 1.65 38.98 6.02
CA THR B 115 1.55 40.32 5.44
C THR B 115 2.67 40.62 4.46
N GLU B 116 3.91 40.39 4.87
CA GLU B 116 5.05 40.65 4.00
C GLU B 116 4.94 39.88 2.69
N ILE B 117 4.57 38.59 2.78
CA ILE B 117 4.48 37.78 1.57
C ILE B 117 3.40 38.32 0.64
N ALA B 118 2.26 38.70 1.22
CA ALA B 118 1.17 39.27 0.42
C ALA B 118 1.63 40.54 -0.26
N GLU B 119 2.38 41.36 0.49
CA GLU B 119 2.91 42.62 -0.01
C GLU B 119 3.76 42.40 -1.26
N ILE B 120 4.63 41.38 -1.19
CA ILE B 120 5.50 41.10 -2.34
C ILE B 120 4.68 40.58 -3.50
N ALA B 121 3.69 39.73 -3.22
CA ALA B 121 2.89 39.18 -4.30
C ALA B 121 2.15 40.27 -5.05
N LYS B 122 1.54 41.21 -4.32
CA LYS B 122 0.72 42.20 -5.00
C LYS B 122 1.58 43.19 -5.75
N ARG B 123 2.75 43.52 -5.18
CA ARG B 123 3.64 44.38 -5.94
C ARG B 123 4.06 43.69 -7.23
N CYS B 124 4.33 42.38 -7.14
CA CYS B 124 4.72 41.62 -8.32
C CYS B 124 3.68 41.69 -9.42
N VAL B 125 2.41 41.57 -9.07
CA VAL B 125 1.42 41.69 -10.13
C VAL B 125 1.41 43.10 -10.66
N GLY B 126 1.62 44.08 -9.78
CA GLY B 126 1.64 45.46 -10.23
C GLY B 126 2.68 45.68 -11.30
N LEU B 127 3.92 45.25 -11.03
CA LEU B 127 4.98 45.51 -12.00
C LEU B 127 4.82 44.63 -13.23
N SER B 128 4.19 43.48 -13.05
CA SER B 128 3.84 42.63 -14.17
C SER B 128 2.91 43.36 -15.13
N GLN B 129 1.99 44.15 -14.57
CA GLN B 129 1.00 44.93 -15.36
C GLN B 129 -0.02 43.98 -16.01
N LEU B 130 -0.37 42.86 -15.35
CA LEU B 130 -1.28 41.91 -16.02
C LEU B 130 -2.63 41.89 -15.30
N ARG B 131 -3.72 42.20 -16.02
CA ARG B 131 -5.09 42.07 -15.44
C ARG B 131 -5.35 40.59 -15.14
N GLU B 132 -4.93 39.70 -16.05
CA GLU B 132 -5.10 38.24 -15.86
C GLU B 132 -3.71 37.63 -15.65
N ALA B 133 -3.49 36.96 -14.52
CA ALA B 133 -2.15 36.49 -14.24
C ALA B 133 -2.17 35.29 -13.28
N TYR B 134 -1.07 34.55 -13.34
CA TYR B 134 -0.77 33.38 -12.52
C TYR B 134 0.35 33.80 -11.56
N VAL B 135 0.10 33.68 -10.26
CA VAL B 135 1.05 34.11 -9.24
C VAL B 135 1.45 32.93 -8.39
N ASN B 136 2.76 32.71 -8.27
CA ASN B 136 3.32 31.58 -7.54
C ASN B 136 4.14 32.12 -6.38
N ILE B 137 3.91 31.55 -5.20
CA ILE B 137 4.72 31.78 -4.02
C ILE B 137 5.32 30.45 -3.62
N THR B 138 6.64 30.41 -3.49
CA THR B 138 7.39 29.20 -3.20
C THR B 138 8.23 29.43 -1.97
N LEU B 139 8.17 28.52 -1.02
CA LEU B 139 9.02 28.56 0.15
C LEU B 139 9.89 27.30 0.18
N THR B 140 11.21 27.47 0.17
CA THR B 140 12.12 26.35 0.05
C THR B 140 13.08 26.34 1.23
N ARG B 141 13.61 25.16 1.54
CA ARG B 141 14.51 25.07 2.69
C ARG B 141 15.77 25.89 2.49
N GLY B 142 16.17 26.15 1.24
CA GLY B 142 17.22 27.13 0.97
C GLY B 142 18.58 26.50 0.92
N TYR B 143 19.63 27.30 1.18
CA TYR B 143 21.02 26.86 1.17
C TYR B 143 21.76 27.48 2.35
N GLY B 144 22.75 26.73 2.85
CA GLY B 144 23.70 27.21 3.84
C GLY B 144 24.94 27.81 3.19
N LYS B 145 25.98 28.01 4.01
CA LYS B 145 27.25 28.52 3.48
C LYS B 145 27.90 27.58 2.46
N ARG B 146 28.25 26.35 2.86
CA ARG B 146 28.93 25.42 1.94
C ARG B 146 27.95 24.64 1.08
N LYS B 147 28.34 24.41 -0.18
CA LYS B 147 27.48 23.80 -1.19
C LYS B 147 27.06 22.39 -0.77
N GLY B 148 25.82 22.01 -1.10
CA GLY B 148 25.31 20.68 -0.77
C GLY B 148 25.16 20.36 0.71
N GLU B 149 25.15 21.36 1.59
CA GLU B 149 25.16 21.12 3.02
C GLU B 149 23.94 20.27 3.42
N LYS B 150 24.12 19.41 4.44
CA LYS B 150 23.12 18.41 4.84
C LYS B 150 22.51 18.74 6.20
N ASP B 151 22.84 19.89 6.78
CA ASP B 151 22.30 20.20 8.07
C ASP B 151 21.19 21.23 7.99
N LEU B 152 20.08 20.92 8.65
CA LEU B 152 18.93 21.81 8.67
C LEU B 152 19.32 23.12 9.34
N SER B 153 20.22 23.06 10.31
CA SER B 153 20.61 24.25 11.06
C SER B 153 21.25 25.30 10.16
N LYS B 154 22.13 24.87 9.26
CA LYS B 154 22.86 25.81 8.42
C LYS B 154 22.04 26.38 7.29
N LEU B 155 21.01 25.66 6.81
CA LEU B 155 20.20 26.23 5.75
C LEU B 155 19.30 27.33 6.31
N THR B 156 19.05 28.32 5.45
CA THR B 156 18.11 29.41 5.79
C THR B 156 17.08 29.41 4.70
N SER B 157 15.79 29.46 5.03
CA SER B 157 14.73 29.32 4.00
C SER B 157 14.76 30.49 3.01
N GLN B 158 14.48 30.19 1.73
CA GLN B 158 14.44 31.24 0.69
C GLN B 158 13.03 31.28 0.06
N ILE B 159 12.44 32.46 -0.07
CA ILE B 159 11.08 32.60 -0.67
C ILE B 159 11.21 33.14 -2.10
N TYR B 160 10.47 32.55 -3.04
CA TYR B 160 10.49 33.03 -4.41
C TYR B 160 9.07 33.32 -4.84
N VAL B 161 8.84 34.52 -5.42
CA VAL B 161 7.48 34.92 -5.83
C VAL B 161 7.52 35.34 -7.28
N TYR B 162 6.59 34.84 -8.10
CA TYR B 162 6.56 35.33 -9.47
C TYR B 162 5.14 35.44 -10.00
N ALA B 163 4.90 36.47 -10.82
CA ALA B 163 3.65 36.72 -11.52
C ALA B 163 3.86 36.70 -13.03
N ILE B 164 3.07 35.89 -13.73
CA ILE B 164 3.26 35.66 -15.17
C ILE B 164 1.90 35.62 -15.86
N PRO B 165 1.83 35.66 -17.21
CA PRO B 165 0.52 35.62 -17.88
C PRO B 165 -0.28 34.39 -17.48
N TYR B 166 -1.61 34.56 -17.43
CA TYR B 166 -2.50 33.53 -16.90
C TYR B 166 -2.25 32.17 -17.56
N LEU B 167 -2.25 31.11 -16.76
CA LEU B 167 -2.00 29.74 -17.23
C LEU B 167 -3.23 28.89 -16.99
N TRP B 168 -3.52 27.99 -17.95
CA TRP B 168 -4.75 27.21 -17.95
C TRP B 168 -4.44 25.74 -17.75
N ALA B 169 -4.83 25.19 -16.59
CA ALA B 169 -4.73 23.73 -16.43
C ALA B 169 -5.52 23.02 -17.52
N PHE B 170 -6.65 23.57 -17.93
CA PHE B 170 -7.43 23.09 -19.05
C PHE B 170 -7.71 24.29 -19.95
N PRO B 171 -7.77 24.09 -21.26
CA PRO B 171 -7.97 25.22 -22.17
C PRO B 171 -9.31 25.87 -21.93
N PRO B 172 -9.42 27.18 -22.18
CA PRO B 172 -10.69 27.88 -21.88
C PRO B 172 -11.90 27.28 -22.58
N TYR B 173 -11.72 26.85 -23.83
CA TYR B 173 -12.82 26.21 -24.53
C TYR B 173 -13.23 24.92 -23.85
N GLU B 174 -12.30 24.22 -23.25
CA GLU B 174 -12.66 23.04 -22.47
C GLU B 174 -13.35 23.45 -21.18
N GLN B 175 -12.96 24.58 -20.59
CA GLN B 175 -13.67 25.09 -19.42
C GLN B 175 -15.13 25.33 -19.71
N ILE B 176 -15.46 25.80 -20.91
CA ILE B 176 -16.88 25.99 -21.21
C ILE B 176 -17.57 24.69 -21.65
N PHE B 177 -16.89 23.83 -22.40
CA PHE B 177 -17.54 22.68 -23.02
C PHE B 177 -17.13 21.34 -22.43
N GLY B 178 -16.19 21.33 -21.50
CA GLY B 178 -15.78 20.10 -20.84
C GLY B 178 -14.51 19.50 -21.42
N THR B 179 -14.02 18.48 -20.72
CA THR B 179 -12.75 17.82 -21.02
C THR B 179 -12.92 16.32 -20.82
N SER B 180 -11.91 15.57 -21.27
CA SER B 180 -11.90 14.12 -21.24
C SER B 180 -10.88 13.59 -20.22
N ALA B 181 -11.21 12.48 -19.56
CA ALA B 181 -10.30 11.96 -18.54
C ALA B 181 -10.25 10.44 -18.57
N VAL B 182 -9.21 9.89 -17.94
CA VAL B 182 -9.09 8.46 -17.70
C VAL B 182 -8.73 8.22 -16.24
N VAL B 183 -9.02 7.02 -15.76
CA VAL B 183 -8.44 6.56 -14.51
C VAL B 183 -7.20 5.76 -14.90
N PRO B 184 -6.00 6.19 -14.52
CA PRO B 184 -4.79 5.54 -14.99
C PRO B 184 -4.63 4.21 -14.29
N ARG B 185 -4.29 3.19 -15.09
CA ARG B 185 -4.05 1.85 -14.59
C ARG B 185 -2.63 1.68 -14.10
N HIS B 186 -1.70 2.47 -14.59
CA HIS B 186 -0.29 2.22 -14.34
C HIS B 186 0.28 2.99 -13.16
N VAL B 187 -0.42 4.00 -12.67
CA VAL B 187 0.13 4.89 -11.66
C VAL B 187 -0.97 5.15 -10.65
N GLN B 188 -0.59 5.32 -9.40
CA GLN B 188 -1.52 5.65 -8.34
C GLN B 188 -0.99 6.89 -7.65
N ARG B 189 -1.86 7.60 -6.93
CA ARG B 189 -1.42 8.79 -6.22
C ARG B 189 -0.57 8.47 -4.98
N ALA B 190 0.43 9.34 -4.75
CA ALA B 190 1.32 9.18 -3.62
C ALA B 190 0.53 9.22 -2.33
N GLY B 191 0.87 8.29 -1.43
CA GLY B 191 0.11 8.15 -0.21
C GLY B 191 0.40 9.26 0.78
N ARG B 192 -0.50 9.39 1.75
CA ARG B 192 -0.33 10.40 2.77
C ARG B 192 0.96 10.20 3.56
N ASN B 193 1.34 8.94 3.81
CA ASN B 193 2.56 8.68 4.58
C ASN B 193 3.83 8.69 3.74
N THR B 194 3.78 8.87 2.43
CA THR B 194 5.04 8.83 1.71
C THR B 194 5.38 10.27 1.34
N ILE B 195 4.66 10.88 0.41
CA ILE B 195 4.80 12.30 0.12
C ILE B 195 3.41 12.88 0.22
N ASP B 196 3.16 13.65 1.28
CA ASP B 196 1.82 14.03 1.63
C ASP B 196 1.22 14.90 0.55
N PRO B 197 0.17 14.43 -0.14
CA PRO B 197 -0.49 15.26 -1.15
C PRO B 197 -1.13 16.48 -0.55
N THR B 198 -1.48 16.41 0.74
CA THR B 198 -2.14 17.50 1.46
C THR B 198 -1.22 18.69 1.70
N ILE B 199 0.08 18.53 1.44
CA ILE B 199 1.01 19.64 1.39
C ILE B 199 1.36 19.87 -0.06
N LYS B 200 1.06 21.06 -0.56
CA LYS B 200 1.25 21.34 -1.97
C LYS B 200 2.75 21.34 -2.28
N ASN B 201 3.14 20.55 -3.29
CA ASN B 201 4.55 20.21 -3.47
C ASN B 201 4.87 20.11 -4.95
N TYR B 202 6.17 20.12 -5.26
CA TYR B 202 6.61 20.04 -6.65
C TYR B 202 6.96 18.60 -7.08
N GLN B 203 6.76 17.62 -6.20
CA GLN B 203 7.16 16.23 -6.47
C GLN B 203 6.07 15.53 -7.27
N TRP B 204 6.14 15.69 -8.58
CA TRP B 204 5.06 15.34 -9.48
C TRP B 204 5.27 14.02 -10.21
N GLY B 205 6.18 13.17 -9.74
CA GLY B 205 6.50 11.97 -10.51
C GLY B 205 5.27 11.17 -10.87
N ASP B 206 4.41 10.88 -9.88
CA ASP B 206 3.17 10.15 -10.12
C ASP B 206 2.25 10.94 -11.05
N LEU B 207 2.14 12.26 -10.83
CA LEU B 207 1.25 13.08 -11.62
C LEU B 207 1.68 13.17 -13.08
N THR B 208 2.99 13.32 -13.32
CA THR B 208 3.50 13.34 -14.69
C THR B 208 3.26 12.01 -15.38
N ALA B 209 3.44 10.91 -14.62
CA ALA B 209 3.15 9.58 -15.15
C ALA B 209 1.69 9.48 -15.55
N ALA B 210 0.81 10.04 -14.73
CA ALA B 210 -0.60 10.01 -15.04
C ALA B 210 -0.87 10.73 -16.35
N SER B 211 -0.24 11.89 -16.54
CA SER B 211 -0.52 12.63 -17.77
C SER B 211 -0.02 11.89 -19.00
N PHE B 212 1.13 11.23 -18.88
CA PHE B 212 1.63 10.49 -20.03
C PHE B 212 0.65 9.38 -20.37
N GLU B 213 0.14 8.68 -19.33
CA GLU B 213 -0.82 7.61 -19.57
C GLU B 213 -2.10 8.15 -20.20
N ALA B 214 -2.54 9.32 -19.76
CA ALA B 214 -3.77 9.86 -20.32
C ALA B 214 -3.60 10.19 -21.79
N LYS B 215 -2.46 10.78 -22.16
CA LYS B 215 -2.35 11.13 -23.57
C LYS B 215 -2.09 9.92 -24.45
N ASP B 216 -1.46 8.86 -23.91
CA ASP B 216 -1.42 7.62 -24.69
C ASP B 216 -2.82 7.11 -24.92
N ARG B 217 -3.67 7.16 -23.89
CA ARG B 217 -5.06 6.78 -24.03
C ARG B 217 -5.90 7.82 -24.79
N GLY B 218 -5.32 8.92 -25.25
CA GLY B 218 -6.09 9.95 -25.92
C GLY B 218 -7.07 10.72 -25.08
N ALA B 219 -6.89 10.77 -23.76
CA ALA B 219 -7.65 11.67 -22.91
C ALA B 219 -6.81 12.88 -22.63
N ARG B 220 -7.44 13.92 -22.08
CA ARG B 220 -6.62 15.05 -21.72
C ARG B 220 -6.02 14.90 -20.34
N THR B 221 -6.67 14.17 -19.44
CA THR B 221 -6.10 14.03 -18.11
C THR B 221 -6.49 12.71 -17.46
N GLY B 222 -6.02 12.54 -16.23
CA GLY B 222 -6.27 11.33 -15.47
C GLY B 222 -6.70 11.70 -14.07
N ILE B 223 -7.66 10.93 -13.55
CA ILE B 223 -8.06 10.99 -12.14
C ILE B 223 -7.43 9.78 -11.44
N LEU B 224 -6.54 10.04 -10.49
CA LEU B 224 -5.79 8.96 -9.86
C LEU B 224 -6.54 8.40 -8.66
N LEU B 225 -6.16 7.20 -8.26
CA LEU B 225 -6.75 6.52 -7.12
C LEU B 225 -5.66 6.29 -6.08
N ASP B 226 -6.05 6.21 -4.81
CA ASP B 226 -5.07 5.98 -3.77
C ASP B 226 -4.86 4.49 -3.58
N ALA B 227 -4.12 4.15 -2.52
CA ALA B 227 -3.69 2.77 -2.30
C ALA B 227 -4.84 1.82 -2.01
N ASP B 228 -5.87 2.29 -1.32
CA ASP B 228 -7.02 1.45 -1.04
C ASP B 228 -7.98 1.39 -2.21
N GLY B 229 -7.70 2.13 -3.28
CA GLY B 229 -8.60 2.20 -4.41
C GLY B 229 -9.67 3.27 -4.39
N CYS B 230 -9.60 4.24 -3.48
CA CYS B 230 -10.50 5.38 -3.52
C CYS B 230 -9.94 6.49 -4.39
N VAL B 231 -10.84 7.35 -4.86
CA VAL B 231 -10.41 8.44 -5.72
C VAL B 231 -9.47 9.36 -4.94
N ALA B 232 -8.46 9.87 -5.61
CA ALA B 232 -7.52 10.79 -4.99
C ALA B 232 -7.63 12.16 -5.63
N GLU B 233 -6.84 12.47 -6.65
CA GLU B 233 -6.93 13.75 -7.37
C GLU B 233 -6.33 13.57 -8.75
N GLY B 234 -6.38 14.63 -9.54
CA GLY B 234 -5.69 14.66 -10.82
C GLY B 234 -4.38 15.42 -10.79
N PRO B 235 -3.66 15.41 -11.86
CA PRO B 235 -2.45 16.24 -11.89
C PRO B 235 -2.82 17.71 -11.84
N GLY B 236 -2.70 18.33 -10.69
CA GLY B 236 -2.99 19.74 -10.61
C GLY B 236 -4.42 20.10 -10.31
N PHE B 237 -5.29 19.15 -10.06
CA PHE B 237 -6.67 19.51 -9.77
C PHE B 237 -7.31 18.57 -8.78
N ASN B 238 -8.24 19.12 -8.00
CA ASN B 238 -9.17 18.32 -7.22
C ASN B 238 -10.32 17.82 -8.10
N VAL B 239 -10.94 16.73 -7.69
CA VAL B 239 -12.06 16.14 -8.44
C VAL B 239 -13.30 16.27 -7.56
N VAL B 240 -14.39 16.73 -8.16
CA VAL B 240 -15.66 16.82 -7.47
C VAL B 240 -16.65 15.96 -8.23
N VAL B 241 -17.37 15.12 -7.50
CA VAL B 241 -18.29 14.15 -8.06
C VAL B 241 -19.69 14.59 -7.72
N VAL B 242 -20.54 14.73 -8.73
CA VAL B 242 -21.95 15.15 -8.59
C VAL B 242 -22.83 13.94 -8.85
N LYS B 243 -23.58 13.53 -7.82
CA LYS B 243 -24.59 12.48 -7.98
C LYS B 243 -25.79 12.74 -7.10
N ASP B 244 -26.99 12.50 -7.67
CA ASP B 244 -28.24 12.70 -6.95
C ASP B 244 -28.29 14.09 -6.33
N GLY B 245 -27.87 15.09 -7.10
CA GLY B 245 -27.90 16.47 -6.65
C GLY B 245 -27.08 16.73 -5.42
N ALA B 246 -26.00 15.98 -5.24
CA ALA B 246 -25.07 16.19 -4.15
C ALA B 246 -23.65 16.17 -4.68
N LEU B 247 -22.76 16.86 -3.97
CA LEU B 247 -21.35 17.01 -4.32
C LEU B 247 -20.47 16.29 -3.30
N ALA B 248 -19.53 15.48 -3.78
CA ALA B 248 -18.56 14.82 -2.91
C ALA B 248 -17.15 15.03 -3.46
N SER B 249 -16.19 15.24 -2.57
CA SER B 249 -14.82 15.25 -3.06
C SER B 249 -13.91 14.48 -2.10
N PRO B 250 -12.84 13.86 -2.58
CA PRO B 250 -12.03 13.00 -1.70
C PRO B 250 -11.46 13.77 -0.51
N SER B 251 -11.53 13.16 0.67
CA SER B 251 -11.05 13.84 1.91
C SER B 251 -9.60 13.49 2.22
N ARG B 252 -9.04 12.46 1.58
CA ARG B 252 -7.66 12.01 1.92
C ARG B 252 -6.84 11.82 0.63
N ASN B 253 -5.52 11.93 0.73
CA ASN B 253 -4.64 11.76 -0.46
C ASN B 253 -5.02 12.79 -1.53
N ALA B 254 -5.35 14.01 -1.10
CA ALA B 254 -5.68 15.10 -2.05
C ALA B 254 -5.41 16.45 -1.39
N LEU B 255 -4.97 17.44 -2.14
CA LEU B 255 -4.76 18.76 -1.58
C LEU B 255 -6.08 19.38 -1.12
N PRO B 256 -6.08 20.12 -0.02
CA PRO B 256 -7.25 20.96 0.28
C PRO B 256 -7.19 22.22 -0.58
N GLY B 257 -7.80 22.15 -1.76
CA GLY B 257 -7.71 23.21 -2.76
C GLY B 257 -8.58 24.39 -2.35
N ILE B 258 -8.08 25.59 -2.63
CA ILE B 258 -8.91 26.75 -2.36
C ILE B 258 -10.09 26.81 -3.35
N THR B 259 -9.86 26.41 -4.60
CA THR B 259 -10.96 26.37 -5.56
C THR B 259 -12.04 25.39 -5.11
N ARG B 260 -11.64 24.24 -4.56
CA ARG B 260 -12.62 23.29 -4.05
C ARG B 260 -13.43 23.88 -2.90
N LYS B 261 -12.75 24.50 -1.94
CA LYS B 261 -13.47 25.14 -0.84
C LYS B 261 -14.48 26.17 -1.39
N THR B 262 -14.06 26.97 -2.38
CA THR B 262 -14.97 27.93 -2.98
C THR B 262 -16.17 27.24 -3.63
N VAL B 263 -15.94 26.16 -4.36
CA VAL B 263 -17.03 25.44 -5.01
C VAL B 263 -18.00 24.91 -3.96
N PHE B 264 -17.47 24.39 -2.85
CA PHE B 264 -18.34 23.92 -1.78
C PHE B 264 -19.12 25.09 -1.17
N GLU B 265 -18.48 26.26 -1.04
CA GLU B 265 -19.20 27.40 -0.48
C GLU B 265 -20.35 27.78 -1.37
N ILE B 266 -20.12 27.82 -2.67
CA ILE B 266 -21.20 28.12 -3.58
C ILE B 266 -22.31 27.09 -3.47
N ALA B 267 -21.94 25.82 -3.38
CA ALA B 267 -22.95 24.78 -3.29
C ALA B 267 -23.79 24.92 -2.03
N HIS B 268 -23.16 25.30 -0.92
CA HIS B 268 -23.93 25.44 0.32
C HIS B 268 -24.86 26.65 0.21
N ALA B 269 -24.40 27.73 -0.40
CA ALA B 269 -25.26 28.89 -0.61
C ALA B 269 -26.51 28.51 -1.43
N ARG B 270 -26.36 27.63 -2.42
CA ARG B 270 -27.52 27.17 -3.16
C ARG B 270 -28.33 26.12 -2.41
N GLY B 271 -27.85 25.70 -1.24
CA GLY B 271 -28.51 24.64 -0.49
C GLY B 271 -28.21 23.22 -0.94
N ILE B 272 -27.24 23.04 -1.84
CA ILE B 272 -26.81 21.71 -2.25
C ILE B 272 -25.90 21.07 -1.21
N SER B 273 -26.08 19.78 -0.96
CA SER B 273 -25.19 19.08 -0.05
C SER B 273 -23.80 18.93 -0.66
N ALA B 274 -22.76 19.37 0.06
CA ALA B 274 -21.36 19.18 -0.37
C ALA B 274 -20.56 18.62 0.79
N GLU B 275 -19.92 17.47 0.57
CA GLU B 275 -19.21 16.76 1.62
C GLU B 275 -17.85 16.26 1.16
N LEU B 276 -16.91 16.22 2.09
CA LEU B 276 -15.60 15.63 1.85
C LEU B 276 -15.56 14.24 2.47
N ARG B 277 -15.41 13.22 1.64
CA ARG B 277 -15.44 11.86 2.15
C ARG B 277 -14.60 11.02 1.21
N ASP B 278 -14.41 9.75 1.58
CA ASP B 278 -13.89 8.80 0.62
C ASP B 278 -14.89 8.66 -0.52
N VAL B 279 -14.38 8.60 -1.73
CA VAL B 279 -15.20 8.47 -2.93
C VAL B 279 -14.73 7.21 -3.63
N THR B 280 -15.61 6.22 -3.78
CA THR B 280 -15.21 5.00 -4.45
C THR B 280 -15.00 5.24 -5.95
N SER B 281 -14.16 4.40 -6.56
CA SER B 281 -14.03 4.43 -8.00
C SER B 281 -15.37 4.17 -8.67
N ARG B 282 -16.14 3.24 -8.09
CA ARG B 282 -17.48 2.95 -8.60
C ARG B 282 -18.31 4.21 -8.71
N GLU B 283 -18.22 5.07 -7.70
CA GLU B 283 -18.96 6.32 -7.76
C GLU B 283 -18.51 7.15 -8.92
N LEU B 284 -17.22 7.14 -9.18
CA LEU B 284 -16.68 7.92 -10.28
C LEU B 284 -17.33 7.50 -11.58
N TYR B 285 -17.46 6.19 -11.80
CA TYR B 285 -18.12 5.71 -13.02
C TYR B 285 -19.62 5.98 -13.02
N ASP B 286 -20.26 5.96 -11.85
CA ASP B 286 -21.70 6.11 -11.75
C ASP B 286 -22.16 7.57 -11.72
N ALA B 287 -21.24 8.54 -11.79
CA ALA B 287 -21.61 9.93 -11.49
C ALA B 287 -22.55 10.52 -12.52
N ASP B 288 -23.37 11.48 -12.07
CA ASP B 288 -24.16 12.30 -13.00
C ASP B 288 -23.26 13.32 -13.67
N GLU B 289 -22.51 14.08 -12.87
CA GLU B 289 -21.58 15.09 -13.37
C GLU B 289 -20.23 14.89 -12.68
N LEU B 290 -19.15 15.13 -13.42
CA LEU B 290 -17.80 15.16 -12.87
C LEU B 290 -17.16 16.52 -13.17
N MET B 291 -16.53 17.12 -12.17
CA MET B 291 -15.84 18.38 -12.39
C MET B 291 -14.43 18.28 -11.85
N ALA B 292 -13.54 19.03 -12.48
CA ALA B 292 -12.18 19.23 -12.00
C ALA B 292 -12.04 20.69 -11.58
N VAL B 293 -11.54 20.91 -10.37
CA VAL B 293 -11.44 22.25 -9.83
C VAL B 293 -9.99 22.56 -9.52
N THR B 294 -9.53 23.73 -9.93
CA THR B 294 -8.20 24.17 -9.58
C THR B 294 -8.12 25.68 -9.71
N THR B 295 -7.05 26.22 -9.15
CA THR B 295 -6.81 27.66 -9.20
C THR B 295 -6.57 28.14 -10.63
N ALA B 296 -5.91 27.36 -11.47
CA ALA B 296 -5.61 27.82 -12.83
C ALA B 296 -6.71 27.39 -13.79
N GLY B 297 -7.70 28.28 -14.00
CA GLY B 297 -8.82 28.01 -14.86
C GLY B 297 -10.11 27.71 -14.14
N GLY B 298 -10.06 27.53 -12.82
CA GLY B 298 -11.28 27.30 -12.07
C GLY B 298 -11.93 25.94 -12.27
N VAL B 299 -13.18 25.97 -12.77
CA VAL B 299 -14.09 24.82 -12.75
C VAL B 299 -14.25 24.26 -14.15
N THR B 300 -13.93 22.99 -14.31
CA THR B 300 -13.94 22.35 -15.60
C THR B 300 -14.86 21.15 -15.62
N PRO B 301 -15.83 21.09 -16.54
CA PRO B 301 -16.63 19.87 -16.66
C PRO B 301 -15.74 18.79 -17.25
N ILE B 302 -15.91 17.56 -16.75
CA ILE B 302 -15.26 16.38 -17.32
C ILE B 302 -16.39 15.61 -17.95
N THR B 303 -16.54 15.75 -19.25
CA THR B 303 -17.68 15.17 -19.94
C THR B 303 -17.52 13.70 -20.26
N SER B 304 -16.29 13.17 -20.33
CA SER B 304 -16.05 11.75 -20.66
C SER B 304 -15.06 11.14 -19.68
N LEU B 305 -15.31 9.91 -19.26
CA LEU B 305 -14.33 9.19 -18.45
C LEU B 305 -14.08 7.82 -19.07
N ASP B 306 -12.80 7.52 -19.33
CA ASP B 306 -12.43 6.25 -19.93
C ASP B 306 -13.13 6.06 -21.28
N GLY B 307 -13.21 7.13 -22.07
CA GLY B 307 -13.78 6.99 -23.39
C GLY B 307 -15.28 6.87 -23.42
N ALA B 308 -15.95 6.98 -22.29
CA ALA B 308 -17.39 6.88 -22.21
C ALA B 308 -17.96 8.21 -21.71
N ALA B 309 -19.16 8.54 -22.17
CA ALA B 309 -19.75 9.80 -21.79
C ALA B 309 -20.18 9.79 -20.33
N VAL B 310 -20.05 10.94 -19.69
CA VAL B 310 -20.48 11.16 -18.33
C VAL B 310 -21.85 11.80 -18.42
N GLY B 311 -22.90 11.03 -18.13
CA GLY B 311 -24.24 11.58 -18.25
C GLY B 311 -24.55 11.90 -19.69
N ASP B 312 -24.98 13.13 -19.93
CA ASP B 312 -25.39 13.55 -21.26
C ASP B 312 -24.23 13.54 -22.25
N GLY B 313 -23.00 13.66 -21.74
CA GLY B 313 -21.86 13.91 -22.58
C GLY B 313 -21.52 15.38 -22.67
N GLU B 314 -22.31 16.22 -22.03
CA GLU B 314 -22.17 17.66 -22.06
C GLU B 314 -22.11 18.14 -20.62
N PRO B 315 -21.61 19.34 -20.38
CA PRO B 315 -21.45 19.80 -19.00
C PRO B 315 -22.76 19.75 -18.22
N GLY B 316 -22.70 19.15 -17.03
CA GLY B 316 -23.87 19.02 -16.19
C GLY B 316 -24.38 20.36 -15.68
N PRO B 317 -25.67 20.41 -15.42
CA PRO B 317 -26.28 21.69 -14.99
C PRO B 317 -25.71 22.22 -13.69
N ILE B 318 -25.52 21.36 -12.68
CA ILE B 318 -24.94 21.84 -11.43
C ILE B 318 -23.51 22.34 -11.65
N THR B 319 -22.73 21.61 -12.47
CA THR B 319 -21.38 22.05 -12.80
C THR B 319 -21.42 23.42 -13.47
N VAL B 320 -22.36 23.59 -14.40
CA VAL B 320 -22.50 24.86 -15.12
C VAL B 320 -22.81 25.98 -14.14
N ALA B 321 -23.76 25.74 -13.25
CA ALA B 321 -24.13 26.78 -12.30
C ALA B 321 -22.93 27.17 -11.45
N ILE B 322 -22.22 26.16 -10.95
CA ILE B 322 -21.15 26.46 -10.02
C ILE B 322 -20.00 27.20 -10.72
N ARG B 323 -19.66 26.77 -11.93
CA ARG B 323 -18.64 27.46 -12.72
C ARG B 323 -19.03 28.90 -13.00
N ASP B 324 -20.25 29.12 -13.49
CA ASP B 324 -20.67 30.47 -13.86
C ASP B 324 -20.64 31.39 -12.65
N ARG B 325 -20.97 30.85 -11.47
CA ARG B 325 -20.91 31.75 -10.32
C ARG B 325 -19.50 31.96 -9.82
N PHE B 326 -18.60 30.99 -10.03
CA PHE B 326 -17.20 31.21 -9.68
C PHE B 326 -16.62 32.38 -10.47
N TRP B 327 -16.82 32.34 -11.80
CA TRP B 327 -16.32 33.45 -12.61
C TRP B 327 -16.99 34.75 -12.20
N ALA B 328 -18.29 34.70 -11.89
CA ALA B 328 -18.95 35.91 -11.41
C ALA B 328 -18.28 36.46 -10.15
N LEU B 329 -17.84 35.55 -9.26
CA LEU B 329 -17.22 35.96 -7.99
C LEU B 329 -15.97 36.78 -8.22
N MET B 330 -15.22 36.44 -9.27
CA MET B 330 -14.03 37.26 -9.50
C MET B 330 -14.37 38.74 -9.70
N ASP B 331 -15.54 39.05 -10.24
CA ASP B 331 -15.82 40.45 -10.54
C ASP B 331 -16.58 41.18 -9.45
N GLU B 332 -17.49 40.49 -8.77
CA GLU B 332 -18.23 41.16 -7.71
C GLU B 332 -17.32 41.52 -6.54
N PRO B 333 -17.46 42.71 -5.96
CA PRO B 333 -16.60 43.14 -4.84
C PRO B 333 -16.89 42.35 -3.56
N SER B 334 -15.82 41.91 -2.90
CA SER B 334 -16.00 41.09 -1.67
C SER B 334 -14.67 40.92 -0.94
N ASP B 335 -14.70 40.24 0.22
CA ASP B 335 -13.47 39.92 0.98
C ASP B 335 -12.59 39.02 0.11
N LEU B 336 -13.21 38.11 -0.65
CA LEU B 336 -12.44 37.11 -1.42
C LEU B 336 -11.54 37.79 -2.46
N ILE B 337 -12.00 38.84 -3.12
CA ILE B 337 -11.15 39.42 -4.20
C ILE B 337 -10.55 40.75 -3.74
N ASP B 338 -9.22 40.89 -3.89
CA ASP B 338 -8.54 42.17 -3.53
C ASP B 338 -8.07 42.81 -4.83
N THR B 339 -8.27 44.13 -4.98
CA THR B 339 -7.95 44.77 -6.27
C THR B 339 -6.49 45.14 -6.33
N ILE B 340 -5.73 44.52 -7.23
CA ILE B 340 -4.30 44.88 -7.40
C ILE B 340 -4.23 46.32 -7.91
N ARG B 341 -3.24 47.07 -7.44
CA ARG B 341 -3.07 48.48 -7.90
C ARG B 341 -1.84 48.53 -8.80
N TYR B 342 -1.98 49.09 -10.00
CA TYR B 342 -0.86 49.08 -10.97
C TYR B 342 -0.37 50.52 -11.17
N GLY C 21 -21.44 -40.04 -7.41
CA GLY C 21 -20.10 -40.64 -7.62
C GLY C 21 -19.17 -39.66 -8.30
N ALA C 22 -19.41 -39.35 -9.58
CA ALA C 22 -18.58 -38.38 -10.32
C ALA C 22 -17.11 -38.72 -10.13
N ILE C 23 -16.77 -40.02 -10.15
CA ILE C 23 -15.35 -40.44 -10.02
C ILE C 23 -14.54 -39.92 -11.21
N ARG C 24 -15.10 -39.96 -12.42
CA ARG C 24 -14.34 -39.55 -13.62
C ARG C 24 -15.18 -38.62 -14.51
N GLU C 25 -14.52 -37.74 -15.27
CA GLU C 25 -15.26 -36.86 -16.21
C GLU C 25 -14.60 -36.93 -17.60
N ASP C 26 -15.21 -36.31 -18.61
CA ASP C 26 -14.69 -36.42 -20.01
C ASP C 26 -13.41 -35.59 -20.19
N THR C 27 -12.44 -36.13 -20.93
CA THR C 27 -11.18 -35.43 -21.20
C THR C 27 -10.89 -35.57 -22.68
N PRO C 28 -10.13 -34.66 -23.32
CA PRO C 28 -9.91 -34.74 -24.77
C PRO C 28 -9.26 -36.06 -25.13
N PRO C 29 -9.70 -36.73 -26.21
CA PRO C 29 -9.19 -38.07 -26.48
C PRO C 29 -7.70 -38.12 -26.80
N GLY C 30 -7.23 -37.25 -27.69
CA GLY C 30 -5.79 -37.22 -27.92
C GLY C 30 -5.02 -36.74 -26.72
N SER C 31 -5.66 -35.94 -25.86
CA SER C 31 -4.98 -35.26 -24.76
C SER C 31 -4.11 -36.22 -23.95
N VAL C 32 -2.99 -35.71 -23.47
CA VAL C 32 -2.13 -36.42 -22.54
C VAL C 32 -2.83 -36.71 -21.22
N ILE C 33 -3.97 -36.10 -20.99
CA ILE C 33 -4.77 -36.30 -19.79
C ILE C 33 -5.88 -37.30 -20.06
N GLN C 34 -5.80 -38.47 -19.44
CA GLN C 34 -6.87 -39.49 -19.57
C GLN C 34 -7.16 -40.08 -18.18
N TYR C 35 -8.39 -39.93 -17.68
CA TYR C 35 -8.77 -40.46 -16.36
C TYR C 35 -8.70 -41.97 -16.37
N SER C 36 -8.23 -42.59 -15.28
CA SER C 36 -8.24 -44.07 -15.19
C SER C 36 -9.69 -44.56 -15.11
N ASP C 37 -9.98 -45.72 -15.68
CA ASP C 37 -11.37 -46.26 -15.67
C ASP C 37 -11.41 -47.49 -14.75
N TYR C 38 -12.34 -47.50 -13.80
CA TYR C 38 -12.39 -48.61 -12.80
C TYR C 38 -13.69 -48.59 -12.02
N GLU C 39 -13.84 -49.49 -11.06
CA GLU C 39 -15.04 -49.56 -10.21
C GLU C 39 -14.76 -49.46 -8.72
N LEU C 40 -15.67 -48.68 -8.06
CA LEU C 40 -15.73 -48.44 -6.61
C LEU C 40 -16.66 -49.45 -5.93
N ASP C 41 -16.12 -50.39 -5.19
CA ASP C 41 -16.98 -51.36 -4.54
C ASP C 41 -17.87 -50.63 -3.55
N THR C 42 -19.15 -50.43 -3.94
CA THR C 42 -20.01 -49.56 -3.14
C THR C 42 -20.36 -50.20 -1.82
N SER C 43 -19.88 -51.41 -1.55
CA SER C 43 -20.10 -51.98 -0.22
C SER C 43 -19.47 -51.11 0.85
N SER C 44 -18.21 -50.73 0.67
CA SER C 44 -17.51 -49.96 1.69
C SER C 44 -18.03 -48.52 1.67
N PRO C 45 -18.33 -47.94 2.82
CA PRO C 45 -18.71 -46.51 2.85
C PRO C 45 -17.57 -45.60 2.44
N TYR C 46 -16.33 -46.00 2.71
CA TYR C 46 -15.17 -45.20 2.37
C TYR C 46 -14.95 -45.04 0.86
N ALA C 47 -15.57 -45.90 0.04
CA ALA C 47 -15.37 -45.80 -1.40
C ALA C 47 -15.87 -44.47 -1.93
N GLY C 48 -14.97 -43.74 -2.62
CA GLY C 48 -15.32 -42.47 -3.21
C GLY C 48 -15.23 -41.29 -2.29
N GLY C 49 -15.12 -41.50 -0.98
CA GLY C 49 -14.92 -40.41 -0.05
C GLY C 49 -14.21 -40.83 1.22
N ALA C 50 -13.08 -40.19 1.54
CA ALA C 50 -12.35 -40.66 2.73
C ALA C 50 -11.76 -39.47 3.49
N ALA C 51 -12.22 -39.25 4.72
CA ALA C 51 -11.76 -38.07 5.49
C ALA C 51 -11.31 -38.48 6.89
N TRP C 52 -10.31 -37.78 7.44
CA TRP C 52 -9.91 -38.06 8.83
C TRP C 52 -10.32 -36.88 9.69
N ILE C 53 -11.17 -37.10 10.69
CA ILE C 53 -11.55 -36.01 11.63
C ILE C 53 -11.32 -36.50 13.07
N GLU C 54 -10.63 -35.71 13.90
CA GLU C 54 -10.45 -36.07 15.33
C GLU C 54 -9.81 -37.46 15.46
N GLY C 55 -8.86 -37.78 14.57
CA GLY C 55 -8.14 -39.07 14.68
C GLY C 55 -8.93 -40.25 14.15
N GLU C 56 -10.09 -40.01 13.52
CA GLU C 56 -10.93 -41.15 13.08
C GLU C 56 -11.13 -41.14 11.56
N TYR C 57 -10.88 -42.28 10.90
CA TYR C 57 -11.15 -42.37 9.43
C TYR C 57 -12.65 -42.42 9.27
N VAL C 58 -13.21 -41.63 8.35
CA VAL C 58 -14.67 -41.52 8.21
C VAL C 58 -15.04 -41.30 6.75
N PRO C 59 -16.25 -41.67 6.30
CA PRO C 59 -16.63 -41.34 4.92
C PRO C 59 -16.78 -39.84 4.77
N ALA C 60 -16.45 -39.36 3.58
CA ALA C 60 -16.32 -37.92 3.39
C ALA C 60 -17.62 -37.18 3.73
N SER C 61 -18.75 -37.70 3.26
CA SER C 61 -20.04 -37.10 3.61
C SER C 61 -20.22 -36.97 5.12
N GLU C 62 -19.67 -37.90 5.89
CA GLU C 62 -19.93 -37.84 7.32
C GLU C 62 -19.02 -36.88 8.04
N ALA C 63 -17.98 -36.39 7.38
CA ALA C 63 -16.96 -35.57 8.04
C ALA C 63 -17.49 -34.18 8.36
N ARG C 64 -17.25 -33.73 9.58
CA ARG C 64 -17.78 -32.48 10.12
C ARG C 64 -16.82 -31.93 11.14
N ILE C 65 -16.83 -30.61 11.33
CA ILE C 65 -15.92 -30.03 12.29
C ILE C 65 -16.70 -29.17 13.25
N SER C 66 -16.17 -29.00 14.46
CA SER C 66 -16.91 -28.24 15.45
C SER C 66 -16.94 -26.77 15.06
N ILE C 67 -18.13 -26.20 15.11
CA ILE C 67 -18.30 -24.78 14.80
C ILE C 67 -17.32 -23.93 15.61
N PHE C 68 -16.93 -24.37 16.80
CA PHE C 68 -16.11 -23.55 17.67
C PHE C 68 -14.61 -23.68 17.41
N ASP C 69 -14.21 -24.51 16.45
CA ASP C 69 -12.80 -24.55 16.09
C ASP C 69 -12.38 -23.20 15.51
N THR C 70 -11.35 -22.58 16.09
CA THR C 70 -10.99 -21.23 15.65
C THR C 70 -10.42 -21.18 14.24
N GLY C 71 -10.11 -22.31 13.62
CA GLY C 71 -9.71 -22.24 12.22
C GLY C 71 -10.87 -21.83 11.32
N PHE C 72 -12.09 -22.05 11.75
CA PHE C 72 -13.27 -21.49 11.12
C PHE C 72 -13.77 -20.41 12.06
N GLY C 73 -13.15 -19.27 12.00
CA GLY C 73 -13.63 -18.25 12.92
C GLY C 73 -12.57 -17.20 12.97
N HIS C 74 -11.34 -17.66 12.79
CA HIS C 74 -10.17 -16.82 12.59
C HIS C 74 -9.43 -17.19 11.32
N SER C 75 -9.94 -18.15 10.56
CA SER C 75 -9.25 -18.81 9.46
C SER C 75 -7.81 -19.06 9.91
N ASP C 76 -7.68 -19.49 11.17
CA ASP C 76 -6.40 -19.73 11.82
C ASP C 76 -5.89 -21.12 11.44
N LEU C 77 -5.49 -21.26 10.18
CA LEU C 77 -5.13 -22.57 9.65
C LEU C 77 -4.14 -22.42 8.50
N THR C 78 -3.42 -23.49 8.22
CA THR C 78 -2.67 -23.60 6.98
C THR C 78 -2.96 -24.97 6.40
N TYR C 79 -3.02 -25.05 5.08
CA TYR C 79 -3.40 -26.28 4.41
C TYR C 79 -2.48 -26.50 3.23
N THR C 80 -2.45 -27.73 2.75
CA THR C 80 -1.87 -28.05 1.45
C THR C 80 -2.78 -29.03 0.74
N VAL C 81 -2.69 -29.03 -0.59
CA VAL C 81 -3.44 -29.96 -1.43
C VAL C 81 -2.46 -30.73 -2.28
N ALA C 82 -2.63 -32.04 -2.34
CA ALA C 82 -1.82 -32.91 -3.17
C ALA C 82 -2.77 -33.64 -4.11
N HIS C 83 -2.30 -33.95 -5.30
CA HIS C 83 -3.18 -34.59 -6.26
C HIS C 83 -2.63 -35.99 -6.54
N VAL C 84 -3.52 -36.95 -6.64
CA VAL C 84 -3.16 -38.31 -6.99
C VAL C 84 -3.73 -38.62 -8.39
N TRP C 85 -2.84 -39.06 -9.28
CA TRP C 85 -3.18 -39.43 -10.65
C TRP C 85 -2.78 -40.87 -10.88
N HIS C 86 -3.65 -41.65 -11.52
CA HIS C 86 -3.41 -43.07 -11.80
C HIS C 86 -3.07 -43.74 -10.47
N GLY C 87 -1.97 -44.46 -10.35
CA GLY C 87 -1.77 -44.97 -9.01
C GLY C 87 -0.97 -44.08 -8.10
N ASN C 88 -0.22 -43.14 -8.66
CA ASN C 88 0.78 -42.38 -7.92
C ASN C 88 0.24 -41.07 -7.35
N ILE C 89 0.60 -40.78 -6.07
CA ILE C 89 0.50 -39.43 -5.49
C ILE C 89 1.76 -38.64 -5.81
N PHE C 90 1.60 -37.33 -6.00
CA PHE C 90 2.66 -36.48 -6.53
C PHE C 90 3.29 -35.62 -5.43
N ARG C 91 4.60 -35.73 -5.30
CA ARG C 91 5.43 -34.94 -4.38
C ARG C 91 4.79 -34.72 -3.01
N LEU C 92 4.31 -35.81 -2.40
CA LEU C 92 3.60 -35.67 -1.13
C LEU C 92 4.51 -35.13 -0.02
N ALA C 93 5.79 -35.52 -0.06
CA ALA C 93 6.73 -35.11 0.97
C ALA C 93 6.96 -33.61 0.95
N ASP C 94 7.11 -33.07 -0.25
CA ASP C 94 7.29 -31.63 -0.46
C ASP C 94 6.09 -30.88 0.09
N HIS C 95 4.89 -31.38 -0.21
CA HIS C 95 3.67 -30.72 0.24
C HIS C 95 3.60 -30.66 1.75
N ILE C 96 3.90 -31.77 2.42
CA ILE C 96 3.82 -31.73 3.88
C ILE C 96 4.92 -30.87 4.48
N GLU C 97 6.10 -30.87 3.86
CA GLU C 97 7.17 -30.00 4.34
C GLU C 97 6.76 -28.54 4.27
N ARG C 98 6.12 -28.13 3.16
CA ARG C 98 5.65 -26.76 3.02
C ARG C 98 4.52 -26.47 4.01
N LEU C 99 3.64 -27.45 4.21
CA LEU C 99 2.55 -27.30 5.16
C LEU C 99 3.07 -26.97 6.54
N LEU C 100 4.09 -27.71 6.99
CA LEU C 100 4.57 -27.47 8.33
C LEU C 100 5.46 -26.24 8.42
N ASP C 101 6.13 -25.90 7.32
CA ASP C 101 6.95 -24.65 7.32
C ASP C 101 6.02 -23.46 7.54
N GLY C 102 4.88 -23.44 6.84
CA GLY C 102 3.91 -22.35 7.01
C GLY C 102 3.38 -22.34 8.43
N ALA C 103 3.09 -23.52 8.96
CA ALA C 103 2.55 -23.63 10.33
C ALA C 103 3.58 -23.06 11.31
N ARG C 104 4.87 -23.32 11.07
CA ARG C 104 5.91 -22.85 12.00
C ARG C 104 5.87 -21.31 12.01
N LYS C 105 5.71 -20.70 10.84
CA LYS C 105 5.56 -19.23 10.78
C LYS C 105 4.27 -18.84 11.52
N LEU C 106 3.21 -19.63 11.33
CA LEU C 106 1.91 -19.35 11.99
C LEU C 106 2.01 -19.72 13.48
N ARG C 107 3.20 -20.14 13.93
CA ARG C 107 3.38 -20.55 15.32
C ARG C 107 2.38 -21.63 15.70
N LEU C 108 1.90 -22.35 14.69
CA LEU C 108 1.01 -23.48 14.82
C LEU C 108 1.84 -24.76 14.84
N ALA C 109 1.56 -25.64 15.79
CA ALA C 109 2.30 -26.87 15.96
C ALA C 109 1.42 -28.05 15.57
N SER C 110 1.99 -28.97 14.81
CA SER C 110 1.24 -30.12 14.34
C SER C 110 1.07 -31.15 15.44
N PRO C 111 -0.12 -31.73 15.60
CA PRO C 111 -0.24 -32.88 16.52
C PRO C 111 0.54 -34.10 16.04
N TYR C 112 0.55 -34.36 14.74
CA TYR C 112 1.17 -35.56 14.17
C TYR C 112 2.41 -35.19 13.39
N ASP C 113 3.30 -36.16 13.28
CA ASP C 113 4.57 -35.93 12.62
C ASP C 113 4.43 -36.01 11.09
N GLU C 114 5.43 -35.49 10.37
CA GLU C 114 5.44 -35.54 8.91
C GLU C 114 5.17 -36.95 8.39
N THR C 115 6.01 -37.90 8.78
CA THR C 115 5.75 -39.32 8.51
C THR C 115 4.32 -39.71 8.84
N GLU C 116 3.86 -39.40 10.06
CA GLU C 116 2.50 -39.76 10.42
C GLU C 116 1.51 -39.13 9.46
N ILE C 117 1.74 -37.86 9.11
CA ILE C 117 0.81 -37.14 8.25
C ILE C 117 0.72 -37.80 6.90
N ALA C 118 1.87 -38.19 6.35
CA ALA C 118 1.88 -38.88 5.07
C ALA C 118 1.10 -40.18 5.16
N GLU C 119 1.28 -40.90 6.27
CA GLU C 119 0.55 -42.14 6.46
C GLU C 119 -0.96 -41.91 6.43
N ILE C 120 -1.44 -40.85 7.08
CA ILE C 120 -2.90 -40.65 7.06
C ILE C 120 -3.39 -40.30 5.67
N ALA C 121 -2.64 -39.45 4.96
CA ALA C 121 -3.12 -39.06 3.64
C ALA C 121 -3.22 -40.27 2.72
N LYS C 122 -2.19 -41.12 2.71
CA LYS C 122 -2.24 -42.24 1.78
C LYS C 122 -3.25 -43.27 2.23
N ARG C 123 -3.48 -43.41 3.53
CA ARG C 123 -4.57 -44.29 3.95
C ARG C 123 -5.89 -43.75 3.44
N CYS C 124 -6.12 -42.44 3.59
CA CYS C 124 -7.38 -41.86 3.12
C CYS C 124 -7.58 -42.10 1.63
N VAL C 125 -6.53 -41.94 0.83
CA VAL C 125 -6.72 -42.18 -0.60
C VAL C 125 -7.02 -43.66 -0.86
N GLY C 126 -6.38 -44.55 -0.10
CA GLY C 126 -6.63 -45.98 -0.24
C GLY C 126 -8.08 -46.36 0.02
N LEU C 127 -8.67 -45.83 1.10
CA LEU C 127 -10.05 -46.19 1.39
C LEU C 127 -11.03 -45.48 0.45
N SER C 128 -10.66 -44.31 -0.08
CA SER C 128 -11.42 -43.73 -1.18
C SER C 128 -11.45 -44.66 -2.38
N GLN C 129 -10.33 -45.35 -2.63
CA GLN C 129 -10.11 -46.21 -3.80
C GLN C 129 -10.05 -45.41 -5.07
N LEU C 130 -9.67 -44.15 -4.97
CA LEU C 130 -9.63 -43.28 -6.13
C LEU C 130 -8.21 -43.32 -6.65
N ARG C 131 -8.04 -43.67 -7.93
CA ARG C 131 -6.73 -43.52 -8.52
C ARG C 131 -6.49 -42.10 -9.06
N GLU C 132 -7.55 -41.34 -9.33
CA GLU C 132 -7.44 -39.90 -9.53
C GLU C 132 -8.27 -39.20 -8.46
N ALA C 133 -7.60 -38.41 -7.63
CA ALA C 133 -8.27 -37.79 -6.48
C ALA C 133 -7.51 -36.54 -6.05
N TYR C 134 -8.22 -35.74 -5.27
CA TYR C 134 -7.74 -34.51 -4.67
C TYR C 134 -7.69 -34.71 -3.15
N VAL C 135 -6.51 -34.58 -2.55
CA VAL C 135 -6.35 -34.79 -1.12
C VAL C 135 -5.93 -33.48 -0.48
N ASN C 136 -6.60 -33.15 0.62
CA ASN C 136 -6.43 -31.92 1.35
C ASN C 136 -5.91 -32.25 2.75
N ILE C 137 -4.83 -31.59 3.17
CA ILE C 137 -4.43 -31.67 4.58
C ILE C 137 -4.50 -30.26 5.16
N THR C 138 -5.27 -30.08 6.22
CA THR C 138 -5.33 -28.78 6.86
C THR C 138 -5.04 -28.88 8.35
N LEU C 139 -4.23 -27.96 8.83
CA LEU C 139 -3.88 -27.84 10.24
C LEU C 139 -4.52 -26.57 10.78
N THR C 140 -5.26 -26.72 11.87
CA THR C 140 -6.03 -25.65 12.47
C THR C 140 -5.60 -25.49 13.93
N ARG C 141 -5.75 -24.25 14.44
CA ARG C 141 -5.41 -23.95 15.83
C ARG C 141 -6.31 -24.69 16.80
N GLY C 142 -7.48 -25.07 16.35
CA GLY C 142 -8.33 -26.01 17.06
C GLY C 142 -9.31 -25.32 17.98
N TYR C 143 -9.93 -26.12 18.85
CA TYR C 143 -11.00 -25.56 19.71
C TYR C 143 -10.62 -25.64 21.17
N GLY C 144 -10.94 -24.59 21.94
CA GLY C 144 -10.70 -24.59 23.39
C GLY C 144 -11.71 -25.48 24.06
N LYS C 145 -11.43 -25.96 25.28
CA LYS C 145 -12.47 -26.73 26.00
C LYS C 145 -13.65 -25.77 26.19
N ARG C 146 -13.39 -24.51 26.55
CA ARG C 146 -14.49 -23.52 26.58
C ARG C 146 -14.95 -23.31 25.14
N LYS C 147 -16.25 -23.14 24.88
CA LYS C 147 -16.70 -23.07 23.47
C LYS C 147 -16.09 -21.85 22.77
N GLY C 148 -16.04 -20.70 23.44
CA GLY C 148 -15.51 -19.47 22.82
C GLY C 148 -14.05 -19.23 23.12
N GLU C 149 -13.40 -20.14 23.85
CA GLU C 149 -12.01 -19.85 24.30
C GLU C 149 -11.04 -19.69 23.12
N LYS C 150 -10.12 -18.73 23.22
CA LYS C 150 -9.09 -18.53 22.17
C LYS C 150 -7.76 -18.28 22.89
N ASP C 151 -7.23 -19.30 23.58
CA ASP C 151 -5.99 -19.13 24.40
C ASP C 151 -4.97 -20.06 23.75
N LEU C 152 -3.73 -19.61 23.55
CA LEU C 152 -2.81 -20.48 22.78
C LEU C 152 -2.61 -21.81 23.56
N SER C 153 -2.45 -21.74 24.89
CA SER C 153 -2.37 -23.01 25.66
C SER C 153 -3.70 -23.78 25.58
N LYS C 154 -4.83 -23.08 25.70
CA LYS C 154 -6.16 -23.75 25.70
C LYS C 154 -6.42 -24.42 24.35
N LEU C 155 -6.07 -23.75 23.25
CA LEU C 155 -6.40 -24.29 21.91
C LEU C 155 -5.46 -25.47 21.61
N THR C 156 -6.04 -26.61 21.19
CA THR C 156 -5.17 -27.71 20.77
C THR C 156 -5.34 -27.98 19.29
N SER C 157 -4.22 -28.09 18.59
CA SER C 157 -4.21 -28.14 17.15
C SER C 157 -4.96 -29.36 16.64
N GLN C 158 -5.60 -29.20 15.50
CA GLN C 158 -6.29 -30.30 14.86
C GLN C 158 -5.86 -30.43 13.40
N ILE C 159 -5.59 -31.66 12.97
CA ILE C 159 -5.18 -31.93 11.60
C ILE C 159 -6.30 -32.76 10.98
N TYR C 160 -6.73 -32.36 9.78
CA TYR C 160 -7.85 -32.94 9.05
C TYR C 160 -7.32 -33.30 7.66
N VAL C 161 -7.55 -34.53 7.20
CA VAL C 161 -7.10 -34.97 5.89
C VAL C 161 -8.29 -35.52 5.13
N TYR C 162 -8.48 -35.12 3.88
CA TYR C 162 -9.52 -35.80 3.11
C TYR C 162 -9.06 -36.09 1.67
N ALA C 163 -9.54 -37.21 1.16
CA ALA C 163 -9.35 -37.60 -0.24
C ALA C 163 -10.72 -37.67 -0.91
N ILE C 164 -10.87 -36.93 -2.00
CA ILE C 164 -12.17 -36.69 -2.65
C ILE C 164 -11.94 -36.81 -4.15
N PRO C 165 -13.01 -37.00 -4.95
CA PRO C 165 -12.81 -37.14 -6.40
C PRO C 165 -12.15 -35.90 -6.99
N TYR C 166 -11.26 -36.14 -7.96
CA TYR C 166 -10.37 -35.09 -8.47
C TYR C 166 -11.13 -33.82 -8.80
N LEU C 167 -10.52 -32.69 -8.44
CA LEU C 167 -11.11 -31.37 -8.64
C LEU C 167 -10.26 -30.59 -9.62
N TRP C 168 -10.92 -29.79 -10.47
CA TRP C 168 -10.25 -29.03 -11.53
C TRP C 168 -10.42 -27.52 -11.31
N ALA C 169 -9.32 -26.84 -11.06
CA ALA C 169 -9.36 -25.38 -11.11
C ALA C 169 -9.77 -24.91 -12.49
N PHE C 170 -9.30 -25.59 -13.52
CA PHE C 170 -9.74 -25.36 -14.90
C PHE C 170 -10.12 -26.70 -15.53
N PRO C 171 -11.22 -26.72 -16.31
CA PRO C 171 -11.68 -27.98 -16.88
C PRO C 171 -10.66 -28.58 -17.80
N PRO C 172 -10.63 -29.90 -17.93
CA PRO C 172 -9.60 -30.57 -18.74
C PRO C 172 -9.56 -30.12 -20.20
N TYR C 173 -10.72 -29.84 -20.80
CA TYR C 173 -10.68 -29.34 -22.16
C TYR C 173 -10.01 -27.98 -22.21
N GLU C 174 -10.21 -27.18 -21.16
CA GLU C 174 -9.56 -25.88 -21.04
C GLU C 174 -8.05 -26.05 -20.84
N GLN C 175 -7.66 -27.07 -20.09
CA GLN C 175 -6.24 -27.37 -19.97
C GLN C 175 -5.63 -27.69 -21.32
N ILE C 176 -6.35 -28.38 -22.19
CA ILE C 176 -5.75 -28.65 -23.51
C ILE C 176 -5.85 -27.46 -24.47
N PHE C 177 -6.92 -26.67 -24.41
CA PHE C 177 -7.12 -25.60 -25.39
C PHE C 177 -6.91 -24.20 -24.85
N GLY C 178 -6.76 -24.02 -23.54
CA GLY C 178 -6.53 -22.72 -22.93
C GLY C 178 -7.78 -22.10 -22.30
N THR C 179 -7.55 -20.99 -21.61
CA THR C 179 -8.60 -20.31 -20.84
C THR C 179 -8.42 -18.80 -20.95
N SER C 180 -9.44 -18.07 -20.51
CA SER C 180 -9.47 -16.62 -20.56
C SER C 180 -9.31 -16.01 -19.16
N ALA C 181 -8.64 -14.86 -19.09
CA ALA C 181 -8.41 -14.16 -17.82
C ALA C 181 -8.53 -12.66 -18.00
N VAL C 182 -8.77 -11.95 -16.90
CA VAL C 182 -8.68 -10.49 -16.89
C VAL C 182 -7.83 -10.05 -15.71
N VAL C 183 -7.25 -8.86 -15.79
CA VAL C 183 -6.63 -8.24 -14.62
C VAL C 183 -7.71 -7.41 -13.93
N PRO C 184 -8.07 -7.75 -12.71
CA PRO C 184 -9.20 -7.07 -12.05
C PRO C 184 -8.79 -5.68 -11.59
N ARG C 185 -9.65 -4.73 -11.90
CA ARG C 185 -9.51 -3.34 -11.50
C ARG C 185 -10.01 -3.06 -10.09
N HIS C 186 -10.86 -3.90 -9.54
CA HIS C 186 -11.56 -3.53 -8.32
C HIS C 186 -10.89 -4.06 -7.09
N VAL C 187 -9.99 -5.04 -7.24
CA VAL C 187 -9.42 -5.71 -6.08
C VAL C 187 -7.97 -6.09 -6.41
N GLN C 188 -7.15 -6.08 -5.38
CA GLN C 188 -5.72 -6.33 -5.43
C GLN C 188 -5.41 -7.49 -4.48
N ARG C 189 -4.30 -8.18 -4.73
CA ARG C 189 -3.94 -9.30 -3.87
C ARG C 189 -3.47 -8.84 -2.49
N ALA C 190 -3.77 -9.65 -1.47
CA ALA C 190 -3.39 -9.35 -0.10
C ALA C 190 -1.88 -9.27 0.00
N GLY C 191 -1.38 -8.22 0.67
CA GLY C 191 0.05 -8.04 0.77
C GLY C 191 0.67 -8.97 1.78
N ARG C 192 1.99 -9.14 1.66
CA ARG C 192 2.70 -10.04 2.57
C ARG C 192 2.62 -9.60 4.03
N ASN C 193 2.51 -8.29 4.31
CA ASN C 193 2.42 -7.80 5.69
C ASN C 193 1.01 -7.78 6.26
N THR C 194 -0.01 -8.23 5.53
CA THR C 194 -1.38 -8.29 6.06
C THR C 194 -1.85 -9.72 6.25
N ILE C 195 -2.04 -10.48 5.17
CA ILE C 195 -2.24 -11.93 5.26
C ILE C 195 -1.28 -12.59 4.27
N ASP C 196 -0.25 -13.23 4.80
CA ASP C 196 0.87 -13.67 3.98
C ASP C 196 0.36 -14.65 2.93
N PRO C 197 0.39 -14.25 1.66
CA PRO C 197 0.01 -15.16 0.58
C PRO C 197 0.95 -16.34 0.44
N THR C 198 2.17 -16.23 0.95
CA THR C 198 3.15 -17.30 0.89
C THR C 198 2.88 -18.44 1.86
N ILE C 199 1.90 -18.28 2.75
CA ILE C 199 1.37 -19.37 3.57
C ILE C 199 -0.04 -19.70 3.06
N LYS C 200 -0.25 -20.92 2.58
CA LYS C 200 -1.56 -21.26 2.04
C LYS C 200 -2.65 -21.15 3.10
N ASN C 201 -3.72 -20.43 2.75
CA ASN C 201 -4.80 -20.08 3.67
C ASN C 201 -6.13 -20.25 2.96
N TYR C 202 -7.20 -20.21 3.76
CA TYR C 202 -8.59 -20.25 3.32
C TYR C 202 -9.18 -18.85 3.20
N GLN C 203 -8.36 -17.82 3.35
CA GLN C 203 -8.82 -16.44 3.36
C GLN C 203 -8.89 -15.94 1.92
N TRP C 204 -10.03 -16.19 1.27
CA TRP C 204 -10.15 -15.98 -0.18
C TRP C 204 -10.90 -14.70 -0.51
N GLY C 205 -11.10 -13.80 0.46
CA GLY C 205 -11.93 -12.64 0.21
C GLY C 205 -11.52 -11.85 -1.03
N ASP C 206 -10.23 -11.56 -1.16
CA ASP C 206 -9.73 -10.89 -2.36
C ASP C 206 -9.84 -11.77 -3.59
N LEU C 207 -9.51 -13.06 -3.46
CA LEU C 207 -9.59 -13.97 -4.61
C LEU C 207 -11.03 -14.13 -5.07
N THR C 208 -11.95 -14.25 -4.11
CA THR C 208 -13.36 -14.36 -4.43
C THR C 208 -13.85 -13.13 -5.15
N ALA C 209 -13.46 -11.96 -4.66
CA ALA C 209 -13.87 -10.74 -5.34
C ALA C 209 -13.36 -10.72 -6.76
N ALA C 210 -12.11 -11.18 -6.96
CA ALA C 210 -11.55 -11.20 -8.31
C ALA C 210 -12.37 -12.09 -9.22
N SER C 211 -12.74 -13.28 -8.74
CA SER C 211 -13.53 -14.17 -9.58
C SER C 211 -14.88 -13.55 -9.91
N PHE C 212 -15.43 -12.83 -8.97
CA PHE C 212 -16.69 -12.16 -9.21
C PHE C 212 -16.52 -11.11 -10.30
N GLU C 213 -15.41 -10.35 -10.24
CA GLU C 213 -15.13 -9.37 -11.31
C GLU C 213 -14.88 -10.07 -12.64
N ALA C 214 -14.17 -11.20 -12.65
CA ALA C 214 -13.91 -11.88 -13.92
C ALA C 214 -15.20 -12.39 -14.54
N LYS C 215 -16.13 -12.85 -13.69
CA LYS C 215 -17.36 -13.35 -14.26
C LYS C 215 -18.21 -12.21 -14.79
N ASP C 216 -18.14 -11.02 -14.17
CA ASP C 216 -18.78 -9.88 -14.83
C ASP C 216 -18.09 -9.54 -16.15
N ARG C 217 -16.77 -9.56 -16.18
CA ARG C 217 -16.06 -9.32 -17.42
C ARG C 217 -16.22 -10.48 -18.40
N GLY C 218 -16.89 -11.55 -17.99
CA GLY C 218 -17.06 -12.73 -18.83
C GLY C 218 -15.79 -13.48 -19.15
N ALA C 219 -14.74 -13.34 -18.33
CA ALA C 219 -13.57 -14.21 -18.43
C ALA C 219 -13.72 -15.31 -17.40
N ARG C 220 -12.90 -16.36 -17.55
CA ARG C 220 -13.07 -17.43 -16.59
C ARG C 220 -12.31 -17.15 -15.30
N THR C 221 -11.25 -16.36 -15.36
CA THR C 221 -10.48 -16.09 -14.16
C THR C 221 -9.88 -14.68 -14.18
N GLY C 222 -9.10 -14.40 -13.14
CA GLY C 222 -8.47 -13.13 -12.94
C GLY C 222 -7.01 -13.31 -12.52
N ILE C 223 -6.13 -12.45 -13.02
CA ILE C 223 -4.76 -12.37 -12.52
C ILE C 223 -4.65 -11.11 -11.66
N LEU C 224 -4.44 -11.27 -10.36
CA LEU C 224 -4.42 -10.09 -9.50
C LEU C 224 -3.03 -9.47 -9.39
N LEU C 225 -3.03 -8.25 -8.93
CA LEU C 225 -1.83 -7.44 -8.82
C LEU C 225 -1.60 -7.09 -7.35
N ASP C 226 -0.35 -6.79 -7.01
CA ASP C 226 -0.04 -6.37 -5.65
C ASP C 226 -0.11 -4.85 -5.52
N ALA C 227 0.29 -4.37 -4.35
CA ALA C 227 0.20 -2.95 -4.02
C ALA C 227 1.10 -2.09 -4.90
N ASP C 228 2.24 -2.63 -5.33
CA ASP C 228 3.10 -1.86 -6.21
C ASP C 228 2.73 -1.97 -7.69
N GLY C 229 1.72 -2.76 -8.02
CA GLY C 229 1.37 -2.94 -9.41
C GLY C 229 2.12 -4.03 -10.14
N CYS C 230 2.80 -4.91 -9.41
CA CYS C 230 3.39 -6.12 -9.98
C CYS C 230 2.39 -7.25 -9.89
N VAL C 231 2.60 -8.26 -10.74
CA VAL C 231 1.75 -9.43 -10.74
C VAL C 231 1.90 -10.16 -9.42
N ALA C 232 0.78 -10.65 -8.88
CA ALA C 232 0.82 -11.46 -7.67
C ALA C 232 0.50 -12.88 -8.04
N GLU C 233 -0.75 -13.32 -7.94
CA GLU C 233 -1.13 -14.65 -8.34
C GLU C 233 -2.61 -14.60 -8.67
N GLY C 234 -3.16 -15.69 -9.20
CA GLY C 234 -4.59 -15.78 -9.39
C GLY C 234 -5.24 -16.56 -8.27
N PRO C 235 -6.58 -16.58 -8.22
CA PRO C 235 -7.23 -17.38 -7.17
C PRO C 235 -6.97 -18.86 -7.38
N GLY C 236 -6.07 -19.42 -6.57
CA GLY C 236 -5.76 -20.83 -6.63
C GLY C 236 -4.65 -21.24 -7.55
N PHE C 237 -3.99 -20.30 -8.23
CA PHE C 237 -2.91 -20.68 -9.15
C PHE C 237 -1.81 -19.65 -9.18
N ASN C 238 -0.59 -20.14 -9.41
CA ASN C 238 0.53 -19.30 -9.76
C ASN C 238 0.47 -18.96 -11.24
N VAL C 239 1.11 -17.87 -11.60
CA VAL C 239 1.16 -17.40 -12.98
C VAL C 239 2.59 -17.47 -13.48
N VAL C 240 2.76 -18.03 -14.68
CA VAL C 240 4.06 -18.09 -15.33
C VAL C 240 3.96 -17.37 -16.67
N VAL C 241 4.97 -16.56 -16.97
CA VAL C 241 5.00 -15.74 -18.18
C VAL C 241 6.16 -16.18 -19.04
N VAL C 242 5.88 -16.44 -20.32
CA VAL C 242 6.89 -16.82 -21.29
C VAL C 242 7.08 -15.65 -22.26
N LYS C 243 8.30 -15.14 -22.32
CA LYS C 243 8.67 -14.20 -23.36
C LYS C 243 10.11 -14.47 -23.77
N ASP C 244 10.36 -14.40 -25.07
CA ASP C 244 11.69 -14.69 -25.64
C ASP C 244 12.23 -16.02 -25.14
N GLY C 245 11.37 -17.04 -25.12
CA GLY C 245 11.75 -18.37 -24.69
C GLY C 245 12.25 -18.45 -23.27
N ALA C 246 11.81 -17.56 -22.38
CA ALA C 246 12.18 -17.66 -20.98
C ALA C 246 10.94 -17.51 -20.14
N LEU C 247 11.03 -18.05 -18.93
CA LEU C 247 9.95 -18.17 -17.98
C LEU C 247 10.21 -17.26 -16.79
N ALA C 248 9.23 -16.49 -16.40
CA ALA C 248 9.31 -15.67 -15.19
C ALA C 248 8.06 -15.92 -14.38
N SER C 249 8.22 -15.98 -13.06
CA SER C 249 7.04 -16.01 -12.20
C SER C 249 7.24 -15.12 -10.98
N PRO C 250 6.16 -14.55 -10.43
CA PRO C 250 6.29 -13.59 -9.32
C PRO C 250 7.03 -14.16 -8.12
N SER C 251 7.99 -13.40 -7.63
CA SER C 251 8.82 -13.74 -6.49
C SER C 251 8.15 -13.43 -5.15
N ARG C 252 7.30 -12.40 -5.09
CA ARG C 252 6.70 -11.91 -3.86
C ARG C 252 5.19 -11.84 -4.03
N ASN C 253 4.45 -12.27 -2.98
CA ASN C 253 2.98 -12.18 -2.97
C ASN C 253 2.38 -13.24 -3.86
N ALA C 254 3.04 -14.36 -3.94
CA ALA C 254 2.52 -15.54 -4.60
C ALA C 254 2.88 -16.72 -3.74
N LEU C 255 1.95 -17.66 -3.62
CA LEU C 255 2.29 -18.88 -2.91
C LEU C 255 3.38 -19.64 -3.67
N PRO C 256 4.36 -20.29 -2.93
CA PRO C 256 5.39 -21.11 -3.62
C PRO C 256 4.87 -22.45 -4.10
N GLY C 257 4.39 -22.50 -5.34
CA GLY C 257 3.68 -23.68 -5.80
C GLY C 257 4.60 -24.85 -6.09
N ILE C 258 4.14 -26.04 -5.68
CA ILE C 258 4.86 -27.25 -6.08
C ILE C 258 4.70 -27.46 -7.58
N THR C 259 3.54 -27.10 -8.12
CA THR C 259 3.41 -27.16 -9.57
C THR C 259 4.35 -26.17 -10.23
N ARG C 260 4.44 -24.97 -9.66
CA ARG C 260 5.41 -24.01 -10.17
C ARG C 260 6.82 -24.58 -10.07
N LYS C 261 7.11 -25.22 -8.94
CA LYS C 261 8.41 -25.88 -8.75
C LYS C 261 8.72 -26.88 -9.86
N THR C 262 7.78 -27.81 -10.12
CA THR C 262 8.00 -28.82 -11.15
C THR C 262 8.15 -28.18 -12.52
N VAL C 263 7.33 -27.16 -12.81
CA VAL C 263 7.40 -26.47 -14.10
C VAL C 263 8.78 -25.86 -14.28
N PHE C 264 9.31 -25.25 -13.21
CA PHE C 264 10.64 -24.66 -13.30
C PHE C 264 11.70 -25.73 -13.50
N GLU C 265 11.57 -26.87 -12.80
CA GLU C 265 12.53 -27.96 -12.97
C GLU C 265 12.51 -28.49 -14.40
N ILE C 266 11.30 -28.67 -14.95
CA ILE C 266 11.20 -29.13 -16.34
C ILE C 266 11.89 -28.14 -17.25
N ALA C 267 11.68 -26.84 -17.00
CA ALA C 267 12.30 -25.82 -17.85
C ALA C 267 13.81 -25.87 -17.79
N HIS C 268 14.35 -26.14 -16.60
CA HIS C 268 15.80 -26.25 -16.49
C HIS C 268 16.31 -27.48 -17.22
N ALA C 269 15.56 -28.57 -17.17
CA ALA C 269 15.93 -29.76 -17.93
C ALA C 269 16.01 -29.47 -19.42
N ARG C 270 15.00 -28.80 -19.97
CA ARG C 270 15.05 -28.47 -21.39
C ARG C 270 15.95 -27.28 -21.69
N GLY C 271 16.56 -26.68 -20.67
CA GLY C 271 17.39 -25.51 -20.94
C GLY C 271 16.63 -24.22 -21.12
N ILE C 272 15.36 -24.18 -20.75
CA ILE C 272 14.63 -22.92 -20.75
C ILE C 272 15.08 -22.13 -19.53
N SER C 273 15.39 -20.85 -19.72
CA SER C 273 15.70 -20.02 -18.56
C SER C 273 14.40 -19.77 -17.80
N ALA C 274 14.41 -20.04 -16.51
CA ALA C 274 13.26 -19.79 -15.65
C ALA C 274 13.72 -19.03 -14.42
N GLU C 275 13.03 -17.93 -14.11
CA GLU C 275 13.40 -17.03 -13.03
C GLU C 275 12.19 -16.66 -12.18
N LEU C 276 12.42 -16.51 -10.89
CA LEU C 276 11.42 -15.99 -9.98
C LEU C 276 11.79 -14.54 -9.70
N ARG C 277 10.94 -13.62 -10.11
CA ARG C 277 11.27 -12.21 -10.02
C ARG C 277 9.98 -11.42 -9.97
N ASP C 278 10.12 -10.13 -9.72
CA ASP C 278 8.98 -9.26 -9.93
C ASP C 278 8.68 -9.23 -11.41
N VAL C 279 7.39 -9.25 -11.75
CA VAL C 279 6.90 -9.25 -13.12
C VAL C 279 5.96 -8.06 -13.30
N THR C 280 6.29 -7.18 -14.24
CA THR C 280 5.41 -6.03 -14.47
C THR C 280 4.11 -6.45 -15.12
N SER C 281 3.06 -5.67 -14.85
CA SER C 281 1.79 -5.87 -15.55
C SER C 281 1.98 -5.76 -17.05
N ARG C 282 2.82 -4.82 -17.47
CA ARG C 282 3.12 -4.68 -18.88
C ARG C 282 3.64 -5.97 -19.48
N GLU C 283 4.47 -6.71 -18.74
CA GLU C 283 4.95 -7.99 -19.25
C GLU C 283 3.80 -8.95 -19.54
N LEU C 284 2.80 -8.96 -18.67
CA LEU C 284 1.63 -9.79 -18.91
C LEU C 284 1.00 -9.45 -20.24
N TYR C 285 0.78 -8.16 -20.48
CA TYR C 285 0.16 -7.80 -21.75
C TYR C 285 1.08 -8.12 -22.92
N ASP C 286 2.38 -7.98 -22.74
CA ASP C 286 3.35 -8.22 -23.79
C ASP C 286 3.77 -9.68 -23.91
N ALA C 287 3.24 -10.58 -23.08
CA ALA C 287 3.82 -11.91 -23.03
C ALA C 287 3.67 -12.63 -24.36
N ASP C 288 4.63 -13.50 -24.66
CA ASP C 288 4.45 -14.42 -25.77
C ASP C 288 3.48 -15.53 -25.37
N GLU C 289 3.69 -16.15 -24.21
CA GLU C 289 2.83 -17.21 -23.70
C GLU C 289 2.42 -16.89 -22.26
N LEU C 290 1.18 -17.21 -21.90
CA LEU C 290 0.72 -17.07 -20.52
C LEU C 290 0.25 -18.41 -20.00
N MET C 291 0.74 -18.78 -18.84
CA MET C 291 0.49 -20.09 -18.25
C MET C 291 0.02 -19.96 -16.80
N ALA C 292 -0.88 -20.83 -16.38
CA ALA C 292 -1.36 -20.94 -15.01
C ALA C 292 -1.00 -22.31 -14.44
N VAL C 293 -0.39 -22.36 -13.27
CA VAL C 293 0.04 -23.62 -12.68
C VAL C 293 -0.58 -23.76 -11.30
N THR C 294 -1.11 -24.95 -11.01
CA THR C 294 -1.68 -25.29 -9.71
C THR C 294 -1.63 -26.81 -9.55
N THR C 295 -1.88 -27.27 -8.33
CA THR C 295 -1.94 -28.71 -8.11
C THR C 295 -3.21 -29.32 -8.68
N ALA C 296 -4.35 -28.63 -8.58
CA ALA C 296 -5.61 -29.20 -9.06
C ALA C 296 -5.80 -28.84 -10.54
N GLY C 297 -5.27 -29.68 -11.41
CA GLY C 297 -5.32 -29.50 -12.85
C GLY C 297 -3.99 -29.22 -13.53
N GLY C 298 -2.91 -28.99 -12.79
CA GLY C 298 -1.60 -28.78 -13.43
C GLY C 298 -1.48 -27.47 -14.19
N VAL C 299 -1.11 -27.57 -15.47
CA VAL C 299 -0.71 -26.42 -16.29
C VAL C 299 -1.83 -26.08 -17.29
N THR C 300 -2.30 -24.83 -17.25
CA THR C 300 -3.35 -24.33 -18.13
C THR C 300 -2.81 -23.17 -18.95
N PRO C 301 -2.84 -23.22 -20.28
CA PRO C 301 -2.49 -22.02 -21.04
C PRO C 301 -3.60 -20.99 -20.93
N ILE C 302 -3.20 -19.71 -20.91
CA ILE C 302 -4.15 -18.61 -20.94
C ILE C 302 -4.09 -18.00 -22.33
N THR C 303 -5.19 -18.20 -23.07
CA THR C 303 -5.33 -17.78 -24.46
C THR C 303 -5.71 -16.31 -24.60
N SER C 304 -6.48 -15.78 -23.64
CA SER C 304 -7.09 -14.46 -23.76
C SER C 304 -6.82 -13.71 -22.46
N LEU C 305 -6.39 -12.46 -22.57
CA LEU C 305 -6.30 -11.62 -21.38
C LEU C 305 -7.05 -10.33 -21.63
N ASP C 306 -7.96 -9.99 -20.72
CA ASP C 306 -8.72 -8.75 -20.86
C ASP C 306 -9.44 -8.69 -22.21
N GLY C 307 -9.99 -9.81 -22.66
CA GLY C 307 -10.74 -9.78 -23.90
C GLY C 307 -9.91 -9.72 -25.17
N ALA C 308 -8.59 -9.83 -25.07
CA ALA C 308 -7.71 -9.82 -26.21
C ALA C 308 -6.86 -11.10 -26.24
N ALA C 309 -6.51 -11.51 -27.44
CA ALA C 309 -5.72 -12.73 -27.56
C ALA C 309 -4.32 -12.51 -27.02
N VAL C 310 -3.76 -13.57 -26.42
CA VAL C 310 -2.40 -13.60 -25.90
C VAL C 310 -1.51 -14.25 -26.95
N GLY C 311 -0.71 -13.47 -27.66
CA GLY C 311 0.09 -14.07 -28.73
C GLY C 311 -0.81 -14.54 -29.85
N ASP C 312 -0.62 -15.80 -30.26
CA ASP C 312 -1.40 -16.39 -31.35
C ASP C 312 -2.86 -16.56 -30.96
N GLY C 313 -3.17 -16.63 -29.68
CA GLY C 313 -4.49 -16.97 -29.24
C GLY C 313 -4.64 -18.45 -29.03
N GLU C 314 -3.58 -19.20 -29.24
CA GLU C 314 -3.56 -20.64 -29.14
C GLU C 314 -2.47 -21.03 -28.16
N PRO C 315 -2.59 -22.16 -27.47
CA PRO C 315 -1.58 -22.52 -26.47
C PRO C 315 -0.18 -22.55 -27.08
N GLY C 316 0.73 -21.82 -26.46
CA GLY C 316 2.08 -21.71 -26.93
C GLY C 316 2.91 -22.97 -26.80
N PRO C 317 3.94 -23.08 -27.62
CA PRO C 317 4.77 -24.30 -27.63
C PRO C 317 5.46 -24.62 -26.31
N ILE C 318 6.06 -23.63 -25.65
CA ILE C 318 6.71 -23.92 -24.38
C ILE C 318 5.68 -24.40 -23.37
N THR C 319 4.50 -23.78 -23.40
CA THR C 319 3.40 -24.28 -22.57
C THR C 319 3.01 -25.69 -22.97
N VAL C 320 2.89 -25.97 -24.28
CA VAL C 320 2.46 -27.32 -24.70
C VAL C 320 3.42 -28.36 -24.15
N ALA C 321 4.72 -28.14 -24.35
CA ALA C 321 5.70 -29.14 -23.97
C ALA C 321 5.67 -29.39 -22.47
N ILE C 322 5.67 -28.32 -21.67
CA ILE C 322 5.79 -28.53 -20.25
C ILE C 322 4.52 -29.13 -19.67
N ARG C 323 3.36 -28.75 -20.21
CA ARG C 323 2.11 -29.39 -19.81
C ARG C 323 2.17 -30.89 -20.07
N ASP C 324 2.59 -31.25 -21.27
CA ASP C 324 2.63 -32.65 -21.67
C ASP C 324 3.60 -33.45 -20.80
N ARG C 325 4.76 -32.87 -20.47
CA ARG C 325 5.72 -33.64 -19.69
C ARG C 325 5.38 -33.66 -18.22
N PHE C 326 4.60 -32.68 -17.76
CA PHE C 326 4.06 -32.74 -16.41
C PHE C 326 3.19 -33.98 -16.27
N TRP C 327 2.23 -34.12 -17.17
CA TRP C 327 1.36 -35.31 -17.12
C TRP C 327 2.17 -36.59 -17.33
N ALA C 328 3.18 -36.56 -18.20
CA ALA C 328 4.03 -37.72 -18.41
C ALA C 328 4.75 -38.14 -17.12
N LEU C 329 5.22 -37.15 -16.36
CA LEU C 329 5.88 -37.41 -15.09
C LEU C 329 4.98 -38.15 -14.13
N MET C 330 3.68 -37.87 -14.21
CA MET C 330 2.73 -38.57 -13.33
C MET C 330 2.83 -40.09 -13.46
N ASP C 331 3.22 -40.60 -14.63
CA ASP C 331 3.31 -42.05 -14.81
C ASP C 331 4.75 -42.57 -14.75
N GLU C 332 5.69 -41.80 -15.28
CA GLU C 332 7.11 -42.17 -15.25
C GLU C 332 7.55 -42.48 -13.83
N PRO C 333 8.36 -43.54 -13.58
CA PRO C 333 8.92 -43.83 -12.22
C PRO C 333 9.90 -42.75 -11.78
N SER C 334 9.56 -42.03 -10.72
CA SER C 334 10.40 -40.91 -10.22
C SER C 334 10.32 -40.88 -8.69
N ASP C 335 11.26 -40.21 -8.02
CA ASP C 335 11.11 -40.06 -6.55
C ASP C 335 9.83 -39.26 -6.32
N LEU C 336 9.58 -38.25 -7.14
CA LEU C 336 8.36 -37.41 -7.04
C LEU C 336 7.11 -38.28 -6.81
N ILE C 337 6.99 -39.40 -7.52
CA ILE C 337 5.77 -40.19 -7.43
C ILE C 337 5.94 -41.25 -6.34
N ASP C 338 4.92 -41.41 -5.53
CA ASP C 338 4.79 -42.59 -4.68
C ASP C 338 3.48 -43.28 -5.01
N THR C 339 3.56 -44.57 -5.36
CA THR C 339 2.39 -45.33 -5.78
C THR C 339 1.48 -45.63 -4.59
N ILE C 340 0.18 -45.47 -4.78
CA ILE C 340 -0.75 -45.71 -3.69
C ILE C 340 -1.03 -47.20 -3.60
N ARG C 341 -1.13 -47.68 -2.38
CA ARG C 341 -1.43 -49.09 -2.11
C ARG C 341 -2.91 -49.16 -1.74
N TYR C 342 -3.69 -49.87 -2.54
CA TYR C 342 -5.11 -50.05 -2.24
C TYR C 342 -5.31 -51.46 -1.71
N ASP C 343 -5.78 -51.55 -0.46
CA ASP C 343 -6.10 -52.82 0.20
C ASP C 343 -7.30 -52.66 1.13
N ARG D 24 -20.96 -15.83 36.01
CA ARG D 24 -20.23 -16.92 35.35
C ARG D 24 -18.74 -16.65 35.24
N GLU D 25 -18.40 -15.37 35.44
CA GLU D 25 -16.99 -14.91 35.44
C GLU D 25 -16.95 -13.75 36.46
N ASP D 26 -15.78 -13.31 36.94
CA ASP D 26 -15.74 -12.29 38.03
C ASP D 26 -15.96 -10.87 37.51
N THR D 27 -16.68 -10.03 38.29
CA THR D 27 -16.83 -8.57 37.93
C THR D 27 -16.58 -7.76 39.21
N PRO D 28 -15.95 -6.57 39.11
CA PRO D 28 -15.58 -5.79 40.35
C PRO D 28 -16.80 -5.40 41.15
N PRO D 29 -16.66 -5.29 42.45
CA PRO D 29 -17.81 -4.89 43.28
C PRO D 29 -18.28 -3.49 42.94
N GLY D 30 -17.35 -2.55 42.79
CA GLY D 30 -17.72 -1.22 42.32
C GLY D 30 -18.17 -1.16 40.88
N SER D 31 -17.72 -2.10 40.03
CA SER D 31 -18.01 -2.03 38.60
C SER D 31 -19.49 -1.84 38.33
N VAL D 32 -19.78 -1.10 37.26
CA VAL D 32 -21.16 -0.99 36.77
C VAL D 32 -21.69 -2.30 36.23
N ILE D 33 -20.80 -3.20 35.80
CA ILE D 33 -21.17 -4.49 35.22
C ILE D 33 -21.20 -5.56 36.28
N GLN D 34 -22.38 -6.13 36.51
CA GLN D 34 -22.52 -7.24 37.45
C GLN D 34 -23.26 -8.36 36.74
N TYR D 35 -22.71 -9.58 36.79
CA TYR D 35 -23.47 -10.73 36.23
C TYR D 35 -24.74 -10.86 37.08
N SER D 36 -25.79 -11.45 36.53
CA SER D 36 -27.02 -11.69 37.34
C SER D 36 -27.00 -13.15 37.82
N ASP D 37 -27.00 -13.37 39.14
CA ASP D 37 -26.90 -14.76 39.66
C ASP D 37 -28.13 -15.54 39.20
N TYR D 38 -27.93 -16.78 38.74
CA TYR D 38 -29.05 -17.60 38.22
C TYR D 38 -28.72 -19.08 38.37
N GLU D 39 -29.73 -19.95 38.34
CA GLU D 39 -29.48 -21.41 38.38
C GLU D 39 -30.01 -22.01 37.07
N LEU D 40 -29.21 -22.84 36.40
CA LEU D 40 -29.63 -23.43 35.10
C LEU D 40 -29.84 -24.94 35.30
N ASP D 41 -30.98 -25.48 34.88
CA ASP D 41 -31.25 -26.91 35.16
C ASP D 41 -30.23 -27.78 34.44
N THR D 42 -29.66 -28.76 35.14
CA THR D 42 -28.69 -29.71 34.55
C THR D 42 -29.36 -30.54 33.48
N SER D 43 -30.61 -30.94 33.70
CA SER D 43 -31.27 -31.92 32.79
C SER D 43 -31.42 -31.41 31.35
N SER D 44 -31.76 -30.13 31.14
CA SER D 44 -31.97 -29.73 29.73
C SER D 44 -30.67 -29.90 28.95
N PRO D 45 -30.69 -30.50 27.74
CA PRO D 45 -29.48 -30.64 26.88
C PRO D 45 -28.98 -29.26 26.46
N TYR D 46 -29.90 -28.37 26.14
CA TYR D 46 -29.52 -27.03 25.61
C TYR D 46 -29.31 -26.03 26.73
N ALA D 47 -29.60 -26.38 27.98
CA ALA D 47 -29.39 -25.34 28.98
C ALA D 47 -27.91 -25.00 29.06
N GLY D 48 -27.59 -23.72 28.87
CA GLY D 48 -26.21 -23.28 28.89
C GLY D 48 -25.48 -23.35 27.56
N GLY D 49 -26.03 -24.03 26.55
CA GLY D 49 -25.42 -24.06 25.23
C GLY D 49 -26.45 -24.19 24.13
N ALA D 50 -26.47 -23.23 23.21
CA ALA D 50 -27.47 -23.20 22.14
C ALA D 50 -26.81 -23.12 20.79
N ALA D 51 -27.30 -23.90 19.83
CA ALA D 51 -26.84 -23.84 18.46
C ALA D 51 -28.00 -24.15 17.54
N TRP D 52 -27.88 -23.70 16.31
CA TRP D 52 -28.82 -24.05 15.26
C TRP D 52 -28.06 -24.42 14.01
N ILE D 53 -28.20 -25.66 13.56
CA ILE D 53 -27.43 -26.12 12.42
C ILE D 53 -28.38 -26.87 11.48
N GLU D 54 -28.25 -26.61 10.18
CA GLU D 54 -29.03 -27.38 9.16
C GLU D 54 -30.52 -27.42 9.53
N GLY D 55 -31.04 -26.36 10.16
CA GLY D 55 -32.48 -26.29 10.42
C GLY D 55 -32.92 -27.05 11.67
N GLU D 56 -31.97 -27.60 12.43
CA GLU D 56 -32.38 -28.26 13.69
C GLU D 56 -31.68 -27.59 14.88
N TYR D 57 -32.43 -27.23 15.93
CA TYR D 57 -31.76 -26.68 17.13
C TYR D 57 -30.89 -27.79 17.72
N VAL D 58 -29.70 -27.44 18.20
CA VAL D 58 -28.78 -28.48 18.73
C VAL D 58 -27.99 -27.90 19.91
N PRO D 59 -27.47 -28.68 20.89
CA PRO D 59 -26.63 -28.12 21.98
C PRO D 59 -25.36 -27.50 21.41
N ALA D 60 -24.75 -26.58 22.16
CA ALA D 60 -23.53 -25.90 21.66
C ALA D 60 -22.41 -26.92 21.46
N SER D 61 -22.27 -27.85 22.40
CA SER D 61 -21.20 -28.87 22.30
C SER D 61 -21.50 -29.77 21.11
N GLU D 62 -22.79 -30.06 20.88
CA GLU D 62 -23.24 -30.92 19.76
C GLU D 62 -22.89 -30.28 18.40
N ALA D 63 -22.98 -28.95 18.28
CA ALA D 63 -22.88 -28.32 16.95
C ALA D 63 -21.56 -28.62 16.21
N ARG D 64 -21.69 -28.95 14.92
CA ARG D 64 -20.51 -29.20 14.04
C ARG D 64 -20.88 -28.67 12.65
N ILE D 65 -19.90 -28.31 11.84
CA ILE D 65 -20.16 -27.79 10.46
C ILE D 65 -19.43 -28.66 9.42
N SER D 66 -20.13 -29.02 8.33
CA SER D 66 -19.49 -29.83 7.26
C SER D 66 -18.22 -29.13 6.76
N ILE D 67 -17.08 -29.81 6.81
CA ILE D 67 -15.83 -29.26 6.27
C ILE D 67 -16.03 -28.71 4.88
N PHE D 68 -16.87 -29.36 4.08
CA PHE D 68 -16.94 -29.01 2.67
C PHE D 68 -17.72 -27.73 2.43
N ASP D 69 -18.16 -27.07 3.49
CA ASP D 69 -18.75 -25.74 3.41
C ASP D 69 -17.68 -24.73 2.98
N THR D 70 -18.00 -23.96 1.94
CA THR D 70 -17.04 -23.00 1.39
C THR D 70 -16.77 -21.86 2.38
N GLY D 71 -17.62 -21.71 3.39
CA GLY D 71 -17.33 -20.79 4.47
C GLY D 71 -16.13 -21.20 5.29
N PHE D 72 -15.68 -22.44 5.14
CA PHE D 72 -14.45 -22.83 5.77
C PHE D 72 -13.33 -22.70 4.75
N GLY D 73 -13.37 -23.57 3.74
CA GLY D 73 -12.43 -23.56 2.62
C GLY D 73 -12.04 -22.21 2.06
N HIS D 74 -12.99 -21.29 1.96
CA HIS D 74 -12.75 -19.96 1.41
C HIS D 74 -13.08 -18.86 2.40
N SER D 75 -13.48 -19.20 3.62
CA SER D 75 -14.07 -18.26 4.57
C SER D 75 -15.01 -17.31 3.84
N ASP D 76 -15.82 -17.85 2.94
CA ASP D 76 -16.79 -17.06 2.19
C ASP D 76 -18.06 -16.88 3.02
N LEU D 77 -17.97 -16.00 4.00
CA LEU D 77 -19.04 -15.85 4.99
C LEU D 77 -19.02 -14.45 5.56
N THR D 78 -20.13 -14.06 6.18
CA THR D 78 -20.18 -12.87 7.02
C THR D 78 -20.84 -13.23 8.35
N TYR D 79 -20.47 -12.54 9.41
CA TYR D 79 -21.02 -12.85 10.71
C TYR D 79 -21.41 -11.57 11.43
N THR D 80 -22.29 -11.73 12.39
CA THR D 80 -22.56 -10.68 13.36
C THR D 80 -22.63 -11.34 14.73
N VAL D 81 -22.21 -10.59 15.74
CA VAL D 81 -22.28 -11.06 17.12
C VAL D 81 -22.98 -10.01 17.96
N ALA D 82 -23.96 -10.45 18.74
CA ALA D 82 -24.76 -9.61 19.62
C ALA D 82 -24.64 -10.15 21.05
N HIS D 83 -24.80 -9.26 22.02
CA HIS D 83 -24.63 -9.68 23.41
C HIS D 83 -25.96 -9.50 24.12
N VAL D 84 -26.32 -10.47 24.96
CA VAL D 84 -27.50 -10.36 25.81
C VAL D 84 -27.01 -10.21 27.24
N TRP D 85 -27.44 -9.14 27.91
CA TRP D 85 -27.10 -8.86 29.29
C TRP D 85 -28.37 -8.72 30.12
N HIS D 86 -28.37 -9.36 31.29
CA HIS D 86 -29.50 -9.30 32.24
C HIS D 86 -30.81 -9.62 31.53
N GLY D 87 -30.77 -10.62 30.64
CA GLY D 87 -31.96 -11.17 30.02
C GLY D 87 -32.43 -10.53 28.74
N ASN D 88 -31.89 -9.36 28.36
CA ASN D 88 -32.33 -8.69 27.13
C ASN D 88 -31.18 -8.55 26.14
N ILE D 89 -31.43 -8.91 24.88
CA ILE D 89 -30.48 -8.77 23.76
C ILE D 89 -30.45 -7.33 23.23
N PHE D 90 -29.26 -6.92 22.80
CA PHE D 90 -28.97 -5.52 22.49
C PHE D 90 -28.95 -5.28 20.98
N ARG D 91 -29.76 -4.32 20.53
CA ARG D 91 -29.86 -3.84 19.14
C ARG D 91 -29.78 -4.99 18.12
N LEU D 92 -30.52 -6.06 18.40
CA LEU D 92 -30.38 -7.25 17.56
C LEU D 92 -30.87 -6.98 16.15
N ALA D 93 -31.88 -6.11 16.03
CA ALA D 93 -32.36 -5.72 14.70
C ALA D 93 -31.26 -5.03 13.91
N ASP D 94 -30.52 -4.13 14.56
CA ASP D 94 -29.39 -3.47 13.91
C ASP D 94 -28.34 -4.49 13.47
N HIS D 95 -28.05 -5.47 14.32
CA HIS D 95 -27.03 -6.45 14.00
C HIS D 95 -27.42 -7.28 12.79
N ILE D 96 -28.67 -7.75 12.74
CA ILE D 96 -29.03 -8.54 11.57
C ILE D 96 -29.12 -7.68 10.33
N GLU D 97 -29.53 -6.42 10.47
CA GLU D 97 -29.57 -5.54 9.31
C GLU D 97 -28.17 -5.35 8.72
N ARG D 98 -27.18 -5.15 9.58
CA ARG D 98 -25.83 -4.97 9.10
C ARG D 98 -25.32 -6.26 8.50
N LEU D 99 -25.67 -7.39 9.12
CA LEU D 99 -25.32 -8.68 8.54
C LEU D 99 -25.85 -8.83 7.12
N LEU D 100 -27.08 -8.40 6.88
CA LEU D 100 -27.62 -8.60 5.54
C LEU D 100 -27.10 -7.57 4.54
N ASP D 101 -26.73 -6.37 4.97
CA ASP D 101 -26.11 -5.44 4.03
C ASP D 101 -24.71 -5.91 3.62
N GLY D 102 -23.98 -6.49 4.57
CA GLY D 102 -22.73 -7.15 4.23
C GLY D 102 -22.95 -8.30 3.28
N ALA D 103 -24.03 -9.08 3.50
CA ALA D 103 -24.34 -10.17 2.59
C ALA D 103 -24.59 -9.68 1.17
N ARG D 104 -25.30 -8.55 1.03
CA ARG D 104 -25.58 -8.06 -0.31
C ARG D 104 -24.29 -7.58 -0.98
N LYS D 105 -23.36 -6.98 -0.22
CA LYS D 105 -22.09 -6.61 -0.83
C LYS D 105 -21.27 -7.83 -1.20
N LEU D 106 -21.40 -8.91 -0.43
CA LEU D 106 -20.70 -10.13 -0.80
C LEU D 106 -21.46 -10.95 -1.81
N ARG D 107 -22.61 -10.45 -2.28
CA ARG D 107 -23.46 -11.17 -3.21
C ARG D 107 -23.86 -12.52 -2.66
N LEU D 108 -23.85 -12.64 -1.34
CA LEU D 108 -24.30 -13.84 -0.64
C LEU D 108 -25.77 -13.68 -0.29
N ALA D 109 -26.57 -14.73 -0.49
CA ALA D 109 -28.04 -14.62 -0.27
C ALA D 109 -28.46 -15.35 1.02
N SER D 110 -29.18 -14.65 1.91
CA SER D 110 -29.59 -15.26 3.21
C SER D 110 -30.61 -16.39 3.04
N PRO D 111 -30.48 -17.52 3.76
CA PRO D 111 -31.50 -18.61 3.75
C PRO D 111 -32.81 -18.14 4.35
N TYR D 112 -32.76 -17.33 5.42
CA TYR D 112 -33.99 -16.93 6.15
C TYR D 112 -34.04 -15.42 6.32
N ASP D 113 -35.24 -14.86 6.48
CA ASP D 113 -35.38 -13.38 6.53
C ASP D 113 -35.10 -12.81 7.93
N GLU D 114 -34.88 -11.49 8.01
CA GLU D 114 -34.63 -10.79 9.26
C GLU D 114 -35.53 -11.28 10.41
N THR D 115 -36.84 -11.15 10.23
CA THR D 115 -37.80 -11.68 11.19
C THR D 115 -37.43 -13.08 11.67
N GLU D 116 -37.22 -13.99 10.71
CA GLU D 116 -36.92 -15.39 11.00
C GLU D 116 -35.63 -15.55 11.80
N ILE D 117 -34.54 -14.91 11.37
CA ILE D 117 -33.27 -15.06 12.09
C ILE D 117 -33.36 -14.47 13.48
N ALA D 118 -34.07 -13.35 13.64
CA ALA D 118 -34.23 -12.80 14.98
C ALA D 118 -34.94 -13.81 15.87
N GLU D 119 -35.99 -14.43 15.34
CA GLU D 119 -36.66 -15.49 16.09
C GLU D 119 -35.71 -16.65 16.41
N ILE D 120 -34.82 -17.04 15.47
CA ILE D 120 -33.89 -18.14 15.72
C ILE D 120 -32.88 -17.76 16.79
N ALA D 121 -32.41 -16.51 16.76
CA ALA D 121 -31.46 -16.04 17.77
C ALA D 121 -32.09 -16.03 19.14
N LYS D 122 -33.31 -15.50 19.23
CA LYS D 122 -33.95 -15.34 20.56
C LYS D 122 -34.31 -16.71 21.12
N ARG D 123 -34.81 -17.61 20.27
CA ARG D 123 -35.16 -18.97 20.74
C ARG D 123 -33.88 -19.66 21.23
N CYS D 124 -32.76 -19.46 20.53
CA CYS D 124 -31.49 -20.06 20.97
C CYS D 124 -31.12 -19.50 22.34
N VAL D 125 -31.32 -18.19 22.53
CA VAL D 125 -31.00 -17.56 23.85
C VAL D 125 -31.90 -18.21 24.91
N GLY D 126 -33.17 -18.44 24.60
CA GLY D 126 -34.09 -19.05 25.55
C GLY D 126 -33.65 -20.47 25.90
N LEU D 127 -33.20 -21.22 24.90
CA LEU D 127 -32.68 -22.58 25.15
C LEU D 127 -31.43 -22.48 26.02
N SER D 128 -30.55 -21.50 25.72
CA SER D 128 -29.34 -21.28 26.54
C SER D 128 -29.78 -20.88 27.95
N GLN D 129 -30.82 -20.06 28.07
CA GLN D 129 -31.34 -19.62 29.39
C GLN D 129 -30.22 -18.90 30.18
N LEU D 130 -29.40 -18.09 29.50
CA LEU D 130 -28.38 -17.32 30.24
C LEU D 130 -28.76 -15.82 30.19
N ARG D 131 -28.84 -15.17 31.36
CA ARG D 131 -29.14 -13.72 31.39
C ARG D 131 -28.00 -13.01 30.65
N GLU D 132 -26.76 -13.44 30.90
CA GLU D 132 -25.65 -12.90 30.13
C GLU D 132 -25.08 -13.94 29.16
N ALA D 133 -25.06 -13.63 27.86
CA ALA D 133 -24.63 -14.59 26.83
C ALA D 133 -24.15 -13.86 25.59
N TYR D 134 -23.39 -14.59 24.78
CA TYR D 134 -22.82 -14.16 23.51
C TYR D 134 -23.50 -14.92 22.36
N VAL D 135 -24.07 -14.19 21.39
CA VAL D 135 -24.74 -14.81 20.26
C VAL D 135 -24.04 -14.45 18.95
N ASN D 136 -23.78 -15.45 18.14
CA ASN D 136 -23.18 -15.34 16.83
C ASN D 136 -24.19 -15.84 15.80
N ILE D 137 -24.42 -15.06 14.76
CA ILE D 137 -25.11 -15.54 13.57
C ILE D 137 -24.16 -15.41 12.40
N THR D 138 -24.00 -16.50 11.69
CA THR D 138 -23.04 -16.62 10.59
C THR D 138 -23.81 -17.00 9.34
N LEU D 139 -23.53 -16.31 8.23
CA LEU D 139 -24.11 -16.64 6.94
C LEU D 139 -22.99 -17.03 6.00
N THR D 140 -23.08 -18.23 5.44
CA THR D 140 -22.01 -18.78 4.62
C THR D 140 -22.54 -19.21 3.26
N ARG D 141 -21.61 -19.23 2.28
CA ARG D 141 -21.93 -19.60 0.90
C ARG D 141 -22.43 -21.03 0.80
N GLY D 142 -22.00 -21.88 1.72
CA GLY D 142 -22.55 -23.21 1.83
C GLY D 142 -21.82 -24.21 0.95
N TYR D 143 -22.50 -25.33 0.69
CA TYR D 143 -21.91 -26.45 -0.01
C TYR D 143 -22.89 -26.92 -1.07
N GLY D 144 -22.34 -27.44 -2.18
CA GLY D 144 -23.14 -28.10 -3.19
C GLY D 144 -23.16 -29.63 -3.01
N LYS D 145 -23.99 -30.27 -3.84
CA LYS D 145 -24.06 -31.73 -3.87
C LYS D 145 -22.69 -32.34 -4.20
N ARG D 146 -21.99 -31.79 -5.17
CA ARG D 146 -20.66 -32.30 -5.45
C ARG D 146 -19.69 -31.73 -4.42
N LYS D 147 -18.88 -32.63 -3.84
CA LYS D 147 -17.98 -32.22 -2.78
C LYS D 147 -16.92 -31.27 -3.35
N GLY D 148 -16.79 -30.08 -2.76
CA GLY D 148 -15.87 -29.08 -3.24
C GLY D 148 -16.33 -28.53 -4.56
N GLU D 149 -17.50 -27.88 -4.56
CA GLU D 149 -18.09 -27.40 -5.80
C GLU D 149 -17.65 -25.97 -6.09
N LYS D 150 -17.50 -25.66 -7.38
CA LYS D 150 -16.93 -24.40 -7.84
C LYS D 150 -17.93 -23.48 -8.55
N ASP D 151 -19.16 -23.92 -8.80
CA ASP D 151 -20.19 -23.00 -9.31
C ASP D 151 -21.09 -22.61 -8.15
N LEU D 152 -21.30 -21.30 -8.01
CA LEU D 152 -22.09 -20.67 -6.95
C LEU D 152 -23.58 -20.97 -7.02
N SER D 153 -24.13 -21.17 -8.22
CA SER D 153 -25.56 -21.48 -8.31
C SER D 153 -25.84 -22.81 -7.62
N LYS D 154 -24.93 -23.77 -7.79
CA LYS D 154 -25.08 -25.10 -7.20
C LYS D 154 -24.96 -25.05 -5.68
N LEU D 155 -24.21 -24.08 -5.15
CA LEU D 155 -24.04 -23.95 -3.71
C LEU D 155 -25.33 -23.49 -3.04
N THR D 156 -25.52 -23.86 -1.77
CA THR D 156 -26.70 -23.44 -1.02
C THR D 156 -26.26 -22.76 0.27
N SER D 157 -26.74 -21.53 0.47
CA SER D 157 -26.32 -20.74 1.62
C SER D 157 -26.81 -21.36 2.92
N GLN D 158 -25.99 -21.31 3.95
CA GLN D 158 -26.39 -21.85 5.24
C GLN D 158 -26.20 -20.81 6.33
N ILE D 159 -27.16 -20.74 7.24
CA ILE D 159 -27.12 -19.84 8.38
C ILE D 159 -26.89 -20.71 9.62
N TYR D 160 -25.99 -20.27 10.49
CA TYR D 160 -25.75 -20.91 11.78
C TYR D 160 -25.84 -19.89 12.90
N VAL D 161 -26.54 -20.23 13.98
CA VAL D 161 -26.70 -19.36 15.13
C VAL D 161 -26.22 -20.11 16.36
N TYR D 162 -25.41 -19.46 17.19
CA TYR D 162 -25.08 -20.07 18.48
C TYR D 162 -25.13 -19.03 19.58
N ALA D 163 -25.62 -19.47 20.74
CA ALA D 163 -25.63 -18.69 21.98
C ALA D 163 -24.83 -19.46 23.03
N ILE D 164 -23.84 -18.81 23.63
CA ILE D 164 -22.95 -19.47 24.57
C ILE D 164 -22.60 -18.49 25.68
N PRO D 165 -21.98 -18.90 26.80
CA PRO D 165 -21.73 -17.95 27.89
C PRO D 165 -20.86 -16.77 27.46
N TYR D 166 -21.19 -15.62 28.03
CA TYR D 166 -20.60 -14.35 27.62
C TYR D 166 -19.09 -14.42 27.57
N LEU D 167 -18.53 -13.82 26.52
CA LEU D 167 -17.09 -13.79 26.29
C LEU D 167 -16.63 -12.35 26.37
N TRP D 168 -15.44 -12.15 26.91
CA TRP D 168 -14.90 -10.80 27.11
C TRP D 168 -13.68 -10.63 26.22
N ALA D 169 -13.78 -9.72 25.26
CA ALA D 169 -12.59 -9.36 24.50
C ALA D 169 -11.51 -8.83 25.44
N PHE D 170 -11.92 -8.01 26.40
CA PHE D 170 -10.99 -7.61 27.44
C PHE D 170 -11.60 -7.94 28.80
N PRO D 171 -10.77 -8.37 29.77
CA PRO D 171 -11.32 -8.80 31.04
C PRO D 171 -12.07 -7.70 31.71
N PRO D 172 -13.16 -8.02 32.43
CA PRO D 172 -14.01 -6.97 33.00
C PRO D 172 -13.28 -6.05 33.94
N TYR D 173 -12.35 -6.63 34.71
CA TYR D 173 -11.52 -5.85 35.62
C TYR D 173 -10.66 -4.89 34.85
N GLU D 174 -10.24 -5.34 33.67
CA GLU D 174 -9.52 -4.48 32.75
C GLU D 174 -10.45 -3.45 32.16
N GLN D 175 -11.72 -3.82 31.96
CA GLN D 175 -12.71 -2.86 31.46
C GLN D 175 -12.89 -1.68 32.41
N ILE D 176 -12.92 -1.93 33.72
CA ILE D 176 -12.99 -0.80 34.64
C ILE D 176 -11.63 -0.17 34.85
N PHE D 177 -10.55 -0.93 34.68
CA PHE D 177 -9.21 -0.43 34.97
C PHE D 177 -8.40 -0.07 33.72
N GLY D 178 -8.83 -0.48 32.53
CA GLY D 178 -8.13 -0.16 31.30
C GLY D 178 -7.14 -1.24 30.92
N THR D 179 -6.60 -1.13 29.70
CA THR D 179 -5.71 -2.15 29.15
C THR D 179 -4.56 -1.48 28.43
N SER D 180 -3.60 -2.32 28.02
CA SER D 180 -2.35 -1.93 27.38
C SER D 180 -2.33 -2.30 25.90
N ALA D 181 -1.78 -1.42 25.07
CA ALA D 181 -1.76 -1.65 23.63
C ALA D 181 -0.45 -1.22 22.99
N VAL D 182 -0.22 -1.78 21.80
CA VAL D 182 0.92 -1.44 20.94
C VAL D 182 0.41 -1.19 19.53
N VAL D 183 1.22 -0.48 18.75
CA VAL D 183 0.88 -0.37 17.30
C VAL D 183 1.90 -1.33 16.64
N PRO D 184 1.45 -2.39 15.94
CA PRO D 184 2.38 -3.42 15.39
C PRO D 184 3.28 -2.82 14.32
N ARG D 185 4.54 -3.27 14.28
CA ARG D 185 5.52 -2.77 13.28
C ARG D 185 5.66 -3.79 12.14
N HIS D 186 5.20 -5.03 12.35
CA HIS D 186 5.25 -6.04 11.29
C HIS D 186 3.95 -6.34 10.55
N VAL D 187 2.82 -5.86 11.02
CA VAL D 187 1.54 -6.29 10.51
C VAL D 187 0.71 -5.04 10.29
N GLN D 188 -0.05 -5.06 9.21
CA GLN D 188 -0.88 -3.90 8.88
C GLN D 188 -2.30 -4.41 8.63
N ARG D 189 -3.30 -3.55 8.84
CA ARG D 189 -4.67 -3.98 8.63
C ARG D 189 -5.00 -4.11 7.15
N ALA D 190 -5.74 -5.17 6.81
CA ALA D 190 -6.08 -5.45 5.43
C ALA D 190 -6.89 -4.31 4.82
N GLY D 191 -6.51 -3.93 3.61
CA GLY D 191 -7.10 -2.79 2.95
C GLY D 191 -8.50 -3.05 2.40
N ARG D 192 -9.19 -1.94 2.09
CA ARG D 192 -10.54 -2.00 1.54
C ARG D 192 -10.60 -2.78 0.23
N ASN D 193 -9.60 -2.63 -0.63
CA ASN D 193 -9.58 -3.31 -1.92
C ASN D 193 -9.02 -4.72 -1.82
N THR D 194 -8.70 -5.20 -0.61
CA THR D 194 -8.20 -6.56 -0.42
C THR D 194 -9.22 -7.42 0.30
N ILE D 195 -9.42 -7.23 1.60
CA ILE D 195 -10.45 -7.96 2.32
C ILE D 195 -11.20 -6.93 3.16
N ASP D 196 -12.42 -6.62 2.76
CA ASP D 196 -13.11 -5.44 3.26
C ASP D 196 -13.28 -5.51 4.77
N PRO D 197 -12.60 -4.65 5.57
CA PRO D 197 -12.79 -4.64 7.04
C PRO D 197 -14.23 -4.25 7.38
N THR D 198 -14.84 -3.43 6.52
CA THR D 198 -16.21 -2.98 6.82
C THR D 198 -17.11 -4.18 6.85
N ILE D 199 -16.94 -5.10 5.91
CA ILE D 199 -17.72 -6.37 5.99
C ILE D 199 -17.14 -7.20 7.14
N LYS D 200 -17.99 -7.82 7.95
CA LYS D 200 -17.49 -8.70 9.03
C LYS D 200 -16.86 -9.95 8.42
N ASN D 201 -15.77 -10.47 9.00
CA ASN D 201 -15.09 -11.61 8.35
C ASN D 201 -14.34 -12.50 9.32
N TYR D 202 -14.28 -13.80 9.04
CA TYR D 202 -13.49 -14.73 9.83
C TYR D 202 -12.03 -14.70 9.41
N GLN D 203 -11.66 -13.74 8.54
CA GLN D 203 -10.31 -13.65 8.00
C GLN D 203 -9.42 -12.80 8.91
N TRP D 204 -8.89 -13.44 9.95
CA TRP D 204 -8.21 -12.74 11.03
C TRP D 204 -6.70 -12.84 10.95
N GLY D 205 -6.14 -13.28 9.82
CA GLY D 205 -4.70 -13.50 9.74
C GLY D 205 -3.90 -12.28 10.17
N ASP D 206 -4.26 -11.10 9.65
CA ASP D 206 -3.61 -9.89 10.13
C ASP D 206 -3.93 -9.63 11.60
N LEU D 207 -5.18 -9.86 12.03
CA LEU D 207 -5.52 -9.56 13.42
C LEU D 207 -4.80 -10.49 14.40
N THR D 208 -4.75 -11.79 14.11
CA THR D 208 -4.02 -12.69 14.99
C THR D 208 -2.53 -12.38 14.98
N ALA D 209 -1.97 -12.05 13.82
CA ALA D 209 -0.56 -11.69 13.79
C ALA D 209 -0.30 -10.46 14.65
N ALA D 210 -1.23 -9.50 14.62
CA ALA D 210 -1.09 -8.33 15.46
C ALA D 210 -1.12 -8.70 16.95
N SER D 211 -2.02 -9.61 17.33
CA SER D 211 -2.08 -9.98 18.75
C SER D 211 -0.82 -10.70 19.20
N PHE D 212 -0.26 -11.58 18.37
CA PHE D 212 0.97 -12.24 18.77
C PHE D 212 2.11 -11.24 18.90
N GLU D 213 2.16 -10.24 18.00
CA GLU D 213 3.15 -9.19 18.15
C GLU D 213 2.95 -8.44 19.47
N ALA D 214 1.68 -8.18 19.83
CA ALA D 214 1.40 -7.46 21.06
C ALA D 214 1.87 -8.22 22.28
N LYS D 215 1.71 -9.55 22.28
CA LYS D 215 2.20 -10.30 23.43
C LYS D 215 3.71 -10.44 23.42
N ASP D 216 4.37 -10.42 22.26
CA ASP D 216 5.83 -10.33 22.29
C ASP D 216 6.27 -9.03 22.93
N ARG D 217 5.61 -7.92 22.58
CA ARG D 217 5.84 -6.64 23.23
C ARG D 217 5.32 -6.62 24.65
N GLY D 218 4.67 -7.68 25.10
CA GLY D 218 4.05 -7.70 26.42
C GLY D 218 2.87 -6.76 26.60
N ALA D 219 2.18 -6.37 25.53
CA ALA D 219 0.92 -5.65 25.65
C ALA D 219 -0.23 -6.64 25.52
N ARG D 220 -1.43 -6.20 25.89
CA ARG D 220 -2.48 -7.19 25.75
C ARG D 220 -3.07 -7.20 24.35
N THR D 221 -3.10 -6.05 23.67
CA THR D 221 -3.56 -6.01 22.31
C THR D 221 -2.80 -4.94 21.54
N GLY D 222 -3.12 -4.84 20.27
CA GLY D 222 -2.46 -3.95 19.35
C GLY D 222 -3.48 -3.21 18.51
N ILE D 223 -3.22 -1.94 18.21
CA ILE D 223 -4.04 -1.16 17.28
C ILE D 223 -3.35 -1.10 15.93
N LEU D 224 -4.00 -1.61 14.88
CA LEU D 224 -3.35 -1.70 13.55
C LEU D 224 -3.48 -0.38 12.77
N LEU D 225 -2.65 -0.20 11.74
CA LEU D 225 -2.67 1.04 10.93
C LEU D 225 -2.94 0.71 9.45
N ASP D 226 -3.84 1.46 8.80
CA ASP D 226 -4.13 1.25 7.35
C ASP D 226 -2.93 1.68 6.50
N ALA D 227 -2.74 1.04 5.34
CA ALA D 227 -1.64 1.38 4.41
C ALA D 227 -1.17 2.84 4.58
N ASP D 228 -2.04 3.81 4.32
CA ASP D 228 -1.62 5.21 4.35
C ASP D 228 -1.05 5.64 5.71
N GLY D 229 -1.07 4.78 6.73
CA GLY D 229 -0.62 5.19 8.04
C GLY D 229 -1.66 5.85 8.92
N CYS D 230 -2.93 5.80 8.54
CA CYS D 230 -3.97 6.22 9.45
C CYS D 230 -4.37 5.02 10.28
N VAL D 231 -4.97 5.29 11.44
CA VAL D 231 -5.40 4.20 12.31
C VAL D 231 -6.50 3.41 11.62
N ALA D 232 -6.50 2.10 11.82
CA ALA D 232 -7.58 1.27 11.31
C ALA D 232 -8.41 0.77 12.46
N GLU D 233 -8.13 -0.41 13.02
CA GLU D 233 -8.83 -0.93 14.18
C GLU D 233 -7.91 -1.96 14.82
N GLY D 234 -8.28 -2.40 16.01
CA GLY D 234 -7.59 -3.52 16.61
C GLY D 234 -8.37 -4.79 16.40
N PRO D 235 -7.77 -5.94 16.78
CA PRO D 235 -8.45 -7.24 16.59
C PRO D 235 -9.73 -7.33 17.38
N GLY D 236 -10.84 -7.27 16.67
CA GLY D 236 -12.12 -7.43 17.30
C GLY D 236 -12.71 -6.17 17.87
N PHE D 237 -12.05 -5.03 17.75
CA PHE D 237 -12.62 -3.83 18.33
C PHE D 237 -12.33 -2.60 17.49
N ASN D 238 -13.30 -1.69 17.49
CA ASN D 238 -13.11 -0.34 16.97
C ASN D 238 -12.35 0.48 17.99
N VAL D 239 -11.67 1.51 17.52
CA VAL D 239 -10.88 2.41 18.38
C VAL D 239 -11.50 3.79 18.31
N VAL D 240 -11.67 4.42 19.46
CA VAL D 240 -12.16 5.79 19.56
C VAL D 240 -11.11 6.61 20.27
N VAL D 241 -10.82 7.79 19.74
CA VAL D 241 -9.75 8.66 20.24
C VAL D 241 -10.38 9.93 20.79
N VAL D 242 -10.03 10.28 22.02
CA VAL D 242 -10.54 11.46 22.72
C VAL D 242 -9.40 12.48 22.81
N LYS D 243 -9.61 13.64 22.20
CA LYS D 243 -8.71 14.76 22.44
C LYS D 243 -9.51 16.04 22.49
N ASP D 244 -9.14 16.89 23.46
CA ASP D 244 -9.82 18.17 23.74
C ASP D 244 -11.33 17.97 23.85
N GLY D 245 -11.72 16.90 24.52
CA GLY D 245 -13.12 16.60 24.71
C GLY D 245 -13.91 16.32 23.44
N ALA D 246 -13.27 15.75 22.42
CA ALA D 246 -13.98 15.31 21.23
C ALA D 246 -13.52 13.89 20.91
N LEU D 247 -14.41 13.14 20.26
CA LEU D 247 -14.19 11.74 19.94
C LEU D 247 -14.08 11.58 18.43
N ALA D 248 -13.09 10.83 18.00
CA ALA D 248 -12.86 10.51 16.61
C ALA D 248 -12.72 9.02 16.46
N SER D 249 -13.30 8.46 15.40
CA SER D 249 -13.00 7.06 15.12
C SER D 249 -12.78 6.89 13.62
N PRO D 250 -11.96 5.91 13.23
CA PRO D 250 -11.58 5.78 11.82
C PRO D 250 -12.77 5.59 10.90
N SER D 251 -12.77 6.31 9.78
CA SER D 251 -13.83 6.22 8.78
C SER D 251 -13.63 5.07 7.80
N ARG D 252 -12.39 4.72 7.45
CA ARG D 252 -12.08 3.75 6.40
C ARG D 252 -11.18 2.66 6.96
N ASN D 253 -11.52 1.41 6.65
CA ASN D 253 -10.72 0.24 7.07
C ASN D 253 -10.94 -0.08 8.54
N ALA D 254 -12.15 0.20 9.01
CA ALA D 254 -12.59 -0.26 10.31
C ALA D 254 -14.03 -0.70 10.10
N LEU D 255 -14.40 -1.79 10.77
CA LEU D 255 -15.78 -2.21 10.70
C LEU D 255 -16.66 -1.14 11.35
N PRO D 256 -17.84 -0.86 10.81
CA PRO D 256 -18.74 0.09 11.46
C PRO D 256 -19.45 -0.56 12.65
N GLY D 257 -18.83 -0.45 13.81
CA GLY D 257 -19.29 -1.20 14.96
C GLY D 257 -20.61 -0.66 15.48
N ILE D 258 -21.46 -1.58 15.94
CA ILE D 258 -22.69 -1.15 16.59
C ILE D 258 -22.39 -0.48 17.94
N THR D 259 -21.38 -0.97 18.65
CA THR D 259 -20.99 -0.34 19.91
C THR D 259 -20.40 1.03 19.67
N ARG D 260 -19.59 1.16 18.63
CA ARG D 260 -19.10 2.47 18.28
C ARG D 260 -20.34 3.36 18.01
N LYS D 261 -21.32 2.78 17.31
CA LYS D 261 -22.55 3.58 17.00
C LYS D 261 -23.14 4.11 18.31
N THR D 262 -23.34 3.23 19.29
CA THR D 262 -23.98 3.65 20.56
C THR D 262 -23.15 4.73 21.20
N VAL D 263 -21.83 4.54 21.27
CA VAL D 263 -20.99 5.50 21.96
C VAL D 263 -21.18 6.87 21.34
N PHE D 264 -21.26 6.92 20.00
CA PHE D 264 -21.46 8.18 19.32
C PHE D 264 -22.83 8.77 19.62
N GLU D 265 -23.85 7.92 19.71
CA GLU D 265 -25.17 8.42 20.11
C GLU D 265 -25.13 9.01 21.51
N ILE D 266 -24.45 8.35 22.45
CA ILE D 266 -24.37 8.88 23.81
C ILE D 266 -23.68 10.23 23.82
N ALA D 267 -22.55 10.29 23.11
CA ALA D 267 -21.80 11.56 23.04
C ALA D 267 -22.70 12.65 22.48
N HIS D 268 -23.43 12.34 21.40
CA HIS D 268 -24.29 13.36 20.74
C HIS D 268 -25.40 13.82 21.71
N ALA D 269 -26.01 12.90 22.47
CA ALA D 269 -27.01 13.32 23.48
C ALA D 269 -26.32 14.20 24.50
N ARG D 270 -25.11 13.82 24.90
CA ARG D 270 -24.28 14.66 25.80
C ARG D 270 -23.96 15.96 25.06
N GLY D 271 -23.78 15.90 23.74
CA GLY D 271 -23.33 17.07 22.96
C GLY D 271 -21.82 17.03 22.80
N ILE D 272 -21.17 15.96 23.26
CA ILE D 272 -19.71 15.80 22.99
C ILE D 272 -19.55 15.51 21.50
N SER D 273 -18.83 16.36 20.77
CA SER D 273 -18.60 16.18 19.36
C SER D 273 -17.99 14.81 19.12
N ALA D 274 -18.64 14.06 18.23
CA ALA D 274 -18.20 12.74 17.82
C ALA D 274 -18.20 12.73 16.31
N GLU D 275 -17.06 12.32 15.73
CA GLU D 275 -16.87 12.35 14.30
C GLU D 275 -16.20 11.05 13.85
N LEU D 276 -16.55 10.61 12.64
CA LEU D 276 -15.86 9.50 11.99
C LEU D 276 -14.99 10.05 10.89
N ARG D 277 -13.68 9.94 11.05
CA ARG D 277 -12.76 10.62 10.16
C ARG D 277 -11.48 9.83 10.13
N ASP D 278 -10.57 10.22 9.23
CA ASP D 278 -9.22 9.69 9.27
C ASP D 278 -8.52 10.15 10.53
N VAL D 279 -7.80 9.22 11.16
CA VAL D 279 -7.02 9.50 12.36
C VAL D 279 -5.58 9.08 12.08
N THR D 280 -4.65 10.04 12.06
CA THR D 280 -3.24 9.69 11.84
C THR D 280 -2.65 9.05 13.07
N SER D 281 -1.60 8.27 12.82
CA SER D 281 -0.87 7.61 13.90
C SER D 281 -0.36 8.60 14.93
N ARG D 282 0.22 9.72 14.48
CA ARG D 282 0.67 10.70 15.45
C ARG D 282 -0.49 11.15 16.34
N GLU D 283 -1.67 11.32 15.75
CA GLU D 283 -2.84 11.70 16.54
C GLU D 283 -3.11 10.67 17.62
N LEU D 284 -2.94 9.40 17.27
CA LEU D 284 -3.15 8.31 18.21
C LEU D 284 -2.21 8.43 19.40
N TYR D 285 -0.93 8.73 19.14
CA TYR D 285 0.01 8.88 20.26
C TYR D 285 -0.30 10.09 21.11
N ASP D 286 -0.75 11.18 20.48
CA ASP D 286 -0.90 12.46 21.18
C ASP D 286 -2.24 12.57 21.93
N ALA D 287 -3.11 11.59 21.83
CA ALA D 287 -4.47 11.72 22.35
C ALA D 287 -4.50 11.82 23.88
N ASP D 288 -5.59 12.42 24.40
CA ASP D 288 -5.86 12.38 25.84
C ASP D 288 -6.34 11.01 26.28
N GLU D 289 -7.40 10.51 25.67
CA GLU D 289 -8.01 9.24 26.08
C GLU D 289 -8.10 8.32 24.86
N LEU D 290 -7.82 7.04 25.07
CA LEU D 290 -7.98 6.02 24.03
C LEU D 290 -8.97 4.98 24.52
N MET D 291 -9.91 4.62 23.67
CA MET D 291 -10.96 3.70 24.03
C MET D 291 -11.14 2.62 22.95
N ALA D 292 -11.47 1.41 23.39
CA ALA D 292 -11.78 0.29 22.51
C ALA D 292 -13.24 -0.12 22.69
N VAL D 293 -13.98 -0.24 21.58
CA VAL D 293 -15.39 -0.56 21.64
C VAL D 293 -15.60 -1.86 20.89
N THR D 294 -16.39 -2.75 21.50
CA THR D 294 -16.79 -4.01 20.92
C THR D 294 -18.13 -4.38 21.52
N THR D 295 -18.79 -5.33 20.89
CA THR D 295 -20.01 -5.87 21.45
C THR D 295 -19.71 -6.69 22.71
N ALA D 296 -18.57 -7.39 22.71
CA ALA D 296 -18.15 -8.27 23.80
C ALA D 296 -17.31 -7.52 24.83
N GLY D 297 -17.94 -7.05 25.89
CA GLY D 297 -17.25 -6.31 26.91
C GLY D 297 -17.56 -4.84 26.92
N GLY D 298 -18.29 -4.34 25.93
CA GLY D 298 -18.63 -2.94 25.92
C GLY D 298 -17.41 -2.07 25.66
N VAL D 299 -17.15 -1.15 26.58
CA VAL D 299 -16.16 -0.10 26.41
C VAL D 299 -14.96 -0.33 27.33
N THR D 300 -13.76 -0.36 26.76
CA THR D 300 -12.51 -0.51 27.52
C THR D 300 -11.62 0.71 27.31
N PRO D 301 -11.21 1.42 28.35
CA PRO D 301 -10.16 2.43 28.18
C PRO D 301 -8.81 1.74 28.01
N ILE D 302 -7.92 2.37 27.25
CA ILE D 302 -6.57 1.88 27.06
C ILE D 302 -5.60 2.82 27.77
N THR D 303 -5.00 2.29 28.84
CA THR D 303 -4.18 3.05 29.77
C THR D 303 -2.81 3.40 29.19
N SER D 304 -2.24 2.49 28.42
CA SER D 304 -0.86 2.57 27.96
C SER D 304 -0.79 2.18 26.50
N LEU D 305 -0.06 2.94 25.70
CA LEU D 305 0.19 2.58 24.30
C LEU D 305 1.68 2.59 24.01
N ASP D 306 2.18 1.52 23.40
CA ASP D 306 3.58 1.38 23.03
C ASP D 306 4.45 1.48 24.28
N GLY D 307 3.94 0.95 25.39
CA GLY D 307 4.66 0.94 26.63
C GLY D 307 4.64 2.23 27.42
N ALA D 308 3.93 3.27 26.98
CA ALA D 308 3.83 4.51 27.74
C ALA D 308 2.37 4.77 28.09
N ALA D 309 2.13 5.29 29.29
CA ALA D 309 0.77 5.53 29.74
C ALA D 309 0.14 6.69 28.98
N VAL D 310 -1.18 6.62 28.82
CA VAL D 310 -1.96 7.64 28.14
C VAL D 310 -2.48 8.66 29.15
N GLY D 311 -1.90 9.87 29.14
CA GLY D 311 -2.35 10.91 30.06
C GLY D 311 -2.03 10.50 31.49
N ASP D 312 -3.04 10.55 32.36
CA ASP D 312 -2.83 10.23 33.77
C ASP D 312 -2.51 8.75 34.00
N GLY D 313 -2.82 7.87 33.05
CA GLY D 313 -2.59 6.45 33.26
C GLY D 313 -3.79 5.72 33.83
N GLU D 314 -4.89 6.44 34.02
CA GLU D 314 -6.12 6.08 34.65
C GLU D 314 -7.24 6.29 33.63
N PRO D 315 -8.34 5.54 33.71
CA PRO D 315 -9.39 5.67 32.70
C PRO D 315 -9.88 7.12 32.59
N GLY D 316 -9.92 7.61 31.36
CA GLY D 316 -10.24 8.99 31.12
C GLY D 316 -11.67 9.31 31.53
N PRO D 317 -11.91 10.58 31.88
CA PRO D 317 -13.25 10.95 32.38
C PRO D 317 -14.37 10.73 31.38
N ILE D 318 -14.15 11.12 30.12
CA ILE D 318 -15.21 10.88 29.15
C ILE D 318 -15.38 9.40 28.85
N THR D 319 -14.28 8.64 28.79
CA THR D 319 -14.44 7.22 28.55
C THR D 319 -15.26 6.58 29.66
N VAL D 320 -14.94 6.92 30.92
CA VAL D 320 -15.67 6.35 32.05
C VAL D 320 -17.15 6.74 32.00
N ALA D 321 -17.46 8.01 31.74
CA ALA D 321 -18.87 8.42 31.74
C ALA D 321 -19.65 7.60 30.73
N ILE D 322 -19.11 7.46 29.51
CA ILE D 322 -19.84 6.76 28.47
C ILE D 322 -19.88 5.26 28.71
N ARG D 323 -18.81 4.68 29.27
CA ARG D 323 -18.88 3.26 29.61
C ARG D 323 -20.01 3.02 30.58
N ASP D 324 -20.07 3.84 31.63
CA ASP D 324 -21.06 3.66 32.67
C ASP D 324 -22.46 3.81 32.13
N ARG D 325 -22.68 4.79 31.24
CA ARG D 325 -24.06 4.93 30.79
C ARG D 325 -24.40 3.92 29.70
N PHE D 326 -23.42 3.35 29.00
CA PHE D 326 -23.72 2.20 28.13
C PHE D 326 -24.24 1.04 28.96
N TRP D 327 -23.51 0.71 30.03
CA TRP D 327 -23.97 -0.39 30.90
C TRP D 327 -25.30 -0.04 31.54
N ALA D 328 -25.50 1.23 31.90
CA ALA D 328 -26.79 1.68 32.40
C ALA D 328 -27.89 1.48 31.36
N LEU D 329 -27.57 1.78 30.10
CA LEU D 329 -28.56 1.67 29.01
C LEU D 329 -29.15 0.26 28.93
N MET D 330 -28.34 -0.77 29.14
CA MET D 330 -28.88 -2.15 28.95
C MET D 330 -30.02 -2.41 29.95
N ASP D 331 -29.85 -1.98 31.20
CA ASP D 331 -30.93 -2.12 32.21
C ASP D 331 -32.14 -1.29 31.80
N GLU D 332 -31.92 -0.07 31.28
CA GLU D 332 -33.05 0.84 30.98
C GLU D 332 -33.94 0.27 29.86
N PRO D 333 -35.28 0.43 29.95
CA PRO D 333 -36.22 -0.03 28.87
C PRO D 333 -36.07 0.87 27.65
N SER D 334 -35.95 0.28 26.46
CA SER D 334 -35.73 1.08 25.23
C SER D 334 -35.85 0.22 23.97
N ASP D 335 -36.04 0.85 22.82
CA ASP D 335 -36.06 0.12 21.54
C ASP D 335 -34.76 -0.64 21.32
N LEU D 336 -33.69 -0.09 21.87
CA LEU D 336 -32.36 -0.69 21.85
C LEU D 336 -32.38 -2.09 22.47
N ILE D 337 -33.20 -2.26 23.52
CA ILE D 337 -33.16 -3.58 24.24
C ILE D 337 -34.37 -4.44 23.86
N ASP D 338 -34.13 -5.73 23.58
CA ASP D 338 -35.22 -6.67 23.22
C ASP D 338 -35.22 -7.83 24.22
N THR D 339 -36.35 -8.11 24.86
CA THR D 339 -36.39 -9.16 25.91
C THR D 339 -37.03 -10.41 25.38
N ILE D 340 -36.39 -11.56 25.55
CA ILE D 340 -37.05 -12.83 25.14
C ILE D 340 -37.23 -13.73 26.37
N ARG D 341 -38.44 -14.25 26.56
CA ARG D 341 -38.72 -15.14 27.72
C ARG D 341 -37.94 -16.45 27.55
N TYR D 342 -37.46 -17.03 28.65
CA TYR D 342 -36.77 -18.35 28.57
C TYR D 342 -37.67 -19.37 29.25
N ASP D 343 -37.99 -20.46 28.55
CA ASP D 343 -38.91 -21.49 29.12
C ASP D 343 -38.67 -22.83 28.39
#